data_2COB
#
_entry.id   2COB
#
_entity_poly.entity_id   1
_entity_poly.type   'polypeptide(L)'
_entity_poly.pdbx_seq_one_letter_code
;GSSGSSGRGRYRQYNSEILEEAISVVMSGKMSVSKAQSIYGIPHSTLEYKVKERLGTLKNPPKKKMKLMR
;
_entity_poly.pdbx_strand_id   A
#
# COMPACT_ATOMS: atom_id res chain seq x y z
N GLY A 1 28.81 -8.66 -2.59
CA GLY A 1 27.51 -9.20 -2.17
C GLY A 1 26.88 -8.33 -1.11
N SER A 2 25.70 -8.73 -0.64
CA SER A 2 24.89 -8.00 0.32
C SER A 2 24.70 -6.53 -0.10
N SER A 3 24.63 -5.62 0.88
CA SER A 3 24.23 -4.22 0.87
C SER A 3 22.80 -4.12 1.41
N GLY A 4 22.52 -2.98 2.05
CA GLY A 4 21.32 -2.72 2.83
C GLY A 4 21.72 -2.35 4.26
N SER A 5 20.81 -1.70 4.99
CA SER A 5 20.85 -1.52 6.44
C SER A 5 19.45 -1.05 6.83
N SER A 6 18.54 -1.97 7.13
CA SER A 6 17.21 -1.63 7.61
C SER A 6 16.90 -2.37 8.91
N GLY A 7 15.90 -1.89 9.65
CA GLY A 7 15.32 -2.58 10.80
C GLY A 7 15.25 -1.67 12.03
N ARG A 8 14.35 -2.03 12.95
CA ARG A 8 14.01 -1.32 14.18
C ARG A 8 13.82 0.18 13.93
N GLY A 9 12.68 0.50 13.33
CA GLY A 9 12.39 1.80 12.75
C GLY A 9 13.56 2.21 11.86
N ARG A 10 14.25 3.27 12.25
CA ARG A 10 15.45 3.83 11.63
C ARG A 10 15.16 4.25 10.20
N TYR A 11 14.93 5.55 10.03
CA TYR A 11 14.25 6.14 8.88
C TYR A 11 12.79 5.64 8.87
N ARG A 12 11.88 6.41 8.26
CA ARG A 12 10.43 6.17 8.39
C ARG A 12 9.76 6.60 7.08
N GLN A 13 9.93 5.81 6.02
CA GLN A 13 9.34 6.06 4.72
C GLN A 13 9.31 4.76 3.92
N TYR A 14 8.38 4.64 2.97
CA TYR A 14 8.20 3.46 2.13
C TYR A 14 8.30 3.89 0.67
N ASN A 15 8.87 3.03 -0.16
CA ASN A 15 8.89 3.23 -1.61
C ASN A 15 7.51 2.86 -2.14
N SER A 16 7.10 3.41 -3.29
CA SER A 16 5.83 3.09 -3.94
C SER A 16 5.71 1.58 -4.28
N GLU A 17 6.85 0.90 -4.33
CA GLU A 17 7.04 -0.53 -4.48
C GLU A 17 6.63 -1.24 -3.19
N ILE A 18 7.20 -0.84 -2.04
CA ILE A 18 6.93 -1.39 -0.71
C ILE A 18 5.45 -1.31 -0.39
N LEU A 19 4.80 -0.24 -0.82
CA LEU A 19 3.37 -0.06 -0.60
C LEU A 19 2.57 -1.18 -1.23
N GLU A 20 2.93 -1.63 -2.44
CA GLU A 20 2.19 -2.67 -3.14
C GLU A 20 2.27 -4.00 -2.39
N GLU A 21 3.45 -4.29 -1.84
CA GLU A 21 3.72 -5.44 -1.01
C GLU A 21 2.73 -5.50 0.14
N ALA A 22 2.75 -4.45 0.97
CA ALA A 22 1.95 -4.32 2.17
C ALA A 22 0.44 -4.30 1.87
N ILE A 23 0.08 -4.06 0.61
CA ILE A 23 -1.29 -4.16 0.18
C ILE A 23 -1.58 -5.62 -0.16
N SER A 24 -0.77 -6.24 -1.02
CA SER A 24 -0.91 -7.62 -1.44
C SER A 24 -1.01 -8.59 -0.27
N VAL A 25 -0.17 -8.48 0.78
CA VAL A 25 -0.30 -9.28 2.00
C VAL A 25 -1.74 -9.17 2.55
N VAL A 26 -2.19 -7.96 2.84
CA VAL A 26 -3.51 -7.65 3.40
C VAL A 26 -4.62 -8.22 2.51
N MET A 27 -4.56 -7.99 1.20
CA MET A 27 -5.57 -8.47 0.25
C MET A 27 -5.65 -10.00 0.30
N SER A 28 -4.52 -10.68 0.15
CA SER A 28 -4.38 -12.12 0.26
C SER A 28 -4.74 -12.67 1.66
N GLY A 29 -4.99 -11.81 2.65
CA GLY A 29 -5.37 -12.23 3.98
C GLY A 29 -4.17 -12.62 4.82
N LYS A 30 -2.95 -12.19 4.47
CA LYS A 30 -1.77 -12.50 5.27
C LYS A 30 -1.84 -11.74 6.59
N MET A 31 -2.43 -10.56 6.58
CA MET A 31 -2.71 -9.76 7.76
C MET A 31 -3.85 -8.79 7.44
N SER A 32 -4.04 -7.78 8.29
CA SER A 32 -4.98 -6.69 8.08
C SER A 32 -4.20 -5.39 7.98
N VAL A 33 -4.89 -4.28 7.69
CA VAL A 33 -4.32 -2.96 7.52
C VAL A 33 -3.44 -2.63 8.73
N SER A 34 -3.97 -2.69 9.94
CA SER A 34 -3.25 -2.30 11.15
C SER A 34 -1.94 -3.07 11.31
N LYS A 35 -1.99 -4.39 11.06
CA LYS A 35 -0.84 -5.27 11.16
C LYS A 35 0.23 -4.84 10.14
N ALA A 36 0.00 -5.02 8.82
CA ALA A 36 0.96 -4.67 7.77
C ALA A 36 1.45 -3.24 7.82
N GLN A 37 0.62 -2.26 8.19
CA GLN A 37 1.04 -0.89 8.39
C GLN A 37 2.36 -0.89 9.17
N SER A 38 2.37 -1.53 10.33
CA SER A 38 3.52 -1.50 11.21
C SER A 38 4.66 -2.34 10.62
N ILE A 39 4.36 -3.49 9.99
CA ILE A 39 5.37 -4.40 9.46
C ILE A 39 6.18 -3.71 8.35
N TYR A 40 5.48 -3.04 7.44
CA TYR A 40 6.05 -2.47 6.23
C TYR A 40 6.47 -1.00 6.43
N GLY A 41 5.96 -0.34 7.47
CA GLY A 41 6.28 1.05 7.83
C GLY A 41 5.42 2.05 7.06
N ILE A 42 4.22 1.63 6.65
CA ILE A 42 3.27 2.42 5.86
C ILE A 42 2.39 3.14 6.89
N PRO A 43 1.96 4.40 6.66
CA PRO A 43 0.92 5.01 7.47
C PRO A 43 -0.39 4.22 7.32
N HIS A 44 -1.14 4.07 8.42
CA HIS A 44 -2.41 3.37 8.39
C HIS A 44 -3.38 4.06 7.42
N SER A 45 -3.54 5.39 7.51
CA SER A 45 -4.50 6.13 6.68
C SER A 45 -4.18 5.97 5.19
N THR A 46 -2.90 5.87 4.83
CA THR A 46 -2.49 5.52 3.48
C THR A 46 -2.90 4.08 3.18
N LEU A 47 -2.36 3.10 3.90
CA LEU A 47 -2.55 1.68 3.61
C LEU A 47 -4.03 1.35 3.46
N GLU A 48 -4.86 1.82 4.39
CA GLU A 48 -6.29 1.65 4.42
C GLU A 48 -6.90 2.08 3.09
N TYR A 49 -6.79 3.37 2.74
CA TYR A 49 -7.21 3.92 1.47
C TYR A 49 -6.69 3.08 0.30
N LYS A 50 -5.40 2.77 0.28
CA LYS A 50 -4.73 2.15 -0.85
C LYS A 50 -5.25 0.74 -1.08
N VAL A 51 -5.51 -0.05 -0.04
CA VAL A 51 -6.19 -1.33 -0.14
C VAL A 51 -7.57 -1.10 -0.77
N LYS A 52 -8.35 -0.16 -0.23
CA LYS A 52 -9.75 0.16 -0.58
C LYS A 52 -9.88 0.82 -1.94
N GLU A 53 -8.76 1.21 -2.52
CA GLU A 53 -8.58 1.72 -3.86
C GLU A 53 -8.20 0.55 -4.80
N ARG A 54 -7.07 -0.12 -4.53
CA ARG A 54 -6.52 -1.21 -5.34
C ARG A 54 -7.49 -2.39 -5.46
N LEU A 55 -8.45 -2.51 -4.54
CA LEU A 55 -9.56 -3.45 -4.61
C LEU A 55 -10.34 -3.36 -5.94
N GLY A 56 -10.23 -2.26 -6.69
CA GLY A 56 -10.66 -2.16 -8.08
C GLY A 56 -11.71 -1.09 -8.34
N THR A 57 -11.80 -0.08 -7.48
CA THR A 57 -12.59 1.11 -7.73
C THR A 57 -11.98 1.97 -8.84
N LEU A 58 -10.69 1.77 -9.10
CA LEU A 58 -9.85 2.53 -10.01
C LEU A 58 -10.32 2.47 -11.46
N LYS A 59 -11.01 1.39 -11.86
CA LYS A 59 -11.60 1.26 -13.19
C LYS A 59 -13.03 1.78 -13.13
N ASN A 60 -13.47 2.47 -14.19
CA ASN A 60 -14.69 3.26 -14.22
C ASN A 60 -14.90 4.05 -12.92
N PRO A 61 -13.95 4.93 -12.53
CA PRO A 61 -14.04 5.67 -11.28
C PRO A 61 -15.17 6.73 -11.34
N PRO A 62 -15.62 7.24 -10.18
CA PRO A 62 -16.66 8.26 -10.10
C PRO A 62 -16.09 9.64 -10.44
N LYS A 63 -16.32 10.11 -11.65
CA LYS A 63 -15.99 11.47 -12.07
C LYS A 63 -17.09 11.93 -13.01
N LYS A 64 -18.02 12.70 -12.47
CA LYS A 64 -19.15 13.25 -13.21
C LYS A 64 -19.47 14.64 -12.66
N LYS A 65 -19.64 14.75 -11.34
CA LYS A 65 -19.78 16.03 -10.64
C LYS A 65 -19.10 15.92 -9.27
N MET A 66 -18.49 17.01 -8.79
CA MET A 66 -18.10 17.28 -7.41
C MET A 66 -18.12 18.80 -7.20
N LYS A 67 -18.08 19.27 -5.95
CA LYS A 67 -17.71 20.63 -5.56
C LYS A 67 -17.30 20.59 -4.09
N LEU A 68 -16.06 20.27 -3.76
CA LEU A 68 -15.57 20.18 -2.38
C LEU A 68 -14.07 20.47 -2.32
N MET A 69 -13.54 20.63 -1.11
CA MET A 69 -12.12 20.61 -0.78
C MET A 69 -11.97 19.74 0.49
N ARG A 70 -10.92 19.93 1.29
CA ARG A 70 -10.61 19.13 2.47
C ARG A 70 -10.46 20.06 3.64
N GLY A 1 34.06 0.37 -16.53
CA GLY A 1 33.89 0.78 -15.13
C GLY A 1 33.66 -0.42 -14.24
N SER A 2 34.67 -0.81 -13.46
CA SER A 2 34.62 -1.86 -12.48
C SER A 2 35.52 -1.38 -11.36
N SER A 3 34.93 -1.07 -10.19
CA SER A 3 35.64 -0.44 -9.09
C SER A 3 34.80 -0.66 -7.84
N GLY A 4 33.61 -0.04 -7.79
CA GLY A 4 32.61 -0.18 -6.77
C GLY A 4 31.26 0.28 -7.34
N SER A 5 30.20 0.09 -6.57
CA SER A 5 28.84 0.43 -7.00
C SER A 5 28.52 1.87 -6.57
N SER A 6 28.56 2.16 -5.27
CA SER A 6 28.16 3.43 -4.67
C SER A 6 26.73 3.85 -5.05
N GLY A 7 25.77 3.35 -4.28
CA GLY A 7 24.35 3.68 -4.40
C GLY A 7 23.59 2.90 -3.35
N ARG A 8 23.31 3.49 -2.19
CA ARG A 8 22.68 2.83 -1.06
C ARG A 8 21.48 3.66 -0.61
N GLY A 9 20.29 3.29 -1.06
CA GLY A 9 19.06 4.02 -0.79
C GLY A 9 18.86 5.14 -1.81
N ARG A 10 17.65 5.69 -1.85
CA ARG A 10 17.26 6.70 -2.84
C ARG A 10 16.31 7.71 -2.22
N TYR A 11 15.25 7.23 -1.57
CA TYR A 11 14.18 8.06 -1.02
C TYR A 11 14.03 7.74 0.47
N ARG A 12 13.00 8.28 1.11
CA ARG A 12 12.72 8.12 2.54
C ARG A 12 11.39 7.42 2.71
N GLN A 13 11.10 6.92 3.92
CA GLN A 13 9.89 6.15 4.22
C GLN A 13 9.78 4.96 3.23
N TYR A 14 8.61 4.33 3.15
CA TYR A 14 8.35 3.28 2.18
C TYR A 14 8.45 3.84 0.75
N ASN A 15 8.62 2.95 -0.22
CA ASN A 15 8.70 3.22 -1.66
C ASN A 15 7.43 2.69 -2.32
N SER A 16 7.10 3.18 -3.51
CA SER A 16 5.94 2.73 -4.28
C SER A 16 5.88 1.20 -4.39
N GLU A 17 7.03 0.56 -4.53
CA GLU A 17 7.20 -0.88 -4.64
C GLU A 17 6.71 -1.56 -3.34
N ILE A 18 7.18 -1.04 -2.19
CA ILE A 18 6.89 -1.51 -0.83
C ILE A 18 5.40 -1.33 -0.51
N LEU A 19 4.82 -0.20 -0.92
CA LEU A 19 3.44 0.11 -0.62
C LEU A 19 2.53 -1.01 -1.15
N GLU A 20 2.80 -1.44 -2.38
CA GLU A 20 2.07 -2.50 -3.03
C GLU A 20 2.24 -3.84 -2.31
N GLU A 21 3.44 -4.16 -1.82
CA GLU A 21 3.68 -5.32 -0.98
C GLU A 21 2.73 -5.38 0.20
N ALA A 22 2.72 -4.32 1.01
CA ALA A 22 1.93 -4.20 2.22
C ALA A 22 0.43 -4.12 1.94
N ILE A 23 0.05 -3.85 0.70
CA ILE A 23 -1.33 -3.91 0.27
C ILE A 23 -1.64 -5.38 -0.03
N SER A 24 -0.84 -6.01 -0.89
CA SER A 24 -1.03 -7.37 -1.35
C SER A 24 -1.02 -8.40 -0.21
N VAL A 25 -0.33 -8.18 0.91
CA VAL A 25 -0.50 -9.02 2.10
C VAL A 25 -1.97 -8.95 2.57
N VAL A 26 -2.46 -7.77 2.92
CA VAL A 26 -3.80 -7.52 3.44
C VAL A 26 -4.88 -8.02 2.46
N MET A 27 -4.69 -7.82 1.16
CA MET A 27 -5.62 -8.28 0.13
C MET A 27 -5.75 -9.80 0.13
N SER A 28 -4.62 -10.51 0.14
CA SER A 28 -4.58 -11.95 0.20
C SER A 28 -4.90 -12.50 1.61
N GLY A 29 -5.22 -11.63 2.58
CA GLY A 29 -5.60 -12.07 3.90
C GLY A 29 -4.42 -12.50 4.74
N LYS A 30 -3.21 -12.04 4.41
CA LYS A 30 -1.98 -12.46 5.10
C LYS A 30 -1.92 -11.84 6.49
N MET A 31 -2.55 -10.69 6.65
CA MET A 31 -2.65 -9.90 7.87
C MET A 31 -3.74 -8.84 7.66
N SER A 32 -3.94 -7.97 8.65
CA SER A 32 -4.87 -6.85 8.59
C SER A 32 -4.11 -5.53 8.33
N VAL A 33 -4.85 -4.42 8.15
CA VAL A 33 -4.29 -3.10 7.85
C VAL A 33 -3.31 -2.69 8.97
N SER A 34 -3.75 -2.72 10.24
CA SER A 34 -2.95 -2.37 11.42
C SER A 34 -1.63 -3.12 11.43
N LYS A 35 -1.68 -4.40 11.07
CA LYS A 35 -0.53 -5.28 11.09
C LYS A 35 0.47 -4.79 10.04
N ALA A 36 0.17 -4.99 8.76
CA ALA A 36 1.03 -4.65 7.65
C ALA A 36 1.53 -3.22 7.69
N GLN A 37 0.72 -2.24 8.10
CA GLN A 37 1.14 -0.87 8.33
C GLN A 37 2.46 -0.88 9.10
N SER A 38 2.44 -1.45 10.31
CA SER A 38 3.58 -1.41 11.19
C SER A 38 4.73 -2.28 10.62
N ILE A 39 4.40 -3.41 9.96
CA ILE A 39 5.40 -4.31 9.36
C ILE A 39 6.22 -3.55 8.31
N TYR A 40 5.53 -2.97 7.33
CA TYR A 40 6.12 -2.42 6.11
C TYR A 40 6.52 -0.96 6.28
N GLY A 41 6.02 -0.28 7.32
CA GLY A 41 6.35 1.10 7.62
C GLY A 41 5.43 2.08 6.90
N ILE A 42 4.23 1.64 6.55
CA ILE A 42 3.21 2.41 5.84
C ILE A 42 2.31 3.07 6.89
N PRO A 43 1.76 4.28 6.69
CA PRO A 43 0.70 4.80 7.55
C PRO A 43 -0.59 4.02 7.39
N HIS A 44 -1.37 3.89 8.47
CA HIS A 44 -2.60 3.12 8.53
C HIS A 44 -3.64 3.71 7.59
N SER A 45 -3.96 5.00 7.73
CA SER A 45 -5.00 5.64 6.95
C SER A 45 -4.71 5.51 5.45
N THR A 46 -3.46 5.76 5.06
CA THR A 46 -3.00 5.61 3.69
C THR A 46 -3.11 4.16 3.25
N LEU A 47 -2.56 3.20 3.99
CA LEU A 47 -2.62 1.79 3.67
C LEU A 47 -4.07 1.40 3.44
N GLU A 48 -4.96 1.74 4.37
CA GLU A 48 -6.36 1.42 4.31
C GLU A 48 -6.95 1.92 2.98
N TYR A 49 -6.84 3.23 2.73
CA TYR A 49 -7.27 3.86 1.50
C TYR A 49 -6.72 3.13 0.27
N LYS A 50 -5.43 2.81 0.26
CA LYS A 50 -4.71 2.29 -0.89
C LYS A 50 -5.04 0.82 -1.13
N VAL A 51 -5.27 0.02 -0.09
CA VAL A 51 -5.90 -1.29 -0.22
C VAL A 51 -7.22 -1.11 -0.96
N LYS A 52 -8.05 -0.17 -0.49
CA LYS A 52 -9.41 0.08 -0.98
C LYS A 52 -9.45 0.67 -2.38
N GLU A 53 -8.37 1.36 -2.73
CA GLU A 53 -8.06 1.84 -4.05
C GLU A 53 -7.76 0.63 -4.93
N ARG A 54 -6.71 -0.12 -4.60
CA ARG A 54 -6.24 -1.23 -5.42
C ARG A 54 -7.19 -2.42 -5.46
N LEU A 55 -8.21 -2.47 -4.60
CA LEU A 55 -9.17 -3.55 -4.34
C LEU A 55 -10.02 -3.94 -5.55
N GLY A 56 -9.84 -3.27 -6.68
CA GLY A 56 -10.56 -3.52 -7.92
C GLY A 56 -11.37 -2.31 -8.36
N THR A 57 -11.50 -1.30 -7.50
CA THR A 57 -12.41 -0.17 -7.70
C THR A 57 -11.97 0.72 -8.88
N LEU A 58 -10.72 0.58 -9.32
CA LEU A 58 -10.04 1.43 -10.31
C LEU A 58 -10.52 1.13 -11.73
N LYS A 59 -10.45 -0.13 -12.16
CA LYS A 59 -10.83 -0.55 -13.50
C LYS A 59 -12.36 -0.72 -13.56
N ASN A 60 -13.12 0.35 -13.33
CA ASN A 60 -14.58 0.37 -13.46
C ASN A 60 -15.01 1.28 -14.61
N PRO A 61 -14.76 0.89 -15.87
CA PRO A 61 -15.29 1.59 -17.04
C PRO A 61 -16.77 1.21 -17.27
N PRO A 62 -17.48 1.93 -18.16
CA PRO A 62 -18.81 1.51 -18.59
C PRO A 62 -18.73 0.15 -19.28
N LYS A 63 -17.98 0.04 -20.38
CA LYS A 63 -17.66 -1.25 -21.02
C LYS A 63 -16.25 -1.29 -21.61
N LYS A 64 -15.74 -0.22 -22.24
CA LYS A 64 -14.42 -0.25 -22.89
C LYS A 64 -13.30 -0.55 -21.89
N LYS A 65 -12.26 -1.28 -22.31
CA LYS A 65 -11.08 -1.52 -21.48
C LYS A 65 -9.81 -1.16 -22.25
N MET A 66 -9.55 0.15 -22.34
CA MET A 66 -8.31 0.73 -22.86
C MET A 66 -7.98 0.18 -24.25
N LYS A 67 -8.87 0.43 -25.21
CA LYS A 67 -8.95 -0.19 -26.53
C LYS A 67 -9.24 -1.69 -26.44
N LEU A 68 -8.38 -2.49 -25.81
CA LEU A 68 -8.34 -3.94 -25.97
C LEU A 68 -8.43 -4.29 -27.46
N MET A 69 -7.51 -3.72 -28.24
CA MET A 69 -7.37 -3.98 -29.66
C MET A 69 -5.88 -4.09 -29.97
N ARG A 70 -5.35 -5.30 -29.83
CA ARG A 70 -4.13 -5.74 -30.49
C ARG A 70 -4.54 -7.02 -31.19
N GLY A 1 7.98 21.55 7.78
CA GLY A 1 9.21 21.47 8.58
C GLY A 1 10.14 20.46 7.95
N SER A 2 11.40 20.45 8.36
CA SER A 2 12.38 19.47 7.93
C SER A 2 13.27 19.21 9.13
N SER A 3 13.02 18.10 9.83
CA SER A 3 13.75 17.74 11.04
C SER A 3 15.23 17.52 10.71
N GLY A 4 16.07 18.46 11.13
CA GLY A 4 17.48 18.52 10.81
C GLY A 4 17.69 18.96 9.37
N SER A 5 17.94 18.00 8.47
CA SER A 5 18.27 18.24 7.07
C SER A 5 17.79 17.07 6.20
N SER A 6 17.90 15.84 6.69
CA SER A 6 17.51 14.63 6.00
C SER A 6 16.85 13.66 7.00
N GLY A 7 17.24 13.68 8.27
CA GLY A 7 16.82 12.70 9.27
C GLY A 7 17.94 11.69 9.53
N ARG A 8 17.76 10.85 10.55
CA ARG A 8 18.80 9.95 11.06
C ARG A 8 18.58 8.50 10.62
N GLY A 9 17.40 8.14 10.11
CA GLY A 9 17.09 6.79 9.66
C GLY A 9 16.62 6.85 8.22
N ARG A 10 17.42 6.37 7.27
CA ARG A 10 17.02 6.30 5.86
C ARG A 10 15.78 5.44 5.68
N TYR A 11 15.61 4.41 6.52
CA TYR A 11 14.37 3.66 6.63
C TYR A 11 13.35 4.59 7.30
N ARG A 12 12.46 5.19 6.50
CA ARG A 12 11.26 5.84 7.00
C ARG A 12 10.24 5.81 5.88
N GLN A 13 10.43 6.62 4.84
CA GLN A 13 9.56 6.69 3.68
C GLN A 13 9.62 5.36 2.91
N TYR A 14 8.57 4.53 3.01
CA TYR A 14 8.43 3.29 2.24
C TYR A 14 8.58 3.60 0.74
N ASN A 15 9.09 2.65 -0.05
CA ASN A 15 9.15 2.79 -1.51
C ASN A 15 7.76 2.52 -2.07
N SER A 16 7.43 2.98 -3.27
CA SER A 16 6.14 2.65 -3.89
C SER A 16 5.95 1.14 -4.03
N GLU A 17 7.05 0.43 -4.19
CA GLU A 17 7.13 -1.02 -4.23
C GLU A 17 6.61 -1.59 -2.90
N ILE A 18 7.18 -1.13 -1.78
CA ILE A 18 6.86 -1.57 -0.43
C ILE A 18 5.39 -1.31 -0.12
N LEU A 19 4.85 -0.20 -0.62
CA LEU A 19 3.44 0.09 -0.46
C LEU A 19 2.60 -0.98 -1.14
N GLU A 20 2.94 -1.30 -2.39
CA GLU A 20 2.27 -2.33 -3.17
C GLU A 20 2.37 -3.70 -2.47
N GLU A 21 3.52 -4.05 -1.92
CA GLU A 21 3.72 -5.24 -1.13
C GLU A 21 2.75 -5.32 0.04
N ALA A 22 2.75 -4.28 0.87
CA ALA A 22 1.95 -4.18 2.09
C ALA A 22 0.46 -4.13 1.81
N ILE A 23 0.08 -3.85 0.57
CA ILE A 23 -1.29 -4.00 0.11
C ILE A 23 -1.51 -5.48 -0.19
N SER A 24 -0.63 -6.07 -1.01
CA SER A 24 -0.66 -7.44 -1.47
C SER A 24 -0.84 -8.45 -0.32
N VAL A 25 -0.11 -8.31 0.79
CA VAL A 25 -0.27 -9.14 2.00
C VAL A 25 -1.73 -9.12 2.46
N VAL A 26 -2.25 -7.95 2.80
CA VAL A 26 -3.60 -7.73 3.32
C VAL A 26 -4.63 -8.26 2.32
N MET A 27 -4.47 -7.95 1.03
CA MET A 27 -5.34 -8.44 -0.04
C MET A 27 -5.33 -9.97 -0.13
N SER A 28 -4.19 -10.59 0.13
CA SER A 28 -4.02 -12.04 0.18
C SER A 28 -4.36 -12.60 1.56
N GLY A 29 -4.90 -11.77 2.47
CA GLY A 29 -5.41 -12.19 3.77
C GLY A 29 -4.32 -12.34 4.82
N LYS A 30 -3.06 -12.02 4.50
CA LYS A 30 -1.90 -12.41 5.29
C LYS A 30 -1.91 -11.78 6.67
N MET A 31 -2.50 -10.60 6.77
CA MET A 31 -2.62 -9.80 7.97
C MET A 31 -3.70 -8.74 7.74
N SER A 32 -3.98 -7.97 8.79
CA SER A 32 -4.89 -6.83 8.74
C SER A 32 -4.12 -5.60 8.26
N VAL A 33 -4.84 -4.53 7.93
CA VAL A 33 -4.23 -3.25 7.56
C VAL A 33 -3.31 -2.81 8.69
N SER A 34 -3.79 -2.73 9.95
CA SER A 34 -2.99 -2.18 11.04
C SER A 34 -1.70 -2.98 11.25
N LYS A 35 -1.74 -4.29 11.00
CA LYS A 35 -0.59 -5.15 11.09
C LYS A 35 0.41 -4.77 10.00
N ALA A 36 0.12 -5.04 8.72
CA ALA A 36 1.02 -4.69 7.62
C ALA A 36 1.50 -3.24 7.66
N GLN A 37 0.67 -2.27 8.02
CA GLN A 37 1.08 -0.89 8.28
C GLN A 37 2.36 -0.91 9.12
N SER A 38 2.28 -1.53 10.30
CA SER A 38 3.35 -1.50 11.25
C SER A 38 4.52 -2.42 10.82
N ILE A 39 4.29 -3.41 9.96
CA ILE A 39 5.34 -4.28 9.43
C ILE A 39 6.17 -3.54 8.37
N TYR A 40 5.49 -2.94 7.40
CA TYR A 40 6.07 -2.43 6.16
C TYR A 40 6.49 -0.97 6.30
N GLY A 41 5.97 -0.26 7.31
CA GLY A 41 6.32 1.14 7.57
C GLY A 41 5.35 2.09 6.90
N ILE A 42 4.14 1.63 6.59
CA ILE A 42 3.14 2.43 5.89
C ILE A 42 2.25 3.11 6.94
N PRO A 43 1.75 4.35 6.74
CA PRO A 43 0.65 4.89 7.54
C PRO A 43 -0.60 4.02 7.39
N HIS A 44 -1.38 3.84 8.46
CA HIS A 44 -2.62 3.09 8.39
C HIS A 44 -3.59 3.81 7.45
N SER A 45 -3.72 5.13 7.57
CA SER A 45 -4.63 5.94 6.77
C SER A 45 -4.36 5.72 5.28
N THR A 46 -3.09 5.82 4.87
CA THR A 46 -2.67 5.59 3.50
C THR A 46 -2.96 4.14 3.11
N LEU A 47 -2.49 3.17 3.90
CA LEU A 47 -2.64 1.76 3.60
C LEU A 47 -4.12 1.40 3.42
N GLU A 48 -5.02 1.87 4.29
CA GLU A 48 -6.46 1.71 4.17
C GLU A 48 -6.87 2.16 2.78
N TYR A 49 -6.71 3.45 2.49
CA TYR A 49 -7.08 4.06 1.23
C TYR A 49 -6.55 3.22 0.07
N LYS A 50 -5.26 2.87 0.10
CA LYS A 50 -4.57 2.26 -1.01
C LYS A 50 -5.04 0.84 -1.26
N VAL A 51 -5.32 0.05 -0.21
CA VAL A 51 -6.02 -1.23 -0.30
C VAL A 51 -7.42 -0.98 -0.90
N LYS A 52 -8.18 -0.05 -0.32
CA LYS A 52 -9.60 0.18 -0.61
C LYS A 52 -9.85 0.70 -2.01
N GLU A 53 -8.86 1.37 -2.56
CA GLU A 53 -8.69 1.78 -3.93
C GLU A 53 -8.57 0.53 -4.79
N ARG A 54 -7.49 -0.22 -4.59
CA ARG A 54 -7.10 -1.38 -5.35
C ARG A 54 -8.19 -2.45 -5.32
N LEU A 55 -8.99 -2.52 -4.26
CA LEU A 55 -10.17 -3.38 -4.13
C LEU A 55 -11.23 -3.08 -5.21
N GLY A 56 -11.07 -2.04 -6.03
CA GLY A 56 -11.80 -1.87 -7.28
C GLY A 56 -12.62 -0.60 -7.36
N THR A 57 -12.45 0.36 -6.45
CA THR A 57 -13.16 1.65 -6.53
C THR A 57 -12.61 2.58 -7.62
N LEU A 58 -11.46 2.18 -8.17
CA LEU A 58 -10.74 2.77 -9.27
C LEU A 58 -11.52 2.47 -10.54
N LYS A 59 -12.09 3.50 -11.18
CA LYS A 59 -13.09 3.39 -12.24
C LYS A 59 -14.37 2.70 -11.71
N ASN A 60 -15.40 2.64 -12.55
CA ASN A 60 -16.79 2.30 -12.20
C ASN A 60 -17.24 2.76 -10.79
N PRO A 61 -17.02 4.02 -10.39
CA PRO A 61 -17.29 4.46 -9.03
C PRO A 61 -18.81 4.45 -8.75
N PRO A 62 -19.29 3.76 -7.71
CA PRO A 62 -20.72 3.78 -7.36
C PRO A 62 -21.10 5.19 -6.88
N LYS A 63 -22.36 5.62 -7.08
CA LYS A 63 -22.79 6.96 -6.68
C LYS A 63 -23.82 6.85 -5.55
N LYS A 64 -23.48 6.09 -4.52
CA LYS A 64 -24.18 6.08 -3.24
C LYS A 64 -23.15 6.35 -2.15
N LYS A 65 -23.61 6.72 -0.95
CA LYS A 65 -22.75 6.85 0.22
C LYS A 65 -22.12 5.51 0.57
N MET A 66 -22.88 4.43 0.48
CA MET A 66 -22.48 3.07 0.83
C MET A 66 -23.26 2.14 -0.11
N LYS A 67 -22.78 0.91 -0.34
CA LYS A 67 -23.59 -0.14 -0.95
C LYS A 67 -24.75 -0.39 0.00
N LEU A 68 -25.91 0.21 -0.28
CA LEU A 68 -27.13 0.04 0.46
C LEU A 68 -28.29 0.08 -0.54
N MET A 69 -29.39 -0.59 -0.20
CA MET A 69 -30.52 -0.93 -1.05
C MET A 69 -30.11 -1.93 -2.12
N ARG A 70 -30.53 -3.19 -1.92
CA ARG A 70 -30.31 -4.35 -2.79
C ARG A 70 -28.88 -4.37 -3.32
N GLY A 1 20.39 -15.75 25.91
CA GLY A 1 18.95 -15.55 25.70
C GLY A 1 18.77 -14.94 24.33
N SER A 2 17.76 -14.08 24.17
CA SER A 2 17.64 -13.21 23.00
C SER A 2 18.88 -12.32 22.87
N SER A 3 19.05 -11.70 21.69
CA SER A 3 20.09 -10.73 21.41
C SER A 3 19.52 -9.77 20.37
N GLY A 4 19.57 -8.47 20.63
CA GLY A 4 19.03 -7.42 19.77
C GLY A 4 19.66 -6.07 20.12
N SER A 5 19.23 -5.00 19.47
CA SER A 5 19.63 -3.63 19.80
C SER A 5 18.55 -2.62 19.44
N SER A 6 17.86 -2.82 18.31
CA SER A 6 16.73 -2.02 17.85
C SER A 6 16.97 -0.52 18.05
N GLY A 7 18.04 -0.01 17.42
CA GLY A 7 18.28 1.42 17.34
C GLY A 7 17.10 2.14 16.70
N ARG A 8 17.02 3.46 16.86
CA ARG A 8 15.89 4.29 16.46
C ARG A 8 15.43 3.96 15.04
N GLY A 9 16.33 4.08 14.08
CA GLY A 9 16.07 4.00 12.65
C GLY A 9 16.64 5.24 12.01
N ARG A 10 17.31 5.09 10.86
CA ARG A 10 17.92 6.22 10.18
C ARG A 10 16.83 7.13 9.61
N TYR A 11 15.87 6.53 8.90
CA TYR A 11 14.68 7.14 8.32
C TYR A 11 13.61 6.05 8.25
N ARG A 12 12.37 6.42 7.91
CA ARG A 12 11.27 5.47 7.68
C ARG A 12 10.43 6.03 6.53
N GLN A 13 10.72 5.60 5.30
CA GLN A 13 10.00 5.99 4.09
C GLN A 13 9.85 4.73 3.25
N TYR A 14 8.64 4.14 3.27
CA TYR A 14 8.36 2.97 2.44
C TYR A 14 8.61 3.31 0.97
N ASN A 15 9.22 2.41 0.21
CA ASN A 15 9.37 2.53 -1.25
C ASN A 15 8.02 2.33 -1.93
N SER A 16 7.87 2.83 -3.15
CA SER A 16 6.68 2.67 -3.99
C SER A 16 6.25 1.21 -4.14
N GLU A 17 7.23 0.31 -4.19
CA GLU A 17 7.00 -1.11 -4.35
C GLU A 17 6.56 -1.69 -3.00
N ILE A 18 7.23 -1.33 -1.89
CA ILE A 18 6.89 -1.74 -0.52
C ILE A 18 5.43 -1.46 -0.21
N LEU A 19 4.91 -0.32 -0.69
CA LEU A 19 3.52 0.02 -0.53
C LEU A 19 2.63 -1.05 -1.14
N GLU A 20 2.94 -1.44 -2.36
CA GLU A 20 2.21 -2.43 -3.12
C GLU A 20 2.30 -3.80 -2.44
N GLU A 21 3.47 -4.19 -1.93
CA GLU A 21 3.66 -5.38 -1.14
C GLU A 21 2.66 -5.41 0.00
N ALA A 22 2.70 -4.35 0.82
CA ALA A 22 1.88 -4.20 2.01
C ALA A 22 0.39 -4.15 1.69
N ILE A 23 0.02 -3.91 0.43
CA ILE A 23 -1.36 -3.99 -0.02
C ILE A 23 -1.62 -5.45 -0.38
N SER A 24 -0.79 -6.05 -1.23
CA SER A 24 -0.86 -7.42 -1.67
C SER A 24 -0.96 -8.41 -0.48
N VAL A 25 -0.20 -8.24 0.61
CA VAL A 25 -0.31 -9.09 1.79
C VAL A 25 -1.72 -9.01 2.37
N VAL A 26 -2.20 -7.82 2.68
CA VAL A 26 -3.51 -7.57 3.27
C VAL A 26 -4.63 -8.11 2.38
N MET A 27 -4.60 -7.85 1.08
CA MET A 27 -5.57 -8.37 0.12
C MET A 27 -5.58 -9.90 0.15
N SER A 28 -4.40 -10.49 0.08
CA SER A 28 -4.16 -11.93 0.20
C SER A 28 -4.40 -12.46 1.62
N GLY A 29 -4.81 -11.62 2.57
CA GLY A 29 -5.08 -12.02 3.95
C GLY A 29 -3.86 -12.54 4.69
N LYS A 30 -2.63 -12.15 4.31
CA LYS A 30 -1.46 -12.50 5.12
C LYS A 30 -1.54 -11.78 6.47
N MET A 31 -2.23 -10.65 6.56
CA MET A 31 -2.47 -9.90 7.78
C MET A 31 -3.57 -8.85 7.55
N SER A 32 -3.90 -8.08 8.59
CA SER A 32 -4.82 -6.95 8.53
C SER A 32 -4.10 -5.68 8.07
N VAL A 33 -4.86 -4.61 7.75
CA VAL A 33 -4.30 -3.27 7.51
C VAL A 33 -3.38 -2.89 8.66
N SER A 34 -3.88 -2.81 9.91
CA SER A 34 -3.10 -2.28 11.02
C SER A 34 -1.77 -3.03 11.21
N LYS A 35 -1.78 -4.33 10.97
CA LYS A 35 -0.63 -5.20 11.08
C LYS A 35 0.38 -4.77 10.04
N ALA A 36 0.11 -5.00 8.75
CA ALA A 36 1.02 -4.61 7.68
C ALA A 36 1.44 -3.14 7.73
N GLN A 37 0.59 -2.20 8.13
CA GLN A 37 0.97 -0.83 8.40
C GLN A 37 2.26 -0.82 9.24
N SER A 38 2.22 -1.42 10.42
CA SER A 38 3.34 -1.37 11.34
C SER A 38 4.54 -2.13 10.74
N ILE A 39 4.29 -3.28 10.10
CA ILE A 39 5.33 -4.13 9.51
C ILE A 39 6.10 -3.39 8.41
N TYR A 40 5.37 -2.96 7.38
CA TYR A 40 5.90 -2.39 6.14
C TYR A 40 6.22 -0.90 6.28
N GLY A 41 5.75 -0.26 7.35
CA GLY A 41 6.06 1.13 7.67
C GLY A 41 5.07 2.09 7.02
N ILE A 42 3.92 1.60 6.59
CA ILE A 42 2.96 2.37 5.81
C ILE A 42 2.04 3.02 6.83
N PRO A 43 1.67 4.30 6.67
CA PRO A 43 0.64 4.89 7.50
C PRO A 43 -0.64 4.10 7.33
N HIS A 44 -1.34 3.82 8.42
CA HIS A 44 -2.64 3.17 8.35
C HIS A 44 -3.58 4.02 7.50
N SER A 45 -3.56 5.34 7.70
CA SER A 45 -4.38 6.32 7.00
C SER A 45 -4.10 6.37 5.49
N THR A 46 -2.97 5.83 5.01
CA THR A 46 -2.68 5.68 3.60
C THR A 46 -2.96 4.24 3.17
N LEU A 47 -2.50 3.24 3.93
CA LEU A 47 -2.67 1.83 3.63
C LEU A 47 -4.14 1.48 3.45
N GLU A 48 -5.02 1.94 4.35
CA GLU A 48 -6.47 1.75 4.21
C GLU A 48 -6.88 2.18 2.81
N TYR A 49 -6.79 3.47 2.52
CA TYR A 49 -7.13 4.09 1.24
C TYR A 49 -6.58 3.23 0.11
N LYS A 50 -5.27 2.99 0.10
CA LYS A 50 -4.56 2.37 -1.00
C LYS A 50 -4.99 0.92 -1.22
N VAL A 51 -5.36 0.17 -0.18
CA VAL A 51 -6.02 -1.13 -0.26
C VAL A 51 -7.42 -0.92 -0.85
N LYS A 52 -8.25 -0.10 -0.21
CA LYS A 52 -9.68 0.11 -0.46
C LYS A 52 -9.98 0.54 -1.89
N GLU A 53 -9.05 1.30 -2.44
CA GLU A 53 -8.90 1.69 -3.82
C GLU A 53 -8.74 0.43 -4.67
N ARG A 54 -7.60 -0.25 -4.50
CA ARG A 54 -7.18 -1.37 -5.33
C ARG A 54 -8.09 -2.58 -5.19
N LEU A 55 -8.87 -2.69 -4.13
CA LEU A 55 -9.92 -3.69 -3.99
C LEU A 55 -10.97 -3.58 -5.11
N GLY A 56 -10.95 -2.51 -5.90
CA GLY A 56 -11.63 -2.45 -7.18
C GLY A 56 -12.67 -1.34 -7.22
N THR A 57 -12.61 -0.35 -6.34
CA THR A 57 -13.45 0.84 -6.46
C THR A 57 -13.00 1.70 -7.64
N LEU A 58 -11.70 1.65 -7.95
CA LEU A 58 -11.01 2.57 -8.85
C LEU A 58 -11.66 2.61 -10.23
N LYS A 59 -11.65 3.79 -10.83
CA LYS A 59 -12.31 4.11 -12.11
C LYS A 59 -11.38 4.98 -12.97
N ASN A 60 -10.07 4.77 -12.86
CA ASN A 60 -9.06 5.51 -13.63
C ASN A 60 -8.23 4.51 -14.43
N PRO A 61 -8.71 4.07 -15.60
CA PRO A 61 -7.93 3.29 -16.54
C PRO A 61 -7.08 4.22 -17.40
N PRO A 62 -5.75 4.26 -17.25
CA PRO A 62 -4.90 5.10 -18.08
C PRO A 62 -4.85 4.55 -19.52
N LYS A 63 -4.23 5.30 -20.42
CA LYS A 63 -3.86 4.83 -21.76
C LYS A 63 -2.35 5.01 -21.91
N LYS A 64 -1.87 6.22 -21.63
CA LYS A 64 -0.47 6.65 -21.63
C LYS A 64 0.05 6.70 -23.07
N LYS A 65 0.31 5.55 -23.69
CA LYS A 65 0.41 5.52 -25.15
C LYS A 65 -0.96 5.97 -25.69
N MET A 66 -0.93 6.70 -26.81
CA MET A 66 -2.07 7.17 -27.59
C MET A 66 -1.52 7.99 -28.76
N LYS A 67 -0.44 8.75 -28.54
CA LYS A 67 0.25 9.57 -29.55
C LYS A 67 1.71 9.15 -29.58
N LEU A 68 2.40 9.48 -30.68
CA LEU A 68 3.77 9.10 -30.95
C LEU A 68 4.69 9.65 -29.86
N MET A 69 4.65 10.96 -29.65
CA MET A 69 5.49 11.62 -28.65
C MET A 69 5.01 11.21 -27.25
N ARG A 70 5.90 11.28 -26.26
CA ARG A 70 5.70 10.71 -24.94
C ARG A 70 6.06 11.77 -23.93
N GLY A 1 18.34 21.24 -16.72
CA GLY A 1 18.23 21.77 -15.35
C GLY A 1 16.84 21.49 -14.83
N SER A 2 16.72 20.51 -13.92
CA SER A 2 15.48 20.20 -13.22
C SER A 2 15.78 19.31 -12.01
N SER A 3 16.60 18.26 -12.18
CA SER A 3 16.86 17.35 -11.08
C SER A 3 17.70 18.00 -9.99
N GLY A 4 17.68 17.37 -8.82
CA GLY A 4 18.62 17.56 -7.73
C GLY A 4 19.12 16.19 -7.36
N SER A 5 18.73 15.69 -6.19
CA SER A 5 18.98 14.32 -5.81
C SER A 5 17.97 13.95 -4.73
N SER A 6 17.13 12.95 -4.99
CA SER A 6 16.41 12.23 -3.96
C SER A 6 17.20 10.94 -3.70
N GLY A 7 17.42 10.58 -2.43
CA GLY A 7 18.18 9.39 -2.04
C GLY A 7 19.01 9.65 -0.79
N ARG A 8 19.82 8.65 -0.39
CA ARG A 8 20.70 8.61 0.79
C ARG A 8 19.93 8.57 2.10
N GLY A 9 20.65 8.31 3.20
CA GLY A 9 20.08 8.07 4.52
C GLY A 9 19.86 6.57 4.75
N ARG A 10 19.56 6.18 5.98
CA ARG A 10 19.13 4.82 6.30
C ARG A 10 17.61 4.73 6.12
N TYR A 11 17.03 3.58 6.50
CA TYR A 11 15.61 3.33 6.59
C TYR A 11 14.89 4.50 7.25
N ARG A 12 13.76 4.90 6.66
CA ARG A 12 12.97 6.03 7.11
C ARG A 12 11.52 5.87 6.64
N GLN A 13 11.33 5.68 5.33
CA GLN A 13 10.07 5.75 4.60
C GLN A 13 9.88 4.49 3.75
N TYR A 14 8.65 4.22 3.27
CA TYR A 14 8.39 3.09 2.38
C TYR A 14 8.63 3.53 0.93
N ASN A 15 9.20 2.64 0.11
CA ASN A 15 9.25 2.79 -1.34
C ASN A 15 7.84 2.61 -1.90
N SER A 16 7.48 3.28 -3.00
CA SER A 16 6.20 3.07 -3.67
C SER A 16 5.94 1.59 -4.01
N GLU A 17 7.00 0.80 -4.18
CA GLU A 17 6.93 -0.63 -4.40
C GLU A 17 6.51 -1.35 -3.11
N ILE A 18 7.13 -1.01 -1.97
CA ILE A 18 6.83 -1.55 -0.63
C ILE A 18 5.36 -1.32 -0.27
N LEU A 19 4.80 -0.18 -0.68
CA LEU A 19 3.39 0.09 -0.47
C LEU A 19 2.54 -1.00 -1.11
N GLU A 20 2.86 -1.38 -2.34
CA GLU A 20 2.10 -2.37 -3.09
C GLU A 20 2.22 -3.74 -2.47
N GLU A 21 3.40 -4.11 -1.95
CA GLU A 21 3.64 -5.28 -1.13
C GLU A 21 2.62 -5.34 0.01
N ALA A 22 2.63 -4.32 0.86
CA ALA A 22 1.86 -4.27 2.09
C ALA A 22 0.36 -4.21 1.83
N ILE A 23 -0.04 -3.88 0.61
CA ILE A 23 -1.40 -4.00 0.16
C ILE A 23 -1.66 -5.46 -0.20
N SER A 24 -0.81 -6.07 -1.03
CA SER A 24 -0.94 -7.43 -1.52
C SER A 24 -1.10 -8.44 -0.36
N VAL A 25 -0.27 -8.36 0.69
CA VAL A 25 -0.41 -9.20 1.88
C VAL A 25 -1.83 -9.11 2.44
N VAL A 26 -2.28 -7.91 2.77
CA VAL A 26 -3.59 -7.63 3.35
C VAL A 26 -4.70 -8.16 2.44
N MET A 27 -4.60 -7.94 1.13
CA MET A 27 -5.55 -8.45 0.15
C MET A 27 -5.64 -9.97 0.20
N SER A 28 -4.50 -10.67 0.18
CA SER A 28 -4.48 -12.13 0.33
C SER A 28 -4.66 -12.58 1.79
N GLY A 29 -5.05 -11.68 2.71
CA GLY A 29 -5.41 -12.04 4.07
C GLY A 29 -4.22 -12.45 4.91
N LYS A 30 -3.01 -12.04 4.53
CA LYS A 30 -1.78 -12.39 5.24
C LYS A 30 -1.71 -11.62 6.56
N MET A 31 -2.36 -10.47 6.67
CA MET A 31 -2.51 -9.71 7.91
C MET A 31 -3.58 -8.62 7.73
N SER A 32 -3.89 -7.89 8.80
CA SER A 32 -4.77 -6.72 8.78
C SER A 32 -4.02 -5.48 8.25
N VAL A 33 -4.74 -4.39 7.99
CA VAL A 33 -4.14 -3.10 7.67
C VAL A 33 -3.22 -2.69 8.84
N SER A 34 -3.75 -2.66 10.07
CA SER A 34 -3.05 -2.26 11.28
C SER A 34 -1.71 -2.99 11.45
N LYS A 35 -1.71 -4.29 11.13
CA LYS A 35 -0.53 -5.14 11.16
C LYS A 35 0.44 -4.74 10.06
N ALA A 36 0.13 -4.98 8.78
CA ALA A 36 0.99 -4.60 7.66
C ALA A 36 1.50 -3.16 7.70
N GLN A 37 0.72 -2.18 8.14
CA GLN A 37 1.18 -0.83 8.40
C GLN A 37 2.48 -0.88 9.20
N SER A 38 2.47 -1.60 10.32
CA SER A 38 3.57 -1.63 11.25
C SER A 38 4.73 -2.46 10.66
N ILE A 39 4.41 -3.56 9.96
CA ILE A 39 5.38 -4.45 9.34
C ILE A 39 6.17 -3.68 8.26
N TYR A 40 5.46 -3.10 7.32
CA TYR A 40 5.99 -2.50 6.10
C TYR A 40 6.36 -1.03 6.28
N GLY A 41 5.88 -0.39 7.35
CA GLY A 41 6.21 0.99 7.67
C GLY A 41 5.32 1.96 6.90
N ILE A 42 4.11 1.56 6.56
CA ILE A 42 3.14 2.37 5.85
C ILE A 42 2.29 3.10 6.89
N PRO A 43 1.78 4.32 6.66
CA PRO A 43 0.70 4.87 7.47
C PRO A 43 -0.55 3.99 7.36
N HIS A 44 -1.30 3.83 8.47
CA HIS A 44 -2.55 3.07 8.42
C HIS A 44 -3.47 3.70 7.39
N SER A 45 -3.75 4.99 7.53
CA SER A 45 -4.75 5.70 6.74
C SER A 45 -4.48 5.52 5.25
N THR A 46 -3.24 5.76 4.83
CA THR A 46 -2.81 5.58 3.46
C THR A 46 -2.96 4.13 3.03
N LEU A 47 -2.43 3.16 3.80
CA LEU A 47 -2.55 1.74 3.53
C LEU A 47 -4.03 1.39 3.31
N GLU A 48 -4.91 1.80 4.22
CA GLU A 48 -6.34 1.57 4.14
C GLU A 48 -6.84 2.07 2.78
N TYR A 49 -6.76 3.38 2.54
CA TYR A 49 -7.18 4.02 1.29
C TYR A 49 -6.67 3.22 0.09
N LYS A 50 -5.38 2.89 0.09
CA LYS A 50 -4.70 2.30 -1.05
C LYS A 50 -5.18 0.86 -1.27
N VAL A 51 -5.37 0.06 -0.22
CA VAL A 51 -6.04 -1.24 -0.29
C VAL A 51 -7.43 -1.03 -0.92
N LYS A 52 -8.23 -0.12 -0.36
CA LYS A 52 -9.63 0.12 -0.70
C LYS A 52 -9.78 0.54 -2.16
N GLU A 53 -8.80 1.28 -2.66
CA GLU A 53 -8.70 1.68 -4.05
C GLU A 53 -8.31 0.47 -4.91
N ARG A 54 -7.18 -0.18 -4.58
CA ARG A 54 -6.64 -1.31 -5.34
C ARG A 54 -7.63 -2.49 -5.38
N LEU A 55 -8.60 -2.54 -4.47
CA LEU A 55 -9.73 -3.49 -4.48
C LEU A 55 -10.66 -3.30 -5.67
N GLY A 56 -10.42 -2.31 -6.54
CA GLY A 56 -11.00 -2.23 -7.87
C GLY A 56 -11.95 -1.05 -8.05
N THR A 57 -12.04 -0.12 -7.09
CA THR A 57 -12.80 1.11 -7.29
C THR A 57 -12.13 2.03 -8.32
N LEU A 58 -10.86 1.76 -8.62
CA LEU A 58 -10.09 2.42 -9.66
C LEU A 58 -10.69 2.12 -11.02
N LYS A 59 -10.32 2.93 -12.02
CA LYS A 59 -10.71 2.78 -13.42
C LYS A 59 -12.22 2.96 -13.61
N ASN A 60 -12.88 3.76 -12.77
CA ASN A 60 -14.30 4.07 -12.92
C ASN A 60 -14.48 5.59 -13.02
N PRO A 61 -14.14 6.21 -14.18
CA PRO A 61 -14.25 7.65 -14.37
C PRO A 61 -15.71 8.08 -14.54
N PRO A 62 -16.04 9.37 -14.36
CA PRO A 62 -17.38 9.87 -14.62
C PRO A 62 -17.68 9.86 -16.12
N LYS A 63 -18.94 9.60 -16.47
CA LYS A 63 -19.45 9.59 -17.85
C LYS A 63 -20.56 10.64 -18.03
N LYS A 64 -21.15 11.15 -16.94
CA LYS A 64 -22.06 12.29 -16.89
C LYS A 64 -21.49 13.40 -15.98
N LYS A 65 -20.19 13.38 -15.70
CA LYS A 65 -19.46 14.54 -15.16
C LYS A 65 -18.21 14.67 -16.00
N MET A 66 -17.65 15.87 -16.07
CA MET A 66 -16.47 16.17 -16.87
C MET A 66 -15.88 17.40 -16.20
N LYS A 67 -14.79 17.23 -15.43
CA LYS A 67 -14.06 18.37 -14.89
C LYS A 67 -13.56 19.21 -16.08
N LEU A 68 -14.01 20.45 -16.18
CA LEU A 68 -13.57 21.41 -17.18
C LEU A 68 -13.38 22.70 -16.41
N MET A 69 -12.18 23.27 -16.49
CA MET A 69 -11.85 24.57 -15.95
C MET A 69 -10.79 25.19 -16.85
N ARG A 70 -10.43 26.44 -16.60
CA ARG A 70 -9.29 27.14 -17.17
C ARG A 70 -8.68 27.92 -16.03
N GLY A 1 23.35 6.87 24.62
CA GLY A 1 22.00 7.07 24.06
C GLY A 1 22.11 7.83 22.75
N SER A 2 20.98 8.14 22.12
CA SER A 2 20.91 9.12 21.04
C SER A 2 20.50 10.48 21.62
N SER A 3 20.50 11.52 20.79
CA SER A 3 19.85 12.80 21.07
C SER A 3 19.56 13.44 19.71
N GLY A 4 18.69 14.44 19.68
CA GLY A 4 18.26 15.15 18.49
C GLY A 4 16.81 14.80 18.21
N SER A 5 16.56 13.93 17.23
CA SER A 5 15.23 13.69 16.71
C SER A 5 15.07 12.24 16.25
N SER A 6 13.83 11.77 16.24
CA SER A 6 13.36 10.44 15.89
C SER A 6 13.98 9.35 16.78
N GLY A 7 13.48 8.12 16.68
CA GLY A 7 14.10 6.93 17.27
C GLY A 7 14.58 6.11 16.09
N ARG A 8 15.87 6.22 15.76
CA ARG A 8 16.43 5.62 14.54
C ARG A 8 16.17 4.12 14.54
N GLY A 9 16.10 3.51 13.36
CA GLY A 9 16.05 2.07 13.28
C GLY A 9 16.38 1.59 11.88
N ARG A 10 15.39 1.17 11.10
CA ARG A 10 15.58 0.41 9.87
C ARG A 10 14.47 0.70 8.88
N TYR A 11 14.69 0.35 7.61
CA TYR A 11 13.76 0.46 6.50
C TYR A 11 12.99 1.79 6.56
N ARG A 12 13.74 2.90 6.49
CA ARG A 12 13.19 4.26 6.59
C ARG A 12 12.28 4.57 5.41
N GLN A 13 11.15 5.22 5.67
CA GLN A 13 10.11 5.51 4.68
C GLN A 13 9.70 4.24 3.91
N TYR A 14 8.91 4.38 2.85
CA TYR A 14 8.59 3.31 1.92
C TYR A 14 8.68 3.87 0.50
N ASN A 15 8.68 2.99 -0.49
CA ASN A 15 8.61 3.27 -1.94
C ASN A 15 7.38 2.57 -2.47
N SER A 16 6.85 3.00 -3.62
CA SER A 16 5.59 2.46 -4.12
C SER A 16 5.62 0.94 -4.36
N GLU A 17 6.79 0.30 -4.41
CA GLU A 17 6.90 -1.15 -4.46
C GLU A 17 6.60 -1.74 -3.09
N ILE A 18 7.29 -1.29 -2.03
CA ILE A 18 6.98 -1.64 -0.64
C ILE A 18 5.50 -1.40 -0.34
N LEU A 19 4.94 -0.32 -0.88
CA LEU A 19 3.53 -0.02 -0.69
C LEU A 19 2.65 -1.11 -1.31
N GLU A 20 2.95 -1.54 -2.54
CA GLU A 20 2.22 -2.63 -3.18
C GLU A 20 2.32 -3.89 -2.34
N GLU A 21 3.51 -4.25 -1.86
CA GLU A 21 3.73 -5.38 -0.98
C GLU A 21 2.73 -5.41 0.16
N ALA A 22 2.74 -4.32 0.94
CA ALA A 22 1.97 -4.13 2.16
C ALA A 22 0.47 -4.07 1.92
N ILE A 23 0.06 -3.84 0.68
CA ILE A 23 -1.32 -3.92 0.26
C ILE A 23 -1.61 -5.39 -0.06
N SER A 24 -0.80 -6.00 -0.93
CA SER A 24 -0.95 -7.37 -1.42
C SER A 24 -0.91 -8.40 -0.29
N VAL A 25 -0.21 -8.17 0.84
CA VAL A 25 -0.31 -9.01 2.04
C VAL A 25 -1.77 -9.02 2.50
N VAL A 26 -2.30 -7.86 2.88
CA VAL A 26 -3.65 -7.66 3.39
C VAL A 26 -4.68 -8.25 2.42
N MET A 27 -4.54 -7.97 1.13
CA MET A 27 -5.48 -8.43 0.13
C MET A 27 -5.51 -9.95 0.00
N SER A 28 -4.36 -10.60 0.00
CA SER A 28 -4.28 -12.05 0.03
C SER A 28 -4.68 -12.62 1.40
N GLY A 29 -4.95 -11.80 2.41
CA GLY A 29 -5.37 -12.26 3.73
C GLY A 29 -4.18 -12.61 4.62
N LYS A 30 -2.98 -12.13 4.29
CA LYS A 30 -1.80 -12.44 5.08
C LYS A 30 -1.94 -11.81 6.46
N MET A 31 -2.56 -10.63 6.56
CA MET A 31 -2.70 -9.87 7.80
C MET A 31 -3.78 -8.78 7.63
N SER A 32 -4.01 -7.99 8.68
CA SER A 32 -4.90 -6.83 8.67
C SER A 32 -4.14 -5.60 8.18
N VAL A 33 -4.87 -4.48 7.97
CA VAL A 33 -4.24 -3.20 7.74
C VAL A 33 -3.27 -2.89 8.88
N SER A 34 -3.68 -2.83 10.16
CA SER A 34 -2.78 -2.32 11.21
C SER A 34 -1.51 -3.15 11.32
N LYS A 35 -1.63 -4.47 11.11
CA LYS A 35 -0.49 -5.36 11.07
C LYS A 35 0.45 -4.92 9.96
N ALA A 36 0.10 -5.11 8.68
CA ALA A 36 0.97 -4.72 7.57
C ALA A 36 1.43 -3.27 7.61
N GLN A 37 0.56 -2.33 7.99
CA GLN A 37 0.91 -0.95 8.26
C GLN A 37 2.19 -0.95 9.09
N SER A 38 2.15 -1.57 10.26
CA SER A 38 3.29 -1.50 11.15
C SER A 38 4.46 -2.30 10.58
N ILE A 39 4.21 -3.44 9.91
CA ILE A 39 5.29 -4.27 9.37
C ILE A 39 6.10 -3.45 8.36
N TYR A 40 5.43 -2.99 7.31
CA TYR A 40 5.99 -2.30 6.17
C TYR A 40 6.29 -0.83 6.47
N GLY A 41 5.75 -0.30 7.57
CA GLY A 41 6.01 1.03 8.08
C GLY A 41 5.21 2.10 7.35
N ILE A 42 4.05 1.73 6.82
CA ILE A 42 3.18 2.59 6.03
C ILE A 42 2.24 3.28 7.04
N PRO A 43 1.75 4.51 6.79
CA PRO A 43 0.67 5.08 7.59
C PRO A 43 -0.59 4.24 7.41
N HIS A 44 -1.33 3.99 8.49
CA HIS A 44 -2.59 3.26 8.45
C HIS A 44 -3.57 4.01 7.55
N SER A 45 -3.72 5.33 7.74
CA SER A 45 -4.56 6.17 6.89
C SER A 45 -4.06 6.29 5.44
N THR A 46 -2.81 5.92 5.10
CA THR A 46 -2.46 5.67 3.70
C THR A 46 -2.93 4.26 3.32
N LEU A 47 -2.47 3.24 4.03
CA LEU A 47 -2.65 1.83 3.70
C LEU A 47 -4.12 1.50 3.50
N GLU A 48 -5.01 1.94 4.40
CA GLU A 48 -6.46 1.79 4.28
C GLU A 48 -6.89 2.19 2.87
N TYR A 49 -6.79 3.49 2.58
CA TYR A 49 -7.15 4.09 1.30
C TYR A 49 -6.59 3.25 0.15
N LYS A 50 -5.29 2.97 0.19
CA LYS A 50 -4.59 2.34 -0.90
C LYS A 50 -5.09 0.90 -1.12
N VAL A 51 -5.38 0.13 -0.07
CA VAL A 51 -6.05 -1.16 -0.19
C VAL A 51 -7.43 -0.94 -0.82
N LYS A 52 -8.24 -0.04 -0.27
CA LYS A 52 -9.64 0.20 -0.66
C LYS A 52 -9.74 0.62 -2.12
N GLU A 53 -8.74 1.33 -2.62
CA GLU A 53 -8.55 1.67 -4.00
C GLU A 53 -8.12 0.42 -4.79
N ARG A 54 -6.98 -0.18 -4.43
CA ARG A 54 -6.38 -1.27 -5.20
C ARG A 54 -7.22 -2.55 -5.20
N LEU A 55 -8.24 -2.64 -4.34
CA LEU A 55 -9.31 -3.64 -4.32
C LEU A 55 -10.05 -3.73 -5.66
N GLY A 56 -9.78 -2.83 -6.60
CA GLY A 56 -10.21 -2.93 -7.99
C GLY A 56 -11.03 -1.75 -8.44
N THR A 57 -11.57 -0.94 -7.51
CA THR A 57 -12.44 0.21 -7.79
C THR A 57 -11.78 1.17 -8.78
N LEU A 58 -10.48 1.41 -8.63
CA LEU A 58 -9.63 2.25 -9.49
C LEU A 58 -9.93 2.06 -10.98
N LYS A 59 -10.08 0.82 -11.43
CA LYS A 59 -10.42 0.43 -12.79
C LYS A 59 -11.52 -0.62 -12.72
N ASN A 60 -12.60 -0.36 -11.97
CA ASN A 60 -13.87 -1.05 -12.15
C ASN A 60 -14.91 0.00 -12.53
N PRO A 61 -14.84 0.57 -13.75
CA PRO A 61 -15.86 1.49 -14.23
C PRO A 61 -17.20 0.76 -14.42
N PRO A 62 -18.29 1.48 -14.72
CA PRO A 62 -19.60 0.92 -15.03
C PRO A 62 -19.65 0.19 -16.38
N LYS A 63 -18.70 -0.72 -16.66
CA LYS A 63 -18.64 -1.54 -17.87
C LYS A 63 -17.77 -2.77 -17.60
N LYS A 64 -18.28 -3.71 -16.81
CA LYS A 64 -17.60 -4.97 -16.51
C LYS A 64 -18.24 -6.09 -17.34
N LYS A 65 -17.74 -7.30 -17.17
CA LYS A 65 -18.43 -8.54 -17.50
C LYS A 65 -19.68 -8.64 -16.61
N MET A 66 -20.67 -9.42 -17.04
CA MET A 66 -21.93 -9.62 -16.34
C MET A 66 -21.69 -10.52 -15.13
N LYS A 67 -21.37 -9.93 -13.97
CA LYS A 67 -21.20 -10.69 -12.73
C LYS A 67 -22.53 -11.31 -12.26
N LEU A 68 -22.46 -12.13 -11.20
CA LEU A 68 -23.60 -12.45 -10.35
C LEU A 68 -23.49 -11.67 -9.02
N MET A 69 -24.58 -11.66 -8.23
CA MET A 69 -24.70 -10.91 -6.98
C MET A 69 -25.35 -11.82 -5.91
N ARG A 70 -25.06 -11.58 -4.63
CA ARG A 70 -25.20 -12.57 -3.55
C ARG A 70 -24.70 -13.90 -4.07
N GLY A 1 18.75 -2.31 -17.13
CA GLY A 1 18.85 -2.50 -15.67
C GLY A 1 17.80 -3.49 -15.20
N SER A 2 18.20 -4.71 -14.84
CA SER A 2 17.31 -5.78 -14.43
C SER A 2 17.94 -6.55 -13.26
N SER A 3 17.10 -7.33 -12.59
CA SER A 3 17.31 -7.79 -11.21
C SER A 3 17.64 -6.61 -10.27
N GLY A 4 17.92 -6.91 -9.01
CA GLY A 4 18.13 -5.89 -7.97
C GLY A 4 19.57 -5.42 -7.97
N SER A 5 19.90 -4.62 -6.95
CA SER A 5 21.25 -4.40 -6.49
C SER A 5 21.15 -4.25 -4.99
N SER A 6 21.88 -5.09 -4.26
CA SER A 6 21.92 -5.16 -2.80
C SER A 6 20.56 -5.51 -2.18
N GLY A 7 20.54 -5.74 -0.87
CA GLY A 7 19.33 -6.08 -0.16
C GLY A 7 18.42 -4.87 0.04
N ARG A 8 17.26 -5.12 0.66
CA ARG A 8 16.33 -4.08 1.08
C ARG A 8 16.98 -3.23 2.17
N GLY A 9 16.81 -1.92 2.09
CA GLY A 9 17.51 -0.92 2.87
C GLY A 9 18.16 0.07 1.92
N ARG A 10 17.38 1.05 1.46
CA ARG A 10 17.87 2.23 0.75
C ARG A 10 16.95 3.39 1.09
N TYR A 11 17.35 4.63 0.75
CA TYR A 11 16.52 5.84 0.88
C TYR A 11 15.96 6.00 2.30
N ARG A 12 14.88 6.75 2.47
CA ARG A 12 14.07 6.73 3.68
C ARG A 12 12.64 6.36 3.33
N GLN A 13 11.87 6.04 4.37
CA GLN A 13 10.46 5.67 4.32
C GLN A 13 10.21 4.48 3.39
N TYR A 14 8.97 4.02 3.38
CA TYR A 14 8.53 3.09 2.36
C TYR A 14 8.63 3.75 0.97
N ASN A 15 8.76 2.92 -0.06
CA ASN A 15 8.74 3.29 -1.48
C ASN A 15 7.54 2.69 -2.21
N SER A 16 7.17 3.24 -3.36
CA SER A 16 5.96 2.87 -4.08
C SER A 16 5.86 1.38 -4.41
N GLU A 17 6.99 0.68 -4.46
CA GLU A 17 7.06 -0.75 -4.76
C GLU A 17 6.98 -1.56 -3.46
N ILE A 18 7.60 -1.09 -2.36
CA ILE A 18 7.28 -1.54 -1.02
C ILE A 18 5.76 -1.48 -0.82
N LEU A 19 5.12 -0.35 -1.11
CA LEU A 19 3.72 -0.12 -0.78
C LEU A 19 2.81 -1.22 -1.34
N GLU A 20 3.08 -1.68 -2.56
CA GLU A 20 2.31 -2.75 -3.21
C GLU A 20 2.41 -4.07 -2.45
N GLU A 21 3.50 -4.31 -1.72
CA GLU A 21 3.72 -5.44 -0.83
C GLU A 21 2.68 -5.42 0.28
N ALA A 22 2.66 -4.38 1.12
CA ALA A 22 1.73 -4.29 2.25
C ALA A 22 0.26 -4.24 1.80
N ILE A 23 0.03 -3.93 0.53
CA ILE A 23 -1.29 -4.09 -0.08
C ILE A 23 -1.50 -5.58 -0.29
N SER A 24 -0.64 -6.20 -1.09
CA SER A 24 -0.72 -7.60 -1.46
C SER A 24 -0.91 -8.57 -0.28
N VAL A 25 -0.17 -8.42 0.83
CA VAL A 25 -0.39 -9.22 2.04
C VAL A 25 -1.84 -9.05 2.53
N VAL A 26 -2.25 -7.84 2.86
CA VAL A 26 -3.57 -7.49 3.39
C VAL A 26 -4.66 -8.02 2.46
N MET A 27 -4.50 -7.84 1.15
CA MET A 27 -5.44 -8.28 0.15
C MET A 27 -5.64 -9.78 0.17
N SER A 28 -4.57 -10.55 -0.03
CA SER A 28 -4.59 -11.99 0.06
C SER A 28 -5.02 -12.49 1.44
N GLY A 29 -5.08 -11.61 2.45
CA GLY A 29 -5.58 -11.94 3.77
C GLY A 29 -4.47 -12.44 4.68
N LYS A 30 -3.22 -12.03 4.42
CA LYS A 30 -2.07 -12.43 5.22
C LYS A 30 -2.05 -11.67 6.54
N MET A 31 -2.63 -10.49 6.61
CA MET A 31 -2.73 -9.72 7.84
C MET A 31 -3.83 -8.65 7.76
N SER A 32 -4.02 -7.90 8.84
CA SER A 32 -4.82 -6.68 8.88
C SER A 32 -4.05 -5.51 8.26
N VAL A 33 -4.77 -4.45 7.90
CA VAL A 33 -4.21 -3.14 7.64
C VAL A 33 -3.33 -2.77 8.84
N SER A 34 -3.90 -2.78 10.05
CA SER A 34 -3.22 -2.37 11.27
C SER A 34 -1.92 -3.14 11.55
N LYS A 35 -1.73 -4.29 10.90
CA LYS A 35 -0.57 -5.13 11.04
C LYS A 35 0.44 -4.68 9.98
N ALA A 36 0.17 -4.92 8.70
CA ALA A 36 1.06 -4.57 7.60
C ALA A 36 1.55 -3.12 7.65
N GLN A 37 0.69 -2.18 8.07
CA GLN A 37 1.05 -0.81 8.44
C GLN A 37 2.41 -0.81 9.15
N SER A 38 2.46 -1.43 10.32
CA SER A 38 3.62 -1.40 11.18
C SER A 38 4.73 -2.30 10.62
N ILE A 39 4.38 -3.42 9.97
CA ILE A 39 5.37 -4.37 9.44
C ILE A 39 6.24 -3.66 8.40
N TYR A 40 5.59 -3.02 7.43
CA TYR A 40 6.24 -2.48 6.25
C TYR A 40 6.70 -1.04 6.47
N GLY A 41 6.04 -0.31 7.38
CA GLY A 41 6.33 1.09 7.67
C GLY A 41 5.41 2.01 6.88
N ILE A 42 4.16 1.61 6.68
CA ILE A 42 3.15 2.36 5.94
C ILE A 42 2.15 2.95 6.96
N PRO A 43 1.73 4.22 6.81
CA PRO A 43 0.69 4.77 7.68
C PRO A 43 -0.65 4.06 7.53
N HIS A 44 -1.45 4.01 8.60
CA HIS A 44 -2.73 3.29 8.62
C HIS A 44 -3.74 3.92 7.65
N SER A 45 -4.05 5.21 7.84
CA SER A 45 -5.04 5.95 7.05
C SER A 45 -4.76 5.75 5.56
N THR A 46 -3.50 5.94 5.17
CA THR A 46 -3.00 5.74 3.82
C THR A 46 -3.14 4.28 3.37
N LEU A 47 -2.60 3.32 4.12
CA LEU A 47 -2.59 1.92 3.75
C LEU A 47 -4.02 1.45 3.52
N GLU A 48 -4.96 1.81 4.39
CA GLU A 48 -6.36 1.54 4.21
C GLU A 48 -6.77 2.01 2.82
N TYR A 49 -6.73 3.32 2.58
CA TYR A 49 -7.13 3.94 1.33
C TYR A 49 -6.55 3.15 0.15
N LYS A 50 -5.24 2.94 0.12
CA LYS A 50 -4.53 2.37 -0.98
C LYS A 50 -4.99 0.91 -1.22
N VAL A 51 -5.27 0.11 -0.19
CA VAL A 51 -5.94 -1.19 -0.31
C VAL A 51 -7.35 -1.02 -0.88
N LYS A 52 -8.16 -0.17 -0.27
CA LYS A 52 -9.59 0.03 -0.55
C LYS A 52 -9.84 0.52 -1.97
N GLU A 53 -8.85 1.20 -2.53
CA GLU A 53 -8.65 1.61 -3.90
C GLU A 53 -8.27 0.40 -4.76
N ARG A 54 -7.11 -0.21 -4.46
CA ARG A 54 -6.53 -1.30 -5.24
C ARG A 54 -7.48 -2.48 -5.38
N LEU A 55 -8.41 -2.65 -4.45
CA LEU A 55 -9.49 -3.64 -4.45
C LEU A 55 -10.39 -3.59 -5.69
N GLY A 56 -10.24 -2.58 -6.55
CA GLY A 56 -10.89 -2.52 -7.86
C GLY A 56 -11.79 -1.30 -8.04
N THR A 57 -11.87 -0.42 -7.05
CA THR A 57 -12.63 0.84 -7.14
C THR A 57 -11.91 1.86 -8.04
N LEU A 58 -10.69 1.53 -8.48
CA LEU A 58 -9.88 2.32 -9.39
C LEU A 58 -10.36 2.12 -10.82
N LYS A 59 -10.38 3.21 -11.58
CA LYS A 59 -10.91 3.34 -12.94
C LYS A 59 -9.98 4.14 -13.84
N ASN A 60 -8.84 4.63 -13.35
CA ASN A 60 -7.80 5.25 -14.16
C ASN A 60 -6.66 4.24 -14.37
N PRO A 61 -6.71 3.38 -15.40
CA PRO A 61 -5.61 2.50 -15.76
C PRO A 61 -4.48 3.28 -16.45
N PRO A 62 -3.22 2.85 -16.30
CA PRO A 62 -2.13 3.37 -17.11
C PRO A 62 -2.29 2.86 -18.55
N LYS A 63 -1.74 3.59 -19.53
CA LYS A 63 -1.65 3.11 -20.91
C LYS A 63 -0.20 3.12 -21.37
N LYS A 64 0.54 4.19 -21.08
CA LYS A 64 1.99 4.17 -21.02
C LYS A 64 2.40 4.83 -19.71
N LYS A 65 3.65 4.65 -19.30
CA LYS A 65 4.27 5.33 -18.17
C LYS A 65 5.66 5.82 -18.59
N MET A 66 6.45 6.35 -17.66
CA MET A 66 7.90 6.52 -17.78
C MET A 66 8.54 6.19 -16.43
N LYS A 67 9.86 5.95 -16.41
CA LYS A 67 10.64 6.04 -15.18
C LYS A 67 10.74 7.52 -14.84
N LEU A 68 10.10 7.97 -13.76
CA LEU A 68 10.16 9.37 -13.33
C LEU A 68 11.60 9.80 -13.06
N MET A 69 12.40 8.90 -12.46
CA MET A 69 13.85 8.97 -12.25
C MET A 69 14.29 10.05 -11.26
N ARG A 70 13.99 11.32 -11.57
CA ARG A 70 14.52 12.50 -10.90
C ARG A 70 14.07 12.55 -9.46
N GLY A 1 34.27 -4.01 1.04
CA GLY A 1 35.13 -2.82 0.95
C GLY A 1 35.58 -2.36 2.33
N SER A 2 36.56 -1.47 2.39
CA SER A 2 37.29 -1.10 3.63
C SER A 2 36.41 -0.47 4.71
N SER A 3 35.23 0.04 4.36
CA SER A 3 34.18 0.36 5.31
C SER A 3 32.86 0.09 4.60
N GLY A 4 32.38 1.05 3.79
CA GLY A 4 31.23 0.91 2.90
C GLY A 4 30.00 0.47 3.69
N SER A 5 29.32 1.40 4.36
CA SER A 5 28.18 1.08 5.21
C SER A 5 27.08 0.36 4.43
N SER A 6 26.42 -0.61 5.04
CA SER A 6 25.20 -1.24 4.53
C SER A 6 24.00 -0.68 5.30
N GLY A 7 22.77 -0.98 4.88
CA GLY A 7 21.57 -0.48 5.51
C GLY A 7 20.52 -0.11 4.48
N ARG A 8 20.64 1.07 3.86
CA ARG A 8 19.62 1.68 2.99
C ARG A 8 18.21 1.49 3.57
N GLY A 9 18.07 1.81 4.86
CA GLY A 9 16.83 1.76 5.60
C GLY A 9 16.76 3.00 6.46
N ARG A 10 16.45 2.85 7.76
CA ARG A 10 16.27 3.95 8.72
C ARG A 10 15.02 4.76 8.37
N TYR A 11 14.70 5.80 9.15
CA TYR A 11 13.55 6.68 8.96
C TYR A 11 12.23 5.89 8.91
N ARG A 12 11.15 6.48 8.43
CA ARG A 12 9.88 5.83 8.20
C ARG A 12 9.32 6.39 6.91
N GLN A 13 9.75 5.84 5.79
CA GLN A 13 9.32 6.27 4.48
C GLN A 13 9.31 5.03 3.59
N TYR A 14 8.13 4.48 3.39
CA TYR A 14 7.94 3.43 2.41
C TYR A 14 8.10 4.01 0.99
N ASN A 15 8.22 3.11 0.03
CA ASN A 15 8.43 3.36 -1.40
C ASN A 15 7.31 2.74 -2.21
N SER A 16 7.13 3.18 -3.45
CA SER A 16 6.09 2.71 -4.36
C SER A 16 5.90 1.20 -4.38
N GLU A 17 6.99 0.44 -4.42
CA GLU A 17 6.93 -1.01 -4.50
C GLU A 17 6.56 -1.59 -3.14
N ILE A 18 7.17 -1.08 -2.05
CA ILE A 18 6.85 -1.46 -0.69
C ILE A 18 5.35 -1.32 -0.44
N LEU A 19 4.74 -0.27 -0.98
CA LEU A 19 3.32 -0.06 -0.84
C LEU A 19 2.52 -1.19 -1.50
N GLU A 20 2.90 -1.59 -2.71
CA GLU A 20 2.21 -2.68 -3.40
C GLU A 20 2.31 -3.98 -2.60
N GLU A 21 3.49 -4.29 -2.05
CA GLU A 21 3.73 -5.39 -1.12
C GLU A 21 2.72 -5.38 0.01
N ALA A 22 2.75 -4.33 0.82
CA ALA A 22 1.98 -4.23 2.06
C ALA A 22 0.48 -4.19 1.80
N ILE A 23 0.07 -3.91 0.57
CA ILE A 23 -1.32 -4.04 0.17
C ILE A 23 -1.59 -5.51 -0.14
N SER A 24 -0.75 -6.10 -0.99
CA SER A 24 -0.89 -7.47 -1.47
C SER A 24 -1.00 -8.46 -0.31
N VAL A 25 -0.16 -8.36 0.73
CA VAL A 25 -0.28 -9.19 1.93
C VAL A 25 -1.69 -9.12 2.53
N VAL A 26 -2.15 -7.93 2.87
CA VAL A 26 -3.45 -7.63 3.48
C VAL A 26 -4.59 -8.17 2.61
N MET A 27 -4.54 -7.93 1.30
CA MET A 27 -5.52 -8.42 0.34
C MET A 27 -5.59 -9.93 0.34
N SER A 28 -4.44 -10.61 0.26
CA SER A 28 -4.31 -12.04 0.40
C SER A 28 -4.66 -12.54 1.82
N GLY A 29 -4.99 -11.65 2.75
CA GLY A 29 -5.38 -12.00 4.10
C GLY A 29 -4.21 -12.41 4.97
N LYS A 30 -2.94 -12.10 4.59
CA LYS A 30 -1.78 -12.49 5.39
C LYS A 30 -1.83 -11.81 6.75
N MET A 31 -2.35 -10.59 6.79
CA MET A 31 -2.55 -9.82 8.00
C MET A 31 -3.65 -8.78 7.80
N SER A 32 -3.94 -8.02 8.85
CA SER A 32 -4.89 -6.92 8.80
C SER A 32 -4.17 -5.65 8.34
N VAL A 33 -4.92 -4.59 8.04
CA VAL A 33 -4.39 -3.27 7.68
C VAL A 33 -3.39 -2.81 8.74
N SER A 34 -3.79 -2.71 10.02
CA SER A 34 -2.89 -2.11 11.02
C SER A 34 -1.61 -2.94 11.20
N LYS A 35 -1.69 -4.25 11.01
CA LYS A 35 -0.54 -5.14 11.12
C LYS A 35 0.46 -4.80 10.03
N ALA A 36 0.16 -5.03 8.75
CA ALA A 36 1.03 -4.67 7.64
C ALA A 36 1.46 -3.20 7.66
N GLN A 37 0.59 -2.26 8.06
CA GLN A 37 0.98 -0.88 8.31
C GLN A 37 2.25 -0.87 9.14
N SER A 38 2.23 -1.57 10.26
CA SER A 38 3.35 -1.54 11.19
C SER A 38 4.54 -2.28 10.57
N ILE A 39 4.31 -3.47 9.98
CA ILE A 39 5.38 -4.30 9.41
C ILE A 39 6.14 -3.53 8.33
N TYR A 40 5.43 -3.03 7.34
CA TYR A 40 5.97 -2.34 6.18
C TYR A 40 6.21 -0.85 6.46
N GLY A 41 5.80 -0.36 7.63
CA GLY A 41 5.97 1.01 8.08
C GLY A 41 5.23 2.01 7.20
N ILE A 42 4.04 1.64 6.71
CA ILE A 42 3.12 2.52 5.95
C ILE A 42 2.16 3.12 6.96
N PRO A 43 1.67 4.36 6.79
CA PRO A 43 0.63 4.90 7.67
C PRO A 43 -0.64 4.06 7.53
N HIS A 44 -1.39 3.84 8.62
CA HIS A 44 -2.63 3.08 8.56
C HIS A 44 -3.57 3.77 7.59
N SER A 45 -3.75 5.08 7.77
CA SER A 45 -4.62 5.93 6.98
C SER A 45 -4.37 5.74 5.48
N THR A 46 -3.10 5.79 5.08
CA THR A 46 -2.66 5.54 3.72
C THR A 46 -2.97 4.10 3.32
N LEU A 47 -2.38 3.10 3.99
CA LEU A 47 -2.47 1.71 3.60
C LEU A 47 -3.92 1.33 3.39
N GLU A 48 -4.79 1.68 4.33
CA GLU A 48 -6.21 1.41 4.27
C GLU A 48 -6.78 1.91 2.95
N TYR A 49 -6.67 3.21 2.68
CA TYR A 49 -7.08 3.84 1.43
C TYR A 49 -6.48 3.09 0.24
N LYS A 50 -5.17 2.84 0.24
CA LYS A 50 -4.44 2.34 -0.92
C LYS A 50 -4.87 0.91 -1.25
N VAL A 51 -5.17 0.06 -0.25
CA VAL A 51 -5.85 -1.23 -0.41
C VAL A 51 -7.20 -0.98 -1.09
N LYS A 52 -8.03 -0.12 -0.51
CA LYS A 52 -9.42 0.12 -0.89
C LYS A 52 -9.58 0.83 -2.21
N GLU A 53 -8.49 1.38 -2.72
CA GLU A 53 -8.33 1.91 -4.04
C GLU A 53 -8.14 0.75 -5.01
N ARG A 54 -7.08 -0.04 -4.80
CA ARG A 54 -6.68 -1.15 -5.63
C ARG A 54 -7.78 -2.22 -5.68
N LEU A 55 -8.65 -2.29 -4.66
CA LEU A 55 -9.85 -3.12 -4.63
C LEU A 55 -10.86 -2.77 -5.73
N GLY A 56 -10.65 -1.68 -6.49
CA GLY A 56 -11.29 -1.47 -7.78
C GLY A 56 -12.14 -0.20 -7.84
N THR A 57 -11.97 0.76 -6.94
CA THR A 57 -12.64 2.05 -7.09
C THR A 57 -12.09 2.77 -8.32
N LEU A 58 -10.79 2.56 -8.58
CA LEU A 58 -9.96 3.22 -9.57
C LEU A 58 -10.58 3.09 -10.96
N LYS A 59 -10.74 1.86 -11.50
CA LYS A 59 -11.19 1.61 -12.87
C LYS A 59 -11.91 0.27 -12.96
N ASN A 60 -12.89 0.01 -12.09
CA ASN A 60 -13.77 -1.16 -12.26
C ASN A 60 -15.23 -0.69 -12.23
N PRO A 61 -15.76 -0.15 -13.34
CA PRO A 61 -17.10 0.41 -13.38
C PRO A 61 -18.15 -0.71 -13.39
N PRO A 62 -19.39 -0.43 -12.93
CA PRO A 62 -20.47 -1.39 -12.95
C PRO A 62 -21.06 -1.59 -14.35
N LYS A 63 -21.94 -2.59 -14.47
CA LYS A 63 -22.59 -3.04 -15.71
C LYS A 63 -21.50 -3.29 -16.78
N LYS A 64 -20.44 -3.99 -16.36
CA LYS A 64 -19.36 -4.43 -17.23
C LYS A 64 -18.82 -5.72 -16.64
N LYS A 65 -17.68 -5.70 -15.93
CA LYS A 65 -17.18 -6.89 -15.24
C LYS A 65 -18.25 -7.37 -14.26
N MET A 66 -18.44 -8.68 -14.22
CA MET A 66 -19.36 -9.38 -13.34
C MET A 66 -18.78 -9.40 -11.93
N LYS A 67 -19.57 -9.80 -10.93
CA LYS A 67 -19.07 -10.10 -9.60
C LYS A 67 -20.02 -11.12 -8.99
N LEU A 68 -19.68 -12.40 -9.09
CA LEU A 68 -20.46 -13.49 -8.48
C LEU A 68 -20.64 -13.20 -7.00
N MET A 69 -21.71 -13.72 -6.39
CA MET A 69 -21.82 -13.71 -4.94
C MET A 69 -20.79 -14.64 -4.29
N ARG A 70 -20.71 -14.63 -2.96
CA ARG A 70 -19.78 -15.38 -2.14
C ARG A 70 -20.60 -16.08 -1.09
N GLY A 1 19.89 15.64 9.84
CA GLY A 1 20.00 15.29 8.42
C GLY A 1 20.02 16.53 7.55
N SER A 2 20.35 16.36 6.27
CA SER A 2 20.51 17.47 5.33
C SER A 2 19.19 18.24 5.23
N SER A 3 19.17 19.46 5.76
CA SER A 3 17.99 20.29 5.94
C SER A 3 18.22 21.62 5.23
N GLY A 4 18.06 21.62 3.91
CA GLY A 4 18.03 22.84 3.11
C GLY A 4 16.57 23.23 2.82
N SER A 5 16.42 24.15 1.88
CA SER A 5 15.16 24.53 1.24
C SER A 5 14.37 23.29 0.80
N SER A 6 13.04 23.44 0.74
CA SER A 6 12.01 22.49 0.29
C SER A 6 12.50 21.04 0.18
N GLY A 7 12.32 20.23 1.24
CA GLY A 7 12.77 18.85 1.31
C GLY A 7 12.03 17.98 0.30
N ARG A 8 12.66 17.68 -0.83
CA ARG A 8 12.06 16.95 -1.95
C ARG A 8 11.69 15.51 -1.64
N GLY A 9 12.10 14.94 -0.51
CA GLY A 9 11.74 13.58 -0.13
C GLY A 9 12.05 13.35 1.35
N ARG A 10 11.35 14.09 2.21
CA ARG A 10 11.36 13.88 3.65
C ARG A 10 10.53 12.63 3.96
N TYR A 11 10.88 11.92 5.03
CA TYR A 11 10.27 10.68 5.50
C TYR A 11 9.94 9.75 4.33
N ARG A 12 10.99 9.14 3.77
CA ARG A 12 10.89 8.19 2.68
C ARG A 12 9.93 7.05 3.04
N GLN A 13 10.12 6.46 4.22
CA GLN A 13 9.38 5.28 4.64
C GLN A 13 9.42 4.23 3.52
N TYR A 14 8.27 3.77 3.06
CA TYR A 14 8.15 2.66 2.15
C TYR A 14 8.50 3.12 0.73
N ASN A 15 9.00 2.19 -0.08
CA ASN A 15 9.19 2.41 -1.51
C ASN A 15 7.86 2.34 -2.23
N SER A 16 7.77 2.92 -3.42
CA SER A 16 6.59 2.82 -4.26
C SER A 16 6.23 1.37 -4.61
N GLU A 17 7.19 0.46 -4.49
CA GLU A 17 7.06 -0.97 -4.62
C GLU A 17 6.42 -1.53 -3.34
N ILE A 18 7.05 -1.28 -2.18
CA ILE A 18 6.65 -1.76 -0.85
C ILE A 18 5.18 -1.48 -0.58
N LEU A 19 4.65 -0.37 -1.09
CA LEU A 19 3.24 -0.05 -0.94
C LEU A 19 2.35 -1.14 -1.54
N GLU A 20 2.62 -1.58 -2.77
CA GLU A 20 1.84 -2.62 -3.41
C GLU A 20 2.00 -3.95 -2.65
N GLU A 21 3.18 -4.24 -2.10
CA GLU A 21 3.46 -5.41 -1.29
C GLU A 21 2.60 -5.43 -0.02
N ALA A 22 2.62 -4.32 0.72
CA ALA A 22 1.89 -4.13 1.96
C ALA A 22 0.38 -4.13 1.75
N ILE A 23 -0.08 -3.84 0.54
CA ILE A 23 -1.46 -4.05 0.14
C ILE A 23 -1.63 -5.55 -0.13
N SER A 24 -0.73 -6.17 -0.90
CA SER A 24 -0.71 -7.58 -1.24
C SER A 24 -0.79 -8.50 -0.02
N VAL A 25 -0.09 -8.21 1.08
CA VAL A 25 -0.22 -9.00 2.30
C VAL A 25 -1.68 -9.01 2.74
N VAL A 26 -2.25 -7.85 3.00
CA VAL A 26 -3.60 -7.67 3.55
C VAL A 26 -4.64 -8.25 2.60
N MET A 27 -4.59 -7.87 1.32
CA MET A 27 -5.48 -8.31 0.27
C MET A 27 -5.52 -9.83 0.19
N SER A 28 -4.35 -10.48 0.13
CA SER A 28 -4.23 -11.92 0.08
C SER A 28 -4.24 -12.55 1.49
N GLY A 29 -4.70 -11.82 2.53
CA GLY A 29 -5.12 -12.42 3.79
C GLY A 29 -3.98 -12.64 4.79
N LYS A 30 -2.78 -12.10 4.53
CA LYS A 30 -1.59 -12.40 5.33
C LYS A 30 -1.63 -11.73 6.69
N MET A 31 -2.35 -10.61 6.82
CA MET A 31 -2.50 -9.85 8.05
C MET A 31 -3.58 -8.77 7.88
N SER A 32 -3.86 -8.04 8.95
CA SER A 32 -4.73 -6.87 8.98
C SER A 32 -4.08 -5.64 8.35
N VAL A 33 -4.87 -4.59 8.06
CA VAL A 33 -4.35 -3.26 7.75
C VAL A 33 -3.44 -2.81 8.89
N SER A 34 -3.92 -2.80 10.15
CA SER A 34 -3.14 -2.30 11.28
C SER A 34 -1.82 -3.04 11.50
N LYS A 35 -1.71 -4.24 10.96
CA LYS A 35 -0.55 -5.09 11.11
C LYS A 35 0.46 -4.69 10.04
N ALA A 36 0.20 -5.00 8.77
CA ALA A 36 1.07 -4.64 7.66
C ALA A 36 1.46 -3.17 7.63
N GLN A 37 0.59 -2.25 8.06
CA GLN A 37 0.95 -0.86 8.31
C GLN A 37 2.27 -0.81 9.09
N SER A 38 2.27 -1.40 10.29
CA SER A 38 3.38 -1.34 11.19
C SER A 38 4.58 -2.07 10.56
N ILE A 39 4.34 -3.28 10.01
CA ILE A 39 5.39 -4.14 9.47
C ILE A 39 6.15 -3.44 8.34
N TYR A 40 5.42 -2.94 7.34
CA TYR A 40 5.98 -2.37 6.12
C TYR A 40 6.36 -0.89 6.35
N GLY A 41 5.82 -0.24 7.39
CA GLY A 41 6.08 1.14 7.78
C GLY A 41 5.16 2.15 7.11
N ILE A 42 3.99 1.70 6.66
CA ILE A 42 3.01 2.51 5.94
C ILE A 42 2.06 3.13 6.99
N PRO A 43 1.53 4.34 6.79
CA PRO A 43 0.49 4.89 7.66
C PRO A 43 -0.76 4.00 7.58
N HIS A 44 -1.55 3.93 8.66
CA HIS A 44 -2.75 3.11 8.68
C HIS A 44 -3.72 3.65 7.63
N SER A 45 -4.15 4.91 7.75
CA SER A 45 -5.13 5.45 6.83
C SER A 45 -4.61 5.41 5.39
N THR A 46 -3.31 5.64 5.14
CA THR A 46 -2.80 5.58 3.77
C THR A 46 -2.83 4.13 3.25
N LEU A 47 -2.37 3.13 4.01
CA LEU A 47 -2.49 1.73 3.64
C LEU A 47 -3.95 1.40 3.38
N GLU A 48 -4.85 1.70 4.32
CA GLU A 48 -6.26 1.41 4.27
C GLU A 48 -6.86 1.97 2.98
N TYR A 49 -6.69 3.27 2.75
CA TYR A 49 -7.06 3.97 1.52
C TYR A 49 -6.53 3.20 0.32
N LYS A 50 -5.23 2.91 0.30
CA LYS A 50 -4.56 2.34 -0.84
C LYS A 50 -5.06 0.92 -1.14
N VAL A 51 -5.35 0.11 -0.13
CA VAL A 51 -6.09 -1.14 -0.25
C VAL A 51 -7.44 -0.87 -0.95
N LYS A 52 -8.28 0.00 -0.40
CA LYS A 52 -9.64 0.33 -0.88
C LYS A 52 -9.67 0.82 -2.32
N GLU A 53 -8.65 1.57 -2.67
CA GLU A 53 -8.34 2.06 -3.98
C GLU A 53 -8.04 0.87 -4.89
N ARG A 54 -6.99 0.11 -4.58
CA ARG A 54 -6.49 -1.00 -5.39
C ARG A 54 -7.52 -2.11 -5.55
N LEU A 55 -8.48 -2.21 -4.63
CA LEU A 55 -9.63 -3.12 -4.72
C LEU A 55 -10.55 -2.80 -5.91
N GLY A 56 -10.33 -1.68 -6.62
CA GLY A 56 -10.96 -1.40 -7.91
C GLY A 56 -11.80 -0.13 -7.95
N THR A 57 -11.53 0.86 -7.08
CA THR A 57 -12.21 2.15 -7.10
C THR A 57 -11.43 3.22 -7.90
N LEU A 58 -10.26 2.84 -8.43
CA LEU A 58 -9.31 3.72 -9.10
C LEU A 58 -9.75 3.99 -10.55
N LYS A 59 -10.90 4.66 -10.72
CA LYS A 59 -11.36 5.09 -12.04
C LYS A 59 -10.35 6.08 -12.62
N ASN A 60 -10.32 6.21 -13.95
CA ASN A 60 -9.28 6.95 -14.69
C ASN A 60 -7.85 6.59 -14.21
N PRO A 61 -7.43 5.32 -14.32
CA PRO A 61 -6.09 4.91 -13.90
C PRO A 61 -5.02 5.37 -14.93
N PRO A 62 -3.75 5.51 -14.49
CA PRO A 62 -2.67 6.06 -15.30
C PRO A 62 -2.09 5.02 -16.28
N LYS A 63 -2.89 4.57 -17.25
CA LYS A 63 -2.43 3.91 -18.48
C LYS A 63 -3.39 4.13 -19.64
N LYS A 64 -4.67 4.44 -19.38
CA LYS A 64 -5.68 4.67 -20.41
C LYS A 64 -5.74 3.52 -21.44
N LYS A 65 -5.70 2.27 -20.96
CA LYS A 65 -5.62 1.01 -21.72
C LYS A 65 -6.27 1.09 -23.10
N MET A 66 -7.54 1.50 -23.17
CA MET A 66 -8.25 1.70 -24.42
C MET A 66 -9.22 2.88 -24.26
N LYS A 67 -8.72 4.08 -23.99
CA LYS A 67 -9.55 5.29 -23.91
C LYS A 67 -8.72 6.54 -24.19
N LEU A 68 -9.33 7.59 -24.76
CA LEU A 68 -8.59 8.79 -25.16
C LEU A 68 -8.60 9.86 -24.08
N MET A 69 -9.67 9.95 -23.28
CA MET A 69 -9.90 10.85 -22.16
C MET A 69 -9.14 12.19 -22.22
N ARG A 70 -9.72 13.15 -22.96
CA ARG A 70 -9.43 14.57 -22.77
C ARG A 70 -9.74 14.97 -21.34
N GLY A 1 -11.16 17.70 18.76
CA GLY A 1 -10.35 17.46 17.55
C GLY A 1 -10.39 16.01 17.17
N SER A 2 -10.79 15.69 15.93
CA SER A 2 -10.78 14.35 15.36
C SER A 2 -10.49 14.49 13.87
N SER A 3 -10.07 13.39 13.24
CA SER A 3 -9.55 13.32 11.87
C SER A 3 -8.24 14.12 11.72
N GLY A 4 -7.59 14.03 10.56
CA GLY A 4 -6.34 14.71 10.31
C GLY A 4 -5.40 13.93 9.38
N SER A 5 -5.93 13.10 8.47
CA SER A 5 -5.16 12.47 7.41
C SER A 5 -4.58 13.57 6.51
N SER A 6 -3.36 13.99 6.80
CA SER A 6 -2.65 15.11 6.23
C SER A 6 -1.18 14.83 6.49
N GLY A 7 -0.53 14.16 5.54
CA GLY A 7 0.80 13.59 5.73
C GLY A 7 1.06 12.59 4.62
N ARG A 8 1.27 13.09 3.40
CA ARG A 8 1.52 12.32 2.19
C ARG A 8 2.95 12.64 1.80
N GLY A 9 3.87 11.72 2.08
CA GLY A 9 5.26 11.74 1.66
C GLY A 9 6.05 12.92 2.21
N ARG A 10 6.04 13.12 3.53
CA ARG A 10 6.92 14.07 4.23
C ARG A 10 8.32 13.47 4.43
N TYR A 11 8.45 12.15 4.62
CA TYR A 11 9.72 11.52 4.99
C TYR A 11 9.87 10.12 4.38
N ARG A 12 11.10 9.61 4.46
CA ARG A 12 11.48 8.25 4.10
C ARG A 12 10.73 7.28 4.99
N GLN A 13 9.92 6.41 4.39
CA GLN A 13 9.29 5.29 5.07
C GLN A 13 9.34 4.12 4.11
N TYR A 14 8.53 4.19 3.07
CA TYR A 14 8.38 3.15 2.08
C TYR A 14 8.60 3.72 0.68
N ASN A 15 8.78 2.82 -0.27
CA ASN A 15 8.89 3.07 -1.70
C ASN A 15 7.62 2.58 -2.37
N SER A 16 7.32 3.07 -3.58
CA SER A 16 6.14 2.69 -4.33
C SER A 16 5.93 1.17 -4.31
N GLU A 17 7.01 0.44 -4.56
CA GLU A 17 7.13 -1.00 -4.58
C GLU A 17 6.65 -1.62 -3.27
N ILE A 18 7.22 -1.18 -2.14
CA ILE A 18 6.91 -1.63 -0.78
C ILE A 18 5.43 -1.45 -0.48
N LEU A 19 4.83 -0.36 -0.95
CA LEU A 19 3.42 -0.15 -0.71
C LEU A 19 2.58 -1.25 -1.38
N GLU A 20 2.92 -1.65 -2.60
CA GLU A 20 2.19 -2.71 -3.31
C GLU A 20 2.38 -4.05 -2.59
N GLU A 21 3.54 -4.29 -1.96
CA GLU A 21 3.76 -5.43 -1.08
C GLU A 21 2.71 -5.45 0.03
N ALA A 22 2.71 -4.39 0.84
CA ALA A 22 1.93 -4.26 2.07
C ALA A 22 0.44 -4.24 1.81
N ILE A 23 0.03 -4.09 0.57
CA ILE A 23 -1.35 -4.20 0.14
C ILE A 23 -1.60 -5.65 -0.27
N SER A 24 -0.75 -6.23 -1.13
CA SER A 24 -0.87 -7.61 -1.57
C SER A 24 -1.03 -8.57 -0.37
N VAL A 25 -0.21 -8.42 0.68
CA VAL A 25 -0.37 -9.18 1.91
C VAL A 25 -1.81 -9.05 2.44
N VAL A 26 -2.24 -7.85 2.76
CA VAL A 26 -3.54 -7.50 3.34
C VAL A 26 -4.71 -8.00 2.49
N MET A 27 -4.67 -7.82 1.16
CA MET A 27 -5.75 -8.22 0.26
C MET A 27 -6.01 -9.73 0.38
N SER A 28 -4.95 -10.53 0.43
CA SER A 28 -4.99 -11.97 0.58
C SER A 28 -5.11 -12.41 2.04
N GLY A 29 -5.25 -11.49 2.99
CA GLY A 29 -5.39 -11.84 4.40
C GLY A 29 -4.09 -12.34 5.01
N LYS A 30 -2.92 -12.05 4.41
CA LYS A 30 -1.65 -12.44 5.01
C LYS A 30 -1.48 -11.71 6.35
N MET A 31 -2.10 -10.54 6.50
CA MET A 31 -2.27 -9.85 7.76
C MET A 31 -3.37 -8.80 7.61
N SER A 32 -3.66 -8.09 8.70
CA SER A 32 -4.57 -6.96 8.77
C SER A 32 -3.89 -5.68 8.26
N VAL A 33 -4.67 -4.63 7.95
CA VAL A 33 -4.15 -3.30 7.67
C VAL A 33 -3.26 -2.89 8.85
N SER A 34 -3.77 -2.93 10.08
CA SER A 34 -3.06 -2.57 11.30
C SER A 34 -1.67 -3.21 11.37
N LYS A 35 -1.64 -4.52 11.18
CA LYS A 35 -0.44 -5.33 11.15
C LYS A 35 0.51 -4.83 10.05
N ALA A 36 0.21 -5.03 8.76
CA ALA A 36 1.07 -4.60 7.67
C ALA A 36 1.47 -3.13 7.72
N GLN A 37 0.59 -2.20 8.13
CA GLN A 37 0.95 -0.82 8.40
C GLN A 37 2.22 -0.78 9.23
N SER A 38 2.22 -1.50 10.34
CA SER A 38 3.32 -1.45 11.26
C SER A 38 4.53 -2.16 10.62
N ILE A 39 4.33 -3.35 10.04
CA ILE A 39 5.40 -4.16 9.43
C ILE A 39 6.11 -3.36 8.35
N TYR A 40 5.37 -2.92 7.33
CA TYR A 40 5.90 -2.30 6.13
C TYR A 40 6.21 -0.82 6.34
N GLY A 41 5.75 -0.24 7.46
CA GLY A 41 6.08 1.13 7.85
C GLY A 41 5.20 2.14 7.12
N ILE A 42 4.02 1.71 6.68
CA ILE A 42 3.07 2.51 5.95
C ILE A 42 2.12 3.13 7.00
N PRO A 43 1.70 4.41 6.87
CA PRO A 43 0.65 4.94 7.72
C PRO A 43 -0.65 4.18 7.54
N HIS A 44 -1.40 3.95 8.62
CA HIS A 44 -2.63 3.14 8.60
C HIS A 44 -3.67 3.78 7.68
N SER A 45 -3.97 5.07 7.89
CA SER A 45 -5.05 5.73 7.16
C SER A 45 -4.75 5.73 5.65
N THR A 46 -3.47 5.83 5.29
CA THR A 46 -3.00 5.76 3.92
C THR A 46 -3.10 4.32 3.39
N LEU A 47 -2.60 3.32 4.13
CA LEU A 47 -2.66 1.91 3.76
C LEU A 47 -4.10 1.52 3.49
N GLU A 48 -5.03 1.80 4.42
CA GLU A 48 -6.45 1.53 4.29
C GLU A 48 -6.94 2.01 2.93
N TYR A 49 -6.85 3.32 2.66
CA TYR A 49 -7.20 3.92 1.39
C TYR A 49 -6.58 3.16 0.23
N LYS A 50 -5.28 2.92 0.28
CA LYS A 50 -4.53 2.37 -0.83
C LYS A 50 -4.94 0.93 -1.15
N VAL A 51 -5.21 0.11 -0.14
CA VAL A 51 -5.87 -1.18 -0.29
C VAL A 51 -7.19 -0.98 -1.04
N LYS A 52 -8.06 -0.13 -0.50
CA LYS A 52 -9.45 0.11 -0.95
C LYS A 52 -9.50 0.62 -2.37
N GLU A 53 -8.50 1.41 -2.76
CA GLU A 53 -8.27 1.89 -4.08
C GLU A 53 -8.06 0.69 -4.99
N ARG A 54 -6.96 -0.02 -4.77
CA ARG A 54 -6.53 -1.06 -5.70
C ARG A 54 -7.42 -2.30 -5.64
N LEU A 55 -8.28 -2.42 -4.63
CA LEU A 55 -9.39 -3.37 -4.60
C LEU A 55 -10.35 -3.15 -5.76
N GLY A 56 -10.43 -1.94 -6.32
CA GLY A 56 -11.31 -1.63 -7.44
C GLY A 56 -12.34 -0.53 -7.22
N THR A 57 -12.13 0.43 -6.32
CA THR A 57 -12.78 1.75 -6.47
C THR A 57 -12.19 2.54 -7.66
N LEU A 58 -11.10 2.03 -8.28
CA LEU A 58 -10.42 2.63 -9.42
C LEU A 58 -11.15 2.25 -10.71
N LYS A 59 -10.48 1.63 -11.68
CA LYS A 59 -11.01 1.34 -13.03
C LYS A 59 -10.78 -0.12 -13.40
N ASN A 60 -11.55 -0.64 -14.37
CA ASN A 60 -11.50 -2.01 -14.87
C ASN A 60 -11.40 -3.06 -13.75
N PRO A 61 -12.43 -3.22 -12.89
CA PRO A 61 -12.39 -4.12 -11.75
C PRO A 61 -12.52 -5.58 -12.18
N PRO A 62 -11.50 -6.44 -11.97
CA PRO A 62 -11.67 -7.88 -12.12
C PRO A 62 -12.38 -8.49 -10.90
N LYS A 63 -12.33 -7.84 -9.73
CA LYS A 63 -12.84 -8.33 -8.44
C LYS A 63 -12.24 -9.69 -8.01
N LYS A 64 -11.19 -10.14 -8.70
CA LYS A 64 -10.55 -11.43 -8.55
C LYS A 64 -9.62 -11.43 -7.35
N LYS A 65 -10.13 -11.88 -6.20
CA LYS A 65 -9.28 -12.23 -5.05
C LYS A 65 -8.27 -13.32 -5.43
N MET A 66 -7.25 -13.50 -4.60
CA MET A 66 -6.20 -14.50 -4.75
C MET A 66 -6.28 -15.46 -3.58
N LYS A 67 -5.76 -16.68 -3.74
CA LYS A 67 -5.32 -17.51 -2.62
C LYS A 67 -4.05 -18.25 -3.05
N LEU A 68 -3.36 -18.88 -2.11
CA LEU A 68 -2.16 -19.69 -2.33
C LEU A 68 -2.33 -21.01 -1.58
N MET A 69 -3.44 -21.71 -1.83
CA MET A 69 -3.88 -22.91 -1.10
C MET A 69 -4.15 -22.60 0.38
N ARG A 70 -4.48 -23.67 1.13
CA ARG A 70 -4.95 -23.66 2.52
C ARG A 70 -5.97 -22.57 2.73
N GLY A 1 6.01 3.84 15.36
CA GLY A 1 5.61 4.05 13.96
C GLY A 1 4.94 5.41 13.80
N SER A 2 3.95 5.53 12.91
CA SER A 2 3.35 6.77 12.42
C SER A 2 3.09 7.80 13.51
N SER A 3 3.94 8.82 13.62
CA SER A 3 3.69 10.01 14.42
C SER A 3 3.42 11.18 13.47
N GLY A 4 3.18 12.37 14.02
CA GLY A 4 3.05 13.63 13.29
C GLY A 4 1.90 13.58 12.31
N SER A 5 0.67 13.85 12.79
CA SER A 5 -0.55 13.84 11.98
C SER A 5 -0.32 14.47 10.61
N SER A 6 0.03 15.75 10.57
CA SER A 6 0.67 16.37 9.42
C SER A 6 2.16 16.46 9.72
N GLY A 7 2.97 15.70 8.98
CA GLY A 7 4.42 15.71 9.06
C GLY A 7 5.03 16.08 7.72
N ARG A 8 6.35 16.22 7.68
CA ARG A 8 7.13 16.18 6.44
C ARG A 8 7.52 14.71 6.22
N GLY A 9 7.94 14.36 5.02
CA GLY A 9 8.46 13.03 4.75
C GLY A 9 9.14 13.02 3.41
N ARG A 10 8.65 12.22 2.47
CA ARG A 10 9.13 12.02 1.09
C ARG A 10 10.54 11.43 0.96
N TYR A 11 11.37 11.52 1.99
CA TYR A 11 12.78 11.18 1.98
C TYR A 11 13.12 9.98 2.86
N ARG A 12 12.21 9.51 3.72
CA ARG A 12 12.38 8.29 4.49
C ARG A 12 11.04 7.58 4.64
N GLN A 13 10.39 7.29 3.52
CA GLN A 13 9.14 6.56 3.46
C GLN A 13 9.29 5.28 2.64
N TYR A 14 8.28 4.42 2.74
CA TYR A 14 8.11 3.23 1.92
C TYR A 14 8.29 3.60 0.44
N ASN A 15 9.03 2.78 -0.30
CA ASN A 15 9.14 2.90 -1.76
C ASN A 15 7.77 2.69 -2.38
N SER A 16 7.54 3.17 -3.61
CA SER A 16 6.28 2.95 -4.31
C SER A 16 5.92 1.47 -4.41
N GLU A 17 6.95 0.65 -4.57
CA GLU A 17 6.82 -0.77 -4.81
C GLU A 17 6.53 -1.50 -3.49
N ILE A 18 7.05 -1.02 -2.36
CA ILE A 18 6.76 -1.54 -1.02
C ILE A 18 5.28 -1.35 -0.70
N LEU A 19 4.67 -0.28 -1.22
CA LEU A 19 3.26 -0.05 -0.96
C LEU A 19 2.42 -1.17 -1.58
N GLU A 20 2.74 -1.60 -2.80
CA GLU A 20 2.02 -2.69 -3.45
C GLU A 20 2.15 -4.00 -2.67
N GLU A 21 3.29 -4.22 -2.01
CA GLU A 21 3.57 -5.33 -1.13
C GLU A 21 2.65 -5.35 0.06
N ALA A 22 2.70 -4.29 0.87
CA ALA A 22 1.91 -4.13 2.09
C ALA A 22 0.41 -4.11 1.80
N ILE A 23 0.03 -3.90 0.54
CA ILE A 23 -1.34 -4.06 0.09
C ILE A 23 -1.59 -5.54 -0.19
N SER A 24 -0.75 -6.18 -1.02
CA SER A 24 -0.85 -7.59 -1.38
C SER A 24 -1.02 -8.49 -0.15
N VAL A 25 -0.21 -8.31 0.90
CA VAL A 25 -0.35 -9.08 2.14
C VAL A 25 -1.80 -9.02 2.65
N VAL A 26 -2.29 -7.83 2.96
CA VAL A 26 -3.62 -7.53 3.49
C VAL A 26 -4.69 -8.13 2.57
N MET A 27 -4.61 -7.88 1.27
CA MET A 27 -5.58 -8.34 0.29
C MET A 27 -5.68 -9.87 0.32
N SER A 28 -4.55 -10.53 0.15
CA SER A 28 -4.44 -11.97 0.11
C SER A 28 -4.65 -12.62 1.50
N GLY A 29 -4.86 -11.84 2.57
CA GLY A 29 -5.22 -12.39 3.87
C GLY A 29 -4.01 -12.75 4.70
N LYS A 30 -2.82 -12.21 4.36
CA LYS A 30 -1.60 -12.49 5.10
C LYS A 30 -1.65 -11.79 6.44
N MET A 31 -2.41 -10.69 6.53
CA MET A 31 -2.65 -9.91 7.73
C MET A 31 -3.82 -8.95 7.48
N SER A 32 -4.02 -8.01 8.41
CA SER A 32 -4.99 -6.91 8.30
C SER A 32 -4.21 -5.59 8.20
N VAL A 33 -4.88 -4.48 7.90
CA VAL A 33 -4.21 -3.19 7.70
C VAL A 33 -3.30 -2.89 8.88
N SER A 34 -3.79 -2.85 10.11
CA SER A 34 -2.98 -2.31 11.21
C SER A 34 -1.70 -3.10 11.43
N LYS A 35 -1.77 -4.42 11.18
CA LYS A 35 -0.61 -5.29 11.16
C LYS A 35 0.35 -4.83 10.06
N ALA A 36 0.05 -5.04 8.77
CA ALA A 36 0.94 -4.65 7.68
C ALA A 36 1.44 -3.22 7.74
N GLN A 37 0.59 -2.25 8.08
CA GLN A 37 0.96 -0.88 8.38
C GLN A 37 2.21 -0.88 9.25
N SER A 38 2.16 -1.55 10.40
CA SER A 38 3.28 -1.50 11.33
C SER A 38 4.44 -2.39 10.87
N ILE A 39 4.18 -3.44 10.08
CA ILE A 39 5.23 -4.32 9.56
C ILE A 39 6.06 -3.54 8.53
N TYR A 40 5.43 -3.08 7.46
CA TYR A 40 6.03 -2.41 6.31
C TYR A 40 6.30 -0.94 6.62
N GLY A 41 5.76 -0.40 7.71
CA GLY A 41 5.96 0.97 8.16
C GLY A 41 5.16 1.97 7.34
N ILE A 42 3.99 1.60 6.82
CA ILE A 42 3.13 2.48 6.05
C ILE A 42 2.18 3.14 7.06
N PRO A 43 1.67 4.36 6.83
CA PRO A 43 0.63 4.94 7.68
C PRO A 43 -0.66 4.13 7.60
N HIS A 44 -1.48 4.14 8.65
CA HIS A 44 -2.77 3.45 8.63
C HIS A 44 -3.69 4.11 7.62
N SER A 45 -3.82 5.43 7.70
CA SER A 45 -4.70 6.22 6.85
C SER A 45 -4.36 6.02 5.38
N THR A 46 -3.06 6.01 5.04
CA THR A 46 -2.63 5.77 3.69
C THR A 46 -2.89 4.31 3.30
N LEU A 47 -2.46 3.32 4.11
CA LEU A 47 -2.58 1.91 3.79
C LEU A 47 -4.03 1.52 3.57
N GLU A 48 -4.95 1.94 4.45
CA GLU A 48 -6.40 1.78 4.29
C GLU A 48 -6.78 2.19 2.87
N TYR A 49 -6.67 3.48 2.57
CA TYR A 49 -7.07 4.06 1.30
C TYR A 49 -6.48 3.26 0.13
N LYS A 50 -5.19 2.98 0.17
CA LYS A 50 -4.44 2.39 -0.91
C LYS A 50 -4.80 0.91 -1.15
N VAL A 51 -5.05 0.14 -0.08
CA VAL A 51 -5.69 -1.17 -0.19
C VAL A 51 -7.04 -0.99 -0.88
N LYS A 52 -7.88 -0.12 -0.32
CA LYS A 52 -9.30 0.05 -0.63
C LYS A 52 -9.51 0.57 -2.04
N GLU A 53 -8.50 1.23 -2.59
CA GLU A 53 -8.31 1.59 -3.97
C GLU A 53 -8.14 0.32 -4.80
N ARG A 54 -7.00 -0.37 -4.70
CA ARG A 54 -6.69 -1.47 -5.60
C ARG A 54 -7.61 -2.69 -5.41
N LEU A 55 -8.39 -2.70 -4.32
CA LEU A 55 -9.55 -3.54 -4.08
C LEU A 55 -10.63 -3.41 -5.16
N GLY A 56 -10.53 -2.47 -6.10
CA GLY A 56 -11.41 -2.42 -7.25
C GLY A 56 -12.55 -1.41 -7.09
N THR A 57 -12.47 -0.50 -6.13
CA THR A 57 -13.32 0.70 -6.10
C THR A 57 -13.13 1.54 -7.37
N LEU A 58 -11.99 1.34 -8.02
CA LEU A 58 -11.48 2.09 -9.16
C LEU A 58 -12.35 1.83 -10.38
N LYS A 59 -12.46 2.80 -11.30
CA LYS A 59 -13.30 2.62 -12.49
C LYS A 59 -12.49 1.90 -13.57
N ASN A 60 -11.97 0.70 -13.27
CA ASN A 60 -11.32 -0.14 -14.28
C ASN A 60 -11.92 -1.53 -14.35
N PRO A 61 -13.21 -1.66 -14.73
CA PRO A 61 -13.78 -2.97 -15.08
C PRO A 61 -13.09 -3.51 -16.34
N PRO A 62 -13.19 -4.83 -16.60
CA PRO A 62 -12.55 -5.47 -17.74
C PRO A 62 -13.10 -4.91 -19.06
N LYS A 63 -12.24 -4.31 -19.89
CA LYS A 63 -12.55 -3.99 -21.28
C LYS A 63 -11.29 -3.89 -22.16
N LYS A 64 -10.10 -4.27 -21.69
CA LYS A 64 -8.83 -4.08 -22.41
C LYS A 64 -7.72 -4.97 -21.82
N LYS A 65 -6.48 -4.80 -22.29
CA LYS A 65 -5.26 -5.24 -21.64
C LYS A 65 -5.22 -4.68 -20.21
N MET A 66 -4.83 -5.49 -19.22
CA MET A 66 -4.90 -5.18 -17.79
C MET A 66 -3.53 -5.39 -17.13
N LYS A 67 -3.39 -5.06 -15.84
CA LYS A 67 -2.28 -5.59 -15.04
C LYS A 67 -2.37 -7.12 -15.05
N LEU A 68 -1.23 -7.81 -15.01
CA LEU A 68 -1.16 -9.25 -15.20
C LEU A 68 -1.94 -9.96 -14.09
N MET A 69 -1.55 -9.71 -12.83
CA MET A 69 -2.12 -10.29 -11.62
C MET A 69 -2.09 -11.82 -11.61
N ARG A 70 -2.63 -12.44 -10.56
CA ARG A 70 -2.91 -13.87 -10.54
C ARG A 70 -3.96 -14.16 -11.59
N GLY A 1 19.97 -8.49 12.55
CA GLY A 1 20.63 -7.81 11.42
C GLY A 1 22.10 -7.64 11.69
N SER A 2 22.63 -6.43 11.48
CA SER A 2 23.95 -6.02 11.94
C SER A 2 23.77 -4.88 12.95
N SER A 3 23.13 -3.78 12.52
CA SER A 3 23.29 -2.48 13.17
C SER A 3 24.79 -2.10 13.26
N GLY A 4 25.13 -1.04 13.98
CA GLY A 4 26.50 -0.55 14.10
C GLY A 4 27.01 0.10 12.81
N SER A 5 28.31 0.36 12.75
CA SER A 5 29.02 1.04 11.66
C SER A 5 28.60 2.51 11.57
N SER A 6 27.37 2.81 11.16
CA SER A 6 26.77 4.14 11.32
C SER A 6 25.25 4.07 11.55
N GLY A 7 24.60 2.93 11.33
CA GLY A 7 23.20 2.73 11.68
C GLY A 7 22.34 2.78 10.43
N ARG A 8 22.07 1.60 9.84
CA ARG A 8 21.26 1.46 8.64
C ARG A 8 19.85 2.00 8.86
N GLY A 9 19.57 3.19 8.33
CA GLY A 9 18.26 3.81 8.34
C GLY A 9 18.32 5.27 8.79
N ARG A 10 17.24 6.02 8.56
CA ARG A 10 17.05 7.40 8.96
C ARG A 10 15.55 7.74 8.88
N TYR A 11 14.96 7.58 7.70
CA TYR A 11 13.55 7.92 7.43
C TYR A 11 12.71 6.64 7.38
N ARG A 12 11.37 6.78 7.31
CA ARG A 12 10.44 5.67 7.14
C ARG A 12 9.52 5.91 5.95
N GLN A 13 10.09 6.25 4.78
CA GLN A 13 9.31 6.47 3.58
C GLN A 13 9.57 5.30 2.63
N TYR A 14 8.55 4.43 2.56
CA TYR A 14 8.47 3.19 1.82
C TYR A 14 8.61 3.42 0.31
N ASN A 15 9.16 2.46 -0.43
CA ASN A 15 9.21 2.53 -1.88
C ASN A 15 7.79 2.38 -2.44
N SER A 16 7.52 2.83 -3.66
CA SER A 16 6.25 2.59 -4.33
C SER A 16 5.99 1.11 -4.63
N GLU A 17 7.05 0.30 -4.55
CA GLU A 17 7.01 -1.15 -4.49
C GLU A 17 6.41 -1.56 -3.15
N ILE A 18 7.11 -1.25 -2.04
CA ILE A 18 6.81 -1.61 -0.65
C ILE A 18 5.35 -1.33 -0.28
N LEU A 19 4.78 -0.22 -0.77
CA LEU A 19 3.39 0.07 -0.51
C LEU A 19 2.48 -1.01 -1.11
N GLU A 20 2.69 -1.35 -2.37
CA GLU A 20 1.96 -2.38 -3.08
C GLU A 20 2.18 -3.73 -2.42
N GLU A 21 3.39 -4.03 -1.96
CA GLU A 21 3.70 -5.23 -1.20
C GLU A 21 2.75 -5.35 -0.01
N ALA A 22 2.76 -4.33 0.84
CA ALA A 22 1.96 -4.27 2.04
C ALA A 22 0.46 -4.21 1.77
N ILE A 23 0.07 -3.91 0.53
CA ILE A 23 -1.32 -4.02 0.10
C ILE A 23 -1.58 -5.48 -0.24
N SER A 24 -0.73 -6.08 -1.06
CA SER A 24 -0.78 -7.45 -1.50
C SER A 24 -0.97 -8.43 -0.33
N VAL A 25 -0.18 -8.33 0.73
CA VAL A 25 -0.31 -9.19 1.91
C VAL A 25 -1.75 -9.15 2.43
N VAL A 26 -2.23 -7.97 2.81
CA VAL A 26 -3.56 -7.76 3.38
C VAL A 26 -4.65 -8.21 2.40
N MET A 27 -4.54 -7.92 1.10
CA MET A 27 -5.48 -8.38 0.09
C MET A 27 -5.56 -9.91 0.04
N SER A 28 -4.43 -10.59 0.18
CA SER A 28 -4.36 -12.04 0.30
C SER A 28 -4.62 -12.54 1.73
N GLY A 29 -5.09 -11.68 2.64
CA GLY A 29 -5.46 -12.07 3.99
C GLY A 29 -4.26 -12.30 4.91
N LYS A 30 -3.03 -12.04 4.45
CA LYS A 30 -1.79 -12.43 5.13
C LYS A 30 -1.63 -11.70 6.45
N MET A 31 -2.27 -10.55 6.57
CA MET A 31 -2.45 -9.82 7.80
C MET A 31 -3.59 -8.83 7.58
N SER A 32 -3.83 -7.91 8.51
CA SER A 32 -4.90 -6.91 8.44
C SER A 32 -4.28 -5.51 8.44
N VAL A 33 -5.06 -4.45 8.21
CA VAL A 33 -4.54 -3.09 8.00
C VAL A 33 -3.94 -2.45 9.27
N SER A 34 -4.05 -3.02 10.47
CA SER A 34 -3.21 -2.59 11.61
C SER A 34 -1.86 -3.30 11.75
N LYS A 35 -1.65 -4.38 11.01
CA LYS A 35 -0.47 -5.22 11.12
C LYS A 35 0.62 -4.78 10.14
N ALA A 36 0.41 -5.05 8.84
CA ALA A 36 1.22 -4.60 7.72
C ALA A 36 1.72 -3.16 7.85
N GLN A 37 0.91 -2.24 8.37
CA GLN A 37 1.21 -0.84 8.61
C GLN A 37 2.53 -0.79 9.36
N SER A 38 2.54 -1.39 10.55
CA SER A 38 3.68 -1.38 11.43
C SER A 38 4.85 -2.14 10.78
N ILE A 39 4.56 -3.23 10.04
CA ILE A 39 5.54 -4.11 9.41
C ILE A 39 6.32 -3.35 8.33
N TYR A 40 5.62 -3.01 7.25
CA TYR A 40 6.13 -2.43 6.03
C TYR A 40 6.47 -0.94 6.23
N GLY A 41 5.97 -0.33 7.30
CA GLY A 41 6.30 1.04 7.68
C GLY A 41 5.35 2.04 7.04
N ILE A 42 4.13 1.62 6.71
CA ILE A 42 3.13 2.42 6.01
C ILE A 42 2.16 3.00 7.05
N PRO A 43 1.70 4.26 6.91
CA PRO A 43 0.61 4.79 7.72
C PRO A 43 -0.70 4.04 7.48
N HIS A 44 -1.50 3.85 8.53
CA HIS A 44 -2.78 3.12 8.45
C HIS A 44 -3.77 3.85 7.55
N SER A 45 -3.92 5.18 7.68
CA SER A 45 -4.88 5.93 6.87
C SER A 45 -4.54 5.81 5.40
N THR A 46 -3.25 5.79 5.05
CA THR A 46 -2.80 5.51 3.70
C THR A 46 -3.14 4.08 3.32
N LEU A 47 -2.66 3.10 4.09
CA LEU A 47 -2.81 1.69 3.78
C LEU A 47 -4.27 1.36 3.50
N GLU A 48 -5.20 1.76 4.38
CA GLU A 48 -6.64 1.59 4.17
C GLU A 48 -7.03 2.10 2.78
N TYR A 49 -6.91 3.41 2.55
CA TYR A 49 -7.28 4.05 1.29
C TYR A 49 -6.70 3.26 0.12
N LYS A 50 -5.40 2.98 0.17
CA LYS A 50 -4.66 2.37 -0.91
C LYS A 50 -5.14 0.94 -1.19
N VAL A 51 -5.49 0.16 -0.17
CA VAL A 51 -6.17 -1.13 -0.33
C VAL A 51 -7.53 -0.90 -0.99
N LYS A 52 -8.35 -0.03 -0.42
CA LYS A 52 -9.75 0.24 -0.81
C LYS A 52 -9.86 0.76 -2.23
N GLU A 53 -8.80 1.37 -2.71
CA GLU A 53 -8.57 1.86 -4.05
C GLU A 53 -8.08 0.71 -4.95
N ARG A 54 -6.97 0.05 -4.59
CA ARG A 54 -6.39 -1.04 -5.39
C ARG A 54 -7.31 -2.26 -5.49
N LEU A 55 -8.31 -2.40 -4.62
CA LEU A 55 -9.36 -3.43 -4.63
C LEU A 55 -10.16 -3.48 -5.93
N GLY A 56 -9.87 -2.61 -6.90
CA GLY A 56 -10.43 -2.67 -8.22
C GLY A 56 -11.56 -1.67 -8.39
N THR A 57 -11.64 -0.68 -7.49
CA THR A 57 -12.58 0.42 -7.62
C THR A 57 -12.18 1.31 -8.78
N LEU A 58 -10.85 1.52 -8.93
CA LEU A 58 -10.13 2.41 -9.83
C LEU A 58 -10.75 2.39 -11.23
N LYS A 59 -11.72 3.27 -11.46
CA LYS A 59 -12.55 3.41 -12.67
C LYS A 59 -12.91 2.05 -13.26
N ASN A 60 -13.43 1.17 -12.41
CA ASN A 60 -13.97 -0.14 -12.78
C ASN A 60 -15.26 -0.31 -11.99
N PRO A 61 -16.41 0.19 -12.48
CA PRO A 61 -17.70 0.00 -11.84
C PRO A 61 -18.19 -1.43 -12.08
N PRO A 62 -18.28 -2.30 -11.05
CA PRO A 62 -18.63 -3.70 -11.24
C PRO A 62 -20.14 -3.83 -11.53
N LYS A 63 -20.98 -3.97 -10.50
CA LYS A 63 -22.44 -3.97 -10.61
C LYS A 63 -23.08 -3.17 -9.49
N LYS A 64 -22.54 -1.99 -9.13
CA LYS A 64 -23.25 -0.98 -8.33
C LYS A 64 -22.86 0.40 -8.80
N LYS A 65 -23.81 1.35 -8.84
CA LYS A 65 -23.48 2.77 -8.93
C LYS A 65 -22.64 3.20 -7.73
N MET A 66 -22.02 4.37 -7.80
CA MET A 66 -21.18 4.92 -6.74
C MET A 66 -22.04 5.42 -5.58
N LYS A 67 -21.40 5.77 -4.46
CA LYS A 67 -21.99 6.62 -3.44
C LYS A 67 -20.91 7.47 -2.80
N LEU A 68 -21.30 8.60 -2.21
CA LEU A 68 -20.41 9.46 -1.44
C LEU A 68 -20.55 9.08 0.03
N MET A 69 -21.45 9.73 0.78
CA MET A 69 -21.58 9.55 2.22
C MET A 69 -23.06 9.78 2.59
N ARG A 70 -23.51 9.20 3.71
CA ARG A 70 -24.90 9.18 4.16
C ARG A 70 -25.84 8.68 3.07
N GLY A 1 19.10 -15.76 16.72
CA GLY A 1 17.83 -15.18 17.18
C GLY A 1 17.99 -13.71 17.45
N SER A 2 16.89 -12.94 17.42
CA SER A 2 16.83 -11.49 17.61
C SER A 2 17.54 -10.71 16.49
N SER A 3 18.85 -10.89 16.35
CA SER A 3 19.73 -10.31 15.36
C SER A 3 19.67 -8.78 15.37
N GLY A 4 20.51 -8.17 16.22
CA GLY A 4 20.72 -6.74 16.24
C GLY A 4 21.36 -6.32 14.92
N SER A 5 20.54 -5.83 13.98
CA SER A 5 20.92 -5.63 12.58
C SER A 5 21.04 -4.14 12.23
N SER A 6 20.66 -3.24 13.15
CA SER A 6 20.98 -1.81 13.17
C SER A 6 21.10 -1.16 11.78
N GLY A 7 20.00 -1.11 11.02
CA GLY A 7 19.99 -0.50 9.70
C GLY A 7 18.92 0.58 9.67
N ARG A 8 17.81 0.30 8.99
CA ARG A 8 16.76 1.28 8.72
C ARG A 8 16.14 1.76 10.04
N GLY A 9 16.36 3.01 10.41
CA GLY A 9 15.72 3.67 11.55
C GLY A 9 15.41 5.13 11.22
N ARG A 10 14.71 5.82 12.13
CA ARG A 10 14.23 7.20 11.98
C ARG A 10 13.41 7.39 10.70
N TYR A 11 14.01 7.88 9.62
CA TYR A 11 13.30 7.96 8.33
C TYR A 11 12.93 6.56 7.88
N ARG A 12 11.94 6.43 6.99
CA ARG A 12 11.47 5.13 6.52
C ARG A 12 10.91 5.22 5.10
N GLN A 13 10.12 6.27 4.82
CA GLN A 13 9.58 6.69 3.53
C GLN A 13 9.45 5.52 2.56
N TYR A 14 8.38 4.73 2.74
CA TYR A 14 8.18 3.48 2.03
C TYR A 14 8.37 3.67 0.52
N ASN A 15 9.10 2.78 -0.13
CA ASN A 15 9.26 2.82 -1.58
C ASN A 15 7.90 2.58 -2.22
N SER A 16 7.73 3.01 -3.47
CA SER A 16 6.48 2.82 -4.20
C SER A 16 6.09 1.34 -4.32
N GLU A 17 7.07 0.43 -4.29
CA GLU A 17 6.84 -1.01 -4.32
C GLU A 17 6.60 -1.59 -2.94
N ILE A 18 7.21 -1.04 -1.87
CA ILE A 18 6.93 -1.47 -0.48
C ILE A 18 5.44 -1.34 -0.22
N LEU A 19 4.83 -0.28 -0.74
CA LEU A 19 3.41 -0.06 -0.63
C LEU A 19 2.63 -1.23 -1.23
N GLU A 20 2.99 -1.62 -2.45
CA GLU A 20 2.32 -2.67 -3.19
C GLU A 20 2.44 -4.01 -2.48
N GLU A 21 3.59 -4.33 -1.89
CA GLU A 21 3.80 -5.48 -1.04
C GLU A 21 2.79 -5.51 0.10
N ALA A 22 2.78 -4.43 0.88
CA ALA A 22 1.97 -4.29 2.09
C ALA A 22 0.48 -4.25 1.78
N ILE A 23 0.11 -4.00 0.53
CA ILE A 23 -1.26 -4.11 0.08
C ILE A 23 -1.52 -5.57 -0.25
N SER A 24 -0.66 -6.20 -1.06
CA SER A 24 -0.76 -7.60 -1.44
C SER A 24 -1.01 -8.52 -0.24
N VAL A 25 -0.20 -8.45 0.81
CA VAL A 25 -0.41 -9.21 2.05
C VAL A 25 -1.86 -9.06 2.54
N VAL A 26 -2.30 -7.84 2.82
CA VAL A 26 -3.62 -7.50 3.35
C VAL A 26 -4.74 -7.98 2.41
N MET A 27 -4.63 -7.75 1.09
CA MET A 27 -5.60 -8.21 0.11
C MET A 27 -5.77 -9.71 0.20
N SER A 28 -4.66 -10.43 0.07
CA SER A 28 -4.57 -11.87 0.19
C SER A 28 -4.88 -12.37 1.63
N GLY A 29 -5.19 -11.49 2.59
CA GLY A 29 -5.62 -11.82 3.94
C GLY A 29 -4.48 -12.28 4.84
N LYS A 30 -3.23 -12.01 4.48
CA LYS A 30 -2.07 -12.51 5.22
C LYS A 30 -1.94 -11.79 6.55
N MET A 31 -2.36 -10.53 6.67
CA MET A 31 -2.30 -9.70 7.87
C MET A 31 -3.44 -8.69 7.79
N SER A 32 -3.71 -7.98 8.88
CA SER A 32 -4.61 -6.85 8.86
C SER A 32 -3.92 -5.65 8.22
N VAL A 33 -4.68 -4.61 7.86
CA VAL A 33 -4.16 -3.26 7.57
C VAL A 33 -3.23 -2.87 8.72
N SER A 34 -3.74 -2.86 9.96
CA SER A 34 -2.98 -2.41 11.12
C SER A 34 -1.64 -3.13 11.26
N LYS A 35 -1.63 -4.43 11.00
CA LYS A 35 -0.43 -5.25 11.10
C LYS A 35 0.57 -4.78 10.03
N ALA A 36 0.27 -4.99 8.75
CA ALA A 36 1.11 -4.53 7.65
C ALA A 36 1.52 -3.07 7.68
N GLN A 37 0.67 -2.14 8.08
CA GLN A 37 1.06 -0.76 8.34
C GLN A 37 2.37 -0.76 9.14
N SER A 38 2.38 -1.46 10.27
CA SER A 38 3.50 -1.41 11.19
C SER A 38 4.69 -2.19 10.59
N ILE A 39 4.46 -3.36 9.99
CA ILE A 39 5.52 -4.20 9.42
C ILE A 39 6.24 -3.44 8.30
N TYR A 40 5.47 -2.89 7.37
CA TYR A 40 5.94 -2.36 6.12
C TYR A 40 6.40 -0.91 6.27
N GLY A 41 5.87 -0.17 7.26
CA GLY A 41 6.23 1.21 7.53
C GLY A 41 5.26 2.20 6.88
N ILE A 42 4.05 1.74 6.54
CA ILE A 42 3.03 2.52 5.86
C ILE A 42 2.16 3.20 6.93
N PRO A 43 1.67 4.43 6.74
CA PRO A 43 0.63 5.01 7.58
C PRO A 43 -0.68 4.23 7.46
N HIS A 44 -1.40 4.02 8.56
CA HIS A 44 -2.59 3.17 8.59
C HIS A 44 -3.65 3.67 7.63
N SER A 45 -4.11 4.91 7.80
CA SER A 45 -5.19 5.43 6.97
C SER A 45 -4.80 5.48 5.50
N THR A 46 -3.50 5.63 5.19
CA THR A 46 -3.05 5.58 3.81
C THR A 46 -3.12 4.15 3.30
N LEU A 47 -2.53 3.17 4.00
CA LEU A 47 -2.62 1.76 3.65
C LEU A 47 -4.07 1.38 3.41
N GLU A 48 -4.97 1.69 4.35
CA GLU A 48 -6.38 1.37 4.23
C GLU A 48 -6.92 1.91 2.91
N TYR A 49 -6.80 3.23 2.68
CA TYR A 49 -7.21 3.91 1.45
C TYR A 49 -6.66 3.18 0.22
N LYS A 50 -5.38 2.84 0.23
CA LYS A 50 -4.67 2.31 -0.91
C LYS A 50 -5.14 0.89 -1.21
N VAL A 51 -5.38 0.07 -0.19
CA VAL A 51 -6.03 -1.24 -0.32
C VAL A 51 -7.41 -1.02 -0.95
N LYS A 52 -8.24 -0.14 -0.39
CA LYS A 52 -9.62 0.13 -0.77
C LYS A 52 -9.73 0.62 -2.21
N GLU A 53 -8.70 1.33 -2.66
CA GLU A 53 -8.57 1.81 -4.02
C GLU A 53 -8.24 0.63 -4.93
N ARG A 54 -7.14 -0.07 -4.62
CA ARG A 54 -6.66 -1.18 -5.45
C ARG A 54 -7.63 -2.37 -5.42
N LEU A 55 -8.56 -2.41 -4.47
CA LEU A 55 -9.73 -3.31 -4.43
C LEU A 55 -10.68 -3.07 -5.62
N GLY A 56 -10.44 -2.06 -6.47
CA GLY A 56 -11.02 -1.96 -7.79
C GLY A 56 -11.86 -0.70 -8.02
N THR A 57 -12.01 0.18 -7.03
CA THR A 57 -12.78 1.42 -7.17
C THR A 57 -12.20 2.29 -8.28
N LEU A 58 -10.87 2.32 -8.36
CA LEU A 58 -10.02 3.02 -9.32
C LEU A 58 -10.62 3.00 -10.72
N LYS A 59 -10.46 1.90 -11.46
CA LYS A 59 -11.06 1.67 -12.78
C LYS A 59 -11.02 0.18 -13.04
N ASN A 60 -11.97 -0.55 -12.49
CA ASN A 60 -12.26 -1.93 -12.84
C ASN A 60 -13.75 -2.20 -12.55
N PRO A 61 -14.67 -1.72 -13.40
CA PRO A 61 -16.10 -1.87 -13.16
C PRO A 61 -16.49 -3.35 -13.27
N PRO A 62 -17.08 -3.96 -12.22
CA PRO A 62 -17.52 -5.35 -12.28
C PRO A 62 -18.86 -5.43 -13.03
N LYS A 63 -18.86 -5.94 -14.26
CA LYS A 63 -20.06 -6.23 -15.05
C LYS A 63 -19.82 -7.50 -15.87
N LYS A 64 -20.69 -8.52 -15.77
CA LYS A 64 -20.67 -9.71 -16.61
C LYS A 64 -22.08 -10.30 -16.69
N LYS A 65 -22.39 -11.35 -15.91
CA LYS A 65 -23.71 -11.97 -15.87
C LYS A 65 -24.70 -10.90 -15.43
N MET A 66 -25.82 -10.83 -16.14
CA MET A 66 -26.64 -9.63 -16.23
C MET A 66 -27.40 -9.47 -14.92
N LYS A 67 -26.95 -8.55 -14.08
CA LYS A 67 -27.67 -8.26 -12.85
C LYS A 67 -29.00 -7.61 -13.21
N LEU A 68 -30.08 -8.03 -12.55
CA LEU A 68 -31.36 -7.31 -12.63
C LEU A 68 -31.21 -6.02 -11.82
N MET A 69 -30.76 -6.13 -10.57
CA MET A 69 -30.55 -5.00 -9.68
C MET A 69 -29.37 -5.32 -8.74
N ARG A 70 -28.60 -4.28 -8.39
CA ARG A 70 -27.38 -4.29 -7.59
C ARG A 70 -26.50 -5.49 -7.90
N GLY A 1 15.05 15.75 7.85
CA GLY A 1 15.82 15.88 6.61
C GLY A 1 16.90 16.94 6.77
N SER A 2 16.73 18.09 6.09
CA SER A 2 17.63 19.24 6.06
C SER A 2 19.10 18.83 5.91
N SER A 3 19.56 18.76 4.66
CA SER A 3 20.86 18.22 4.25
C SER A 3 21.05 16.77 4.75
N GLY A 4 22.23 16.19 4.57
CA GLY A 4 22.48 14.82 4.97
C GLY A 4 23.92 14.42 4.72
N SER A 5 24.87 15.15 5.33
CA SER A 5 26.29 14.83 5.25
C SER A 5 26.52 13.43 5.83
N SER A 6 26.21 13.21 7.11
CA SER A 6 26.34 11.92 7.78
C SER A 6 25.36 10.85 7.27
N GLY A 7 24.54 11.17 6.27
CA GLY A 7 23.49 10.30 5.75
C GLY A 7 22.33 10.22 6.74
N ARG A 8 22.34 9.22 7.62
CA ARG A 8 21.31 8.90 8.62
C ARG A 8 19.87 9.07 8.09
N GLY A 9 19.23 10.22 8.32
CA GLY A 9 17.81 10.44 8.12
C GLY A 9 17.56 11.48 7.03
N ARG A 10 17.39 11.03 5.77
CA ARG A 10 16.96 11.90 4.68
C ARG A 10 15.47 12.22 4.83
N TYR A 11 14.65 11.17 4.76
CA TYR A 11 13.20 11.19 4.77
C TYR A 11 12.75 10.03 5.65
N ARG A 12 13.03 8.79 5.21
CA ARG A 12 12.64 7.52 5.82
C ARG A 12 11.17 7.29 5.54
N GLN A 13 10.85 6.59 4.46
CA GLN A 13 9.49 6.31 4.07
C GLN A 13 9.46 4.93 3.40
N TYR A 14 8.42 4.63 2.62
CA TYR A 14 8.27 3.39 1.90
C TYR A 14 8.52 3.65 0.42
N ASN A 15 9.24 2.73 -0.23
CA ASN A 15 9.44 2.74 -1.67
C ASN A 15 8.10 2.48 -2.36
N SER A 16 7.95 2.88 -3.62
CA SER A 16 6.69 2.68 -4.35
C SER A 16 6.37 1.22 -4.66
N GLU A 17 7.30 0.32 -4.36
CA GLU A 17 7.09 -1.12 -4.39
C GLU A 17 6.50 -1.54 -3.04
N ILE A 18 7.13 -1.11 -1.94
CA ILE A 18 6.81 -1.46 -0.55
C ILE A 18 5.34 -1.22 -0.26
N LEU A 19 4.77 -0.14 -0.77
CA LEU A 19 3.36 0.15 -0.57
C LEU A 19 2.49 -0.98 -1.15
N GLU A 20 2.79 -1.39 -2.37
CA GLU A 20 2.05 -2.42 -3.08
C GLU A 20 2.27 -3.79 -2.44
N GLU A 21 3.46 -4.07 -1.92
CA GLU A 21 3.75 -5.24 -1.11
C GLU A 21 2.77 -5.33 0.05
N ALA A 22 2.77 -4.26 0.85
CA ALA A 22 1.97 -4.11 2.07
C ALA A 22 0.47 -4.10 1.81
N ILE A 23 0.07 -3.93 0.55
CA ILE A 23 -1.32 -4.08 0.13
C ILE A 23 -1.55 -5.55 -0.21
N SER A 24 -0.67 -6.15 -1.02
CA SER A 24 -0.74 -7.54 -1.46
C SER A 24 -0.87 -8.50 -0.27
N VAL A 25 -0.11 -8.28 0.82
CA VAL A 25 -0.25 -9.05 2.05
C VAL A 25 -1.71 -9.02 2.54
N VAL A 26 -2.24 -7.85 2.87
CA VAL A 26 -3.60 -7.65 3.37
C VAL A 26 -4.61 -8.29 2.42
N MET A 27 -4.52 -7.97 1.12
CA MET A 27 -5.42 -8.49 0.09
C MET A 27 -5.44 -10.01 0.08
N SER A 28 -4.27 -10.66 0.12
CA SER A 28 -4.17 -12.12 0.14
C SER A 28 -4.51 -12.73 1.52
N GLY A 29 -4.74 -11.93 2.56
CA GLY A 29 -5.10 -12.46 3.88
C GLY A 29 -3.89 -12.78 4.74
N LYS A 30 -2.74 -12.15 4.45
CA LYS A 30 -1.53 -12.38 5.21
C LYS A 30 -1.65 -11.72 6.58
N MET A 31 -2.40 -10.61 6.65
CA MET A 31 -2.59 -9.82 7.86
C MET A 31 -3.75 -8.84 7.68
N SER A 32 -4.05 -8.03 8.71
CA SER A 32 -4.95 -6.88 8.63
C SER A 32 -4.21 -5.62 8.21
N VAL A 33 -4.93 -4.53 7.91
CA VAL A 33 -4.34 -3.22 7.63
C VAL A 33 -3.42 -2.79 8.77
N SER A 34 -3.90 -2.69 10.01
CA SER A 34 -3.06 -2.19 11.12
C SER A 34 -1.83 -3.07 11.42
N LYS A 35 -1.86 -4.34 10.98
CA LYS A 35 -0.73 -5.21 11.06
C LYS A 35 0.27 -4.80 9.97
N ALA A 36 -0.01 -5.04 8.69
CA ALA A 36 0.86 -4.64 7.58
C ALA A 36 1.37 -3.21 7.67
N GLN A 37 0.56 -2.23 8.08
CA GLN A 37 1.02 -0.88 8.36
C GLN A 37 2.30 -0.94 9.17
N SER A 38 2.26 -1.62 10.31
CA SER A 38 3.37 -1.67 11.23
C SER A 38 4.53 -2.54 10.66
N ILE A 39 4.21 -3.58 9.87
CA ILE A 39 5.20 -4.50 9.28
C ILE A 39 5.99 -3.84 8.14
N TYR A 40 5.37 -2.90 7.42
CA TYR A 40 5.89 -2.27 6.20
C TYR A 40 6.19 -0.78 6.39
N GLY A 41 5.76 -0.21 7.50
CA GLY A 41 6.03 1.16 7.89
C GLY A 41 5.14 2.15 7.16
N ILE A 42 3.98 1.71 6.68
CA ILE A 42 3.06 2.52 5.89
C ILE A 42 2.12 3.18 6.91
N PRO A 43 1.75 4.47 6.77
CA PRO A 43 0.67 5.04 7.56
C PRO A 43 -0.60 4.21 7.38
N HIS A 44 -1.33 3.93 8.46
CA HIS A 44 -2.58 3.19 8.37
C HIS A 44 -3.55 3.96 7.46
N SER A 45 -3.66 5.27 7.61
CA SER A 45 -4.53 6.11 6.78
C SER A 45 -4.01 6.30 5.34
N THR A 46 -2.80 5.85 4.99
CA THR A 46 -2.48 5.55 3.60
C THR A 46 -2.96 4.14 3.26
N LEU A 47 -2.53 3.14 4.01
CA LEU A 47 -2.72 1.74 3.71
C LEU A 47 -4.19 1.40 3.52
N GLU A 48 -5.09 1.91 4.38
CA GLU A 48 -6.53 1.77 4.22
C GLU A 48 -6.90 2.22 2.80
N TYR A 49 -6.80 3.52 2.55
CA TYR A 49 -7.17 4.18 1.29
C TYR A 49 -6.66 3.38 0.12
N LYS A 50 -5.39 2.97 0.17
CA LYS A 50 -4.70 2.30 -0.90
C LYS A 50 -5.24 0.88 -1.12
N VAL A 51 -5.40 0.05 -0.09
CA VAL A 51 -6.05 -1.25 -0.19
C VAL A 51 -7.45 -1.06 -0.79
N LYS A 52 -8.21 -0.15 -0.21
CA LYS A 52 -9.63 0.13 -0.50
C LYS A 52 -9.81 0.61 -1.92
N GLU A 53 -8.83 1.33 -2.45
CA GLU A 53 -8.78 1.75 -3.83
C GLU A 53 -8.49 0.54 -4.72
N ARG A 54 -7.37 -0.15 -4.44
CA ARG A 54 -6.90 -1.26 -5.25
C ARG A 54 -7.89 -2.42 -5.28
N LEU A 55 -8.81 -2.50 -4.32
CA LEU A 55 -9.94 -3.41 -4.32
C LEU A 55 -10.90 -3.21 -5.49
N GLY A 56 -10.76 -2.17 -6.31
CA GLY A 56 -11.46 -2.06 -7.58
C GLY A 56 -12.35 -0.83 -7.70
N THR A 57 -12.28 0.11 -6.74
CA THR A 57 -12.96 1.39 -6.92
C THR A 57 -12.22 2.29 -7.93
N LEU A 58 -11.05 1.87 -8.39
CA LEU A 58 -10.26 2.51 -9.42
C LEU A 58 -10.91 2.17 -10.76
N LYS A 59 -11.49 3.16 -11.43
CA LYS A 59 -12.16 2.95 -12.71
C LYS A 59 -11.14 2.49 -13.76
N ASN A 60 -11.68 1.92 -14.85
CA ASN A 60 -10.94 1.40 -16.01
C ASN A 60 -9.66 0.66 -15.61
N PRO A 61 -9.79 -0.50 -14.94
CA PRO A 61 -8.65 -1.25 -14.45
C PRO A 61 -7.92 -2.01 -15.58
N PRO A 62 -6.72 -2.53 -15.29
CA PRO A 62 -6.04 -3.51 -16.13
C PRO A 62 -6.80 -4.84 -16.16
N LYS A 63 -6.38 -5.75 -17.04
CA LYS A 63 -6.83 -7.14 -17.00
C LYS A 63 -6.22 -7.84 -15.79
N LYS A 64 -4.94 -7.57 -15.51
CA LYS A 64 -4.15 -8.16 -14.43
C LYS A 64 -4.19 -9.69 -14.44
N LYS A 65 -4.44 -10.30 -15.60
CA LYS A 65 -4.42 -11.75 -15.77
C LYS A 65 -3.00 -12.24 -15.59
N MET A 66 -2.79 -13.11 -14.61
CA MET A 66 -1.54 -13.78 -14.31
C MET A 66 -1.96 -15.00 -13.52
N LYS A 67 -1.90 -16.20 -14.08
CA LYS A 67 -2.22 -17.43 -13.36
C LYS A 67 -1.36 -18.57 -13.90
N LEU A 68 -1.48 -19.76 -13.32
CA LEU A 68 -0.70 -20.94 -13.67
C LEU A 68 -1.65 -22.12 -13.80
N MET A 69 -1.43 -22.96 -14.80
CA MET A 69 -2.16 -24.22 -15.03
C MET A 69 -3.69 -24.04 -15.06
N ARG A 70 -4.19 -22.90 -15.53
CA ARG A 70 -5.61 -22.68 -15.73
C ARG A 70 -5.88 -22.93 -17.21
N GLY A 1 18.11 16.72 -13.82
CA GLY A 1 19.50 16.69 -13.36
C GLY A 1 19.54 16.71 -11.85
N SER A 2 20.62 17.29 -11.30
CA SER A 2 20.90 17.33 -9.86
C SER A 2 19.69 17.81 -9.04
N SER A 3 19.09 18.95 -9.37
CA SER A 3 17.95 19.47 -8.64
C SER A 3 16.68 18.78 -9.15
N GLY A 4 16.43 17.56 -8.72
CA GLY A 4 15.31 16.77 -9.22
C GLY A 4 14.95 15.69 -8.22
N SER A 5 14.80 14.46 -8.73
CA SER A 5 14.49 13.28 -7.96
C SER A 5 15.59 13.01 -6.93
N SER A 6 16.85 13.13 -7.36
CA SER A 6 18.05 12.92 -6.56
C SER A 6 18.21 11.45 -6.13
N GLY A 7 19.28 11.16 -5.40
CA GLY A 7 19.42 9.90 -4.70
C GLY A 7 18.53 9.94 -3.47
N ARG A 8 17.88 8.82 -3.13
CA ARG A 8 16.96 8.80 -2.00
C ARG A 8 17.70 9.11 -0.71
N GLY A 9 17.03 9.84 0.17
CA GLY A 9 17.49 10.28 1.47
C GLY A 9 16.37 11.10 2.08
N ARG A 10 16.61 11.68 3.25
CA ARG A 10 15.60 12.44 4.01
C ARG A 10 14.40 11.55 4.35
N TYR A 11 13.33 12.17 4.84
CA TYR A 11 12.18 11.57 5.53
C TYR A 11 11.89 10.14 5.10
N ARG A 12 12.41 9.21 5.90
CA ARG A 12 12.37 7.80 5.59
C ARG A 12 10.92 7.35 5.61
N GLN A 13 10.50 6.74 4.51
CA GLN A 13 9.19 6.17 4.30
C GLN A 13 9.39 4.84 3.57
N TYR A 14 8.29 4.14 3.36
CA TYR A 14 8.20 3.09 2.37
C TYR A 14 8.52 3.68 0.98
N ASN A 15 9.07 2.86 0.08
CA ASN A 15 9.14 3.16 -1.34
C ASN A 15 7.82 2.73 -1.96
N SER A 16 7.45 3.27 -3.11
CA SER A 16 6.16 2.97 -3.74
C SER A 16 5.93 1.49 -4.02
N GLU A 17 7.00 0.70 -4.10
CA GLU A 17 6.98 -0.74 -4.28
C GLU A 17 6.47 -1.41 -3.01
N ILE A 18 7.08 -1.09 -1.86
CA ILE A 18 6.75 -1.59 -0.52
C ILE A 18 5.26 -1.41 -0.24
N LEU A 19 4.68 -0.33 -0.74
CA LEU A 19 3.27 -0.06 -0.56
C LEU A 19 2.42 -1.17 -1.17
N GLU A 20 2.67 -1.54 -2.42
CA GLU A 20 1.95 -2.57 -3.11
C GLU A 20 2.18 -3.92 -2.44
N GLU A 21 3.38 -4.20 -1.93
CA GLU A 21 3.67 -5.39 -1.16
C GLU A 21 2.72 -5.47 0.02
N ALA A 22 2.73 -4.42 0.83
CA ALA A 22 1.92 -4.24 2.03
C ALA A 22 0.42 -4.22 1.75
N ILE A 23 0.04 -4.06 0.48
CA ILE A 23 -1.34 -4.17 0.05
C ILE A 23 -1.60 -5.64 -0.28
N SER A 24 -0.75 -6.25 -1.11
CA SER A 24 -0.82 -7.63 -1.53
C SER A 24 -0.97 -8.57 -0.31
N VAL A 25 -0.19 -8.40 0.75
CA VAL A 25 -0.34 -9.17 1.99
C VAL A 25 -1.79 -9.13 2.49
N VAL A 26 -2.31 -7.95 2.78
CA VAL A 26 -3.64 -7.70 3.29
C VAL A 26 -4.70 -8.26 2.34
N MET A 27 -4.56 -8.07 1.03
CA MET A 27 -5.49 -8.59 0.04
C MET A 27 -5.51 -10.12 0.08
N SER A 28 -4.34 -10.77 0.02
CA SER A 28 -4.21 -12.22 0.22
C SER A 28 -4.51 -12.66 1.65
N GLY A 29 -4.88 -11.76 2.57
CA GLY A 29 -5.31 -12.09 3.92
C GLY A 29 -4.15 -12.34 4.88
N LYS A 30 -2.89 -12.09 4.51
CA LYS A 30 -1.74 -12.41 5.37
C LYS A 30 -1.81 -11.63 6.67
N MET A 31 -2.44 -10.46 6.66
CA MET A 31 -2.62 -9.66 7.86
C MET A 31 -3.72 -8.63 7.68
N SER A 32 -4.03 -7.89 8.75
CA SER A 32 -4.90 -6.73 8.69
C SER A 32 -4.11 -5.52 8.16
N VAL A 33 -4.80 -4.43 7.81
CA VAL A 33 -4.18 -3.14 7.55
C VAL A 33 -3.33 -2.78 8.77
N SER A 34 -3.91 -2.80 9.97
CA SER A 34 -3.28 -2.38 11.21
C SER A 34 -1.92 -3.06 11.44
N LYS A 35 -1.85 -4.34 11.05
CA LYS A 35 -0.66 -5.16 11.14
C LYS A 35 0.31 -4.72 10.05
N ALA A 36 0.04 -4.98 8.76
CA ALA A 36 0.93 -4.60 7.66
C ALA A 36 1.44 -3.18 7.70
N GLN A 37 0.64 -2.19 8.09
CA GLN A 37 1.08 -0.83 8.35
C GLN A 37 2.38 -0.86 9.16
N SER A 38 2.31 -1.50 10.31
CA SER A 38 3.36 -1.55 11.30
C SER A 38 4.50 -2.50 10.88
N ILE A 39 4.29 -3.35 9.87
CA ILE A 39 5.30 -4.26 9.33
C ILE A 39 6.09 -3.56 8.23
N TYR A 40 5.38 -2.91 7.30
CA TYR A 40 5.93 -2.41 6.05
C TYR A 40 6.37 -0.96 6.17
N GLY A 41 6.00 -0.26 7.25
CA GLY A 41 6.38 1.13 7.47
C GLY A 41 5.46 2.06 6.68
N ILE A 42 4.22 1.65 6.47
CA ILE A 42 3.19 2.44 5.78
C ILE A 42 2.39 3.17 6.87
N PRO A 43 1.92 4.41 6.66
CA PRO A 43 0.88 4.99 7.49
C PRO A 43 -0.41 4.18 7.38
N HIS A 44 -1.19 4.09 8.46
CA HIS A 44 -2.44 3.32 8.41
C HIS A 44 -3.42 3.94 7.44
N SER A 45 -3.60 5.27 7.49
CA SER A 45 -4.58 5.94 6.64
C SER A 45 -4.22 5.77 5.17
N THR A 46 -2.92 5.85 4.82
CA THR A 46 -2.49 5.50 3.47
C THR A 46 -2.89 4.05 3.18
N LEU A 47 -2.45 3.09 4.00
CA LEU A 47 -2.63 1.68 3.71
C LEU A 47 -4.09 1.32 3.54
N GLU A 48 -4.99 1.84 4.39
CA GLU A 48 -6.42 1.67 4.25
C GLU A 48 -6.83 2.09 2.85
N TYR A 49 -6.76 3.39 2.57
CA TYR A 49 -7.19 3.97 1.31
C TYR A 49 -6.65 3.13 0.17
N LYS A 50 -5.35 2.85 0.20
CA LYS A 50 -4.66 2.19 -0.88
C LYS A 50 -5.22 0.79 -1.06
N VAL A 51 -5.37 -0.04 -0.04
CA VAL A 51 -6.05 -1.34 -0.18
C VAL A 51 -7.46 -1.11 -0.77
N LYS A 52 -8.28 -0.24 -0.18
CA LYS A 52 -9.68 0.01 -0.52
C LYS A 52 -9.86 0.49 -1.96
N GLU A 53 -8.87 1.22 -2.44
CA GLU A 53 -8.76 1.77 -3.77
C GLU A 53 -8.33 0.67 -4.75
N ARG A 54 -7.22 0.00 -4.45
CA ARG A 54 -6.60 -1.05 -5.27
C ARG A 54 -7.52 -2.27 -5.40
N LEU A 55 -8.47 -2.44 -4.48
CA LEU A 55 -9.62 -3.34 -4.58
C LEU A 55 -10.54 -3.03 -5.76
N GLY A 56 -10.26 -1.99 -6.56
CA GLY A 56 -10.68 -1.91 -7.96
C GLY A 56 -11.56 -0.72 -8.30
N THR A 57 -11.78 0.20 -7.35
CA THR A 57 -12.55 1.42 -7.57
C THR A 57 -11.97 2.26 -8.72
N LEU A 58 -10.64 2.17 -8.88
CA LEU A 58 -9.80 2.77 -9.91
C LEU A 58 -10.41 2.68 -11.30
N LYS A 59 -10.74 1.46 -11.75
CA LYS A 59 -11.43 1.13 -13.00
C LYS A 59 -10.79 1.67 -14.29
N ASN A 60 -9.59 2.27 -14.27
CA ASN A 60 -8.95 2.90 -15.43
C ASN A 60 -7.58 2.24 -15.71
N PRO A 61 -7.53 0.99 -16.20
CA PRO A 61 -6.28 0.24 -16.38
C PRO A 61 -5.45 0.74 -17.57
N PRO A 62 -4.25 1.29 -17.35
CA PRO A 62 -3.42 1.84 -18.42
C PRO A 62 -2.82 0.73 -19.29
N LYS A 63 -2.77 0.97 -20.61
CA LYS A 63 -1.96 0.25 -21.59
C LYS A 63 -1.46 1.22 -22.66
N LYS A 64 -0.41 1.99 -22.36
CA LYS A 64 0.34 2.81 -23.32
C LYS A 64 1.83 2.61 -23.02
N LYS A 65 2.40 1.45 -23.33
CA LYS A 65 3.86 1.27 -23.43
C LYS A 65 4.20 0.10 -24.35
N MET A 66 3.41 -0.96 -24.37
CA MET A 66 3.69 -2.15 -25.17
C MET A 66 2.39 -2.91 -25.41
N LYS A 67 2.13 -3.31 -26.66
CA LYS A 67 0.93 -4.10 -27.02
C LYS A 67 1.25 -5.21 -28.01
N LEU A 68 2.40 -5.17 -28.67
CA LEU A 68 2.79 -6.11 -29.72
C LEU A 68 4.27 -6.42 -29.59
N MET A 69 4.75 -7.43 -30.32
CA MET A 69 6.16 -7.68 -30.49
C MET A 69 6.78 -6.45 -31.14
N ARG A 70 8.02 -6.09 -30.76
CA ARG A 70 8.77 -4.99 -31.35
C ARG A 70 10.25 -5.26 -31.18
N GLY A 1 -6.77 12.51 8.75
CA GLY A 1 -6.02 11.26 8.57
C GLY A 1 -5.70 10.98 7.11
N SER A 2 -6.69 10.53 6.34
CA SER A 2 -6.50 10.19 4.94
C SER A 2 -6.10 11.43 4.14
N SER A 3 -5.41 11.22 3.02
CA SER A 3 -5.31 12.15 1.91
C SER A 3 -5.47 11.39 0.59
N GLY A 4 -4.92 10.18 0.48
CA GLY A 4 -5.10 9.31 -0.66
C GLY A 4 -4.22 9.72 -1.83
N SER A 5 -4.50 10.88 -2.43
CA SER A 5 -3.70 11.50 -3.47
C SER A 5 -2.46 12.19 -2.90
N SER A 6 -1.64 12.78 -3.79
CA SER A 6 -0.37 13.43 -3.51
C SER A 6 0.56 12.58 -2.63
N GLY A 7 1.26 11.64 -3.26
CA GLY A 7 2.35 10.91 -2.63
C GLY A 7 3.65 11.70 -2.73
N ARG A 8 4.45 11.40 -3.76
CA ARG A 8 5.76 11.96 -4.12
C ARG A 8 6.55 12.51 -2.95
N GLY A 9 7.25 11.62 -2.27
CA GLY A 9 8.11 11.92 -1.15
C GLY A 9 7.26 12.31 0.03
N ARG A 10 7.20 13.60 0.35
CA ARG A 10 6.69 14.23 1.56
C ARG A 10 7.43 13.77 2.81
N TYR A 11 7.50 12.47 3.05
CA TYR A 11 8.35 11.79 4.02
C TYR A 11 8.75 10.46 3.40
N ARG A 12 10.00 10.27 2.96
CA ARG A 12 10.46 9.03 2.33
C ARG A 12 10.53 7.92 3.38
N GLN A 13 9.44 7.20 3.60
CA GLN A 13 9.38 6.00 4.44
C GLN A 13 9.53 4.80 3.52
N TYR A 14 8.44 4.46 2.83
CA TYR A 14 8.31 3.27 2.00
C TYR A 14 8.51 3.65 0.53
N ASN A 15 9.11 2.76 -0.25
CA ASN A 15 9.14 2.87 -1.71
C ASN A 15 7.72 2.77 -2.27
N SER A 16 7.52 3.28 -3.50
CA SER A 16 6.22 3.19 -4.16
C SER A 16 5.72 1.75 -4.27
N GLU A 17 6.64 0.79 -4.38
CA GLU A 17 6.34 -0.63 -4.53
C GLU A 17 6.17 -1.30 -3.17
N ILE A 18 6.91 -0.89 -2.13
CA ILE A 18 6.73 -1.38 -0.75
C ILE A 18 5.27 -1.20 -0.33
N LEU A 19 4.66 -0.09 -0.76
CA LEU A 19 3.25 0.15 -0.52
C LEU A 19 2.39 -0.97 -1.13
N GLU A 20 2.69 -1.38 -2.35
CA GLU A 20 1.98 -2.43 -3.07
C GLU A 20 2.19 -3.79 -2.41
N GLU A 21 3.38 -4.07 -1.88
CA GLU A 21 3.68 -5.27 -1.12
C GLU A 21 2.74 -5.39 0.08
N ALA A 22 2.71 -4.35 0.89
CA ALA A 22 1.87 -4.25 2.09
C ALA A 22 0.38 -4.21 1.75
N ILE A 23 0.03 -3.96 0.50
CA ILE A 23 -1.35 -4.10 0.02
C ILE A 23 -1.58 -5.57 -0.28
N SER A 24 -0.73 -6.19 -1.11
CA SER A 24 -0.79 -7.62 -1.45
C SER A 24 -1.02 -8.52 -0.24
N VAL A 25 -0.23 -8.38 0.84
CA VAL A 25 -0.40 -9.18 2.05
C VAL A 25 -1.84 -9.08 2.56
N VAL A 26 -2.33 -7.88 2.82
CA VAL A 26 -3.65 -7.59 3.35
C VAL A 26 -4.73 -8.14 2.41
N MET A 27 -4.60 -7.94 1.10
CA MET A 27 -5.55 -8.43 0.11
C MET A 27 -5.67 -9.95 0.20
N SER A 28 -4.54 -10.66 0.23
CA SER A 28 -4.53 -12.11 0.38
C SER A 28 -4.96 -12.56 1.79
N GLY A 29 -5.26 -11.65 2.71
CA GLY A 29 -5.61 -11.97 4.08
C GLY A 29 -4.41 -12.52 4.84
N LYS A 30 -3.18 -12.09 4.51
CA LYS A 30 -1.99 -12.47 5.27
C LYS A 30 -2.06 -11.81 6.63
N MET A 31 -2.53 -10.57 6.69
CA MET A 31 -2.57 -9.76 7.89
C MET A 31 -3.61 -8.66 7.76
N SER A 32 -3.88 -7.93 8.84
CA SER A 32 -4.73 -6.75 8.84
C SER A 32 -3.99 -5.56 8.24
N VAL A 33 -4.74 -4.49 7.93
CA VAL A 33 -4.22 -3.16 7.63
C VAL A 33 -3.29 -2.74 8.78
N SER A 34 -3.77 -2.78 10.03
CA SER A 34 -2.99 -2.44 11.23
C SER A 34 -1.67 -3.21 11.29
N LYS A 35 -1.69 -4.52 11.08
CA LYS A 35 -0.49 -5.34 11.08
C LYS A 35 0.47 -4.87 10.00
N ALA A 36 0.18 -5.05 8.72
CA ALA A 36 1.06 -4.66 7.64
C ALA A 36 1.53 -3.21 7.71
N GLN A 37 0.69 -2.26 8.12
CA GLN A 37 1.11 -0.89 8.40
C GLN A 37 2.38 -0.93 9.26
N SER A 38 2.31 -1.62 10.40
CA SER A 38 3.40 -1.62 11.36
C SER A 38 4.59 -2.41 10.81
N ILE A 39 4.36 -3.48 10.01
CA ILE A 39 5.40 -4.32 9.43
C ILE A 39 6.21 -3.54 8.40
N TYR A 40 5.52 -3.05 7.37
CA TYR A 40 6.08 -2.42 6.18
C TYR A 40 6.38 -0.94 6.41
N GLY A 41 5.87 -0.38 7.52
CA GLY A 41 6.12 0.99 7.95
C GLY A 41 5.29 1.96 7.12
N ILE A 42 4.07 1.56 6.75
CA ILE A 42 3.16 2.36 5.96
C ILE A 42 2.20 3.05 6.92
N PRO A 43 1.86 4.33 6.73
CA PRO A 43 0.83 4.95 7.55
C PRO A 43 -0.50 4.24 7.33
N HIS A 44 -1.17 3.84 8.41
CA HIS A 44 -2.48 3.20 8.36
C HIS A 44 -3.45 4.03 7.52
N SER A 45 -3.46 5.34 7.73
CA SER A 45 -4.37 6.27 7.07
C SER A 45 -4.17 6.28 5.55
N THR A 46 -2.98 5.89 5.08
CA THR A 46 -2.71 5.66 3.67
C THR A 46 -3.04 4.22 3.31
N LEU A 47 -2.46 3.23 3.99
CA LEU A 47 -2.56 1.82 3.63
C LEU A 47 -4.01 1.45 3.41
N GLU A 48 -4.89 1.81 4.35
CA GLU A 48 -6.29 1.47 4.33
C GLU A 48 -6.91 1.90 2.99
N TYR A 49 -6.92 3.21 2.70
CA TYR A 49 -7.37 3.79 1.45
C TYR A 49 -6.74 3.06 0.26
N LYS A 50 -5.43 2.86 0.27
CA LYS A 50 -4.68 2.38 -0.88
C LYS A 50 -5.03 0.92 -1.20
N VAL A 51 -5.30 0.09 -0.19
CA VAL A 51 -5.91 -1.23 -0.36
C VAL A 51 -7.25 -1.07 -1.08
N LYS A 52 -8.13 -0.22 -0.55
CA LYS A 52 -9.54 -0.06 -0.94
C LYS A 52 -9.69 0.49 -2.35
N GLU A 53 -8.69 1.22 -2.81
CA GLU A 53 -8.46 1.64 -4.18
C GLU A 53 -8.13 0.39 -5.01
N ARG A 54 -6.97 -0.22 -4.73
CA ARG A 54 -6.39 -1.29 -5.55
C ARG A 54 -7.29 -2.52 -5.58
N LEU A 55 -8.19 -2.69 -4.62
CA LEU A 55 -9.24 -3.70 -4.58
C LEU A 55 -10.18 -3.63 -5.79
N GLY A 56 -10.10 -2.59 -6.62
CA GLY A 56 -10.73 -2.55 -7.94
C GLY A 56 -11.74 -1.42 -8.11
N THR A 57 -11.83 -0.51 -7.13
CA THR A 57 -12.71 0.64 -7.23
C THR A 57 -12.19 1.66 -8.26
N LEU A 58 -10.91 1.58 -8.62
CA LEU A 58 -10.21 2.51 -9.48
C LEU A 58 -10.75 2.43 -10.92
N LYS A 59 -10.53 3.51 -11.67
CA LYS A 59 -10.78 3.54 -13.10
C LYS A 59 -9.70 2.71 -13.79
N ASN A 60 -10.01 2.17 -14.96
CA ASN A 60 -9.31 1.05 -15.58
C ASN A 60 -8.88 0.00 -14.53
N PRO A 61 -9.84 -0.70 -13.90
CA PRO A 61 -9.52 -1.85 -13.10
C PRO A 61 -9.13 -3.01 -14.04
N PRO A 62 -8.42 -4.03 -13.53
CA PRO A 62 -7.95 -5.14 -14.35
C PRO A 62 -9.10 -5.99 -14.89
N LYS A 63 -8.79 -6.72 -15.96
CA LYS A 63 -9.71 -7.62 -16.65
C LYS A 63 -9.66 -9.04 -16.09
N LYS A 64 -8.59 -9.40 -15.37
CA LYS A 64 -8.17 -10.71 -14.85
C LYS A 64 -9.29 -11.77 -14.90
N LYS A 65 -9.47 -12.44 -16.05
CA LYS A 65 -10.59 -13.36 -16.22
C LYS A 65 -10.50 -14.48 -15.19
N MET A 66 -9.28 -15.02 -15.01
CA MET A 66 -8.90 -16.06 -14.05
C MET A 66 -10.06 -17.01 -13.82
N LYS A 67 -10.33 -17.85 -14.83
CA LYS A 67 -11.52 -18.70 -14.84
C LYS A 67 -11.33 -19.82 -13.82
N LEU A 68 -11.67 -19.56 -12.56
CA LEU A 68 -11.17 -20.27 -11.38
C LEU A 68 -9.62 -20.31 -11.41
N MET A 69 -9.00 -21.04 -10.47
CA MET A 69 -7.67 -21.59 -10.72
C MET A 69 -7.86 -22.76 -11.69
N ARG A 70 -6.94 -22.96 -12.64
CA ARG A 70 -6.86 -24.21 -13.37
C ARG A 70 -6.59 -25.28 -12.33
N GLY A 1 33.87 -2.52 -1.41
CA GLY A 1 33.98 -1.19 -0.81
C GLY A 1 34.59 -1.32 0.58
N SER A 2 34.37 -0.34 1.46
CA SER A 2 34.92 -0.34 2.81
C SER A 2 33.98 0.40 3.76
N SER A 3 33.64 1.65 3.45
CA SER A 3 32.64 2.45 4.14
C SER A 3 32.14 3.55 3.19
N GLY A 4 31.21 4.39 3.65
CA GLY A 4 30.65 5.50 2.90
C GLY A 4 29.51 6.14 3.67
N SER A 5 28.52 5.34 4.07
CA SER A 5 27.33 5.79 4.80
C SER A 5 27.70 6.39 6.16
N SER A 6 27.76 7.71 6.25
CA SER A 6 28.02 8.41 7.49
C SER A 6 26.68 8.64 8.19
N GLY A 7 26.31 7.72 9.08
CA GLY A 7 25.08 7.78 9.85
C GLY A 7 23.93 7.16 9.06
N ARG A 8 23.85 5.83 9.03
CA ARG A 8 22.73 5.13 8.39
C ARG A 8 21.42 5.55 9.05
N GLY A 9 20.37 5.74 8.25
CA GLY A 9 19.02 6.02 8.72
C GLY A 9 18.52 7.32 8.11
N ARG A 10 18.10 7.28 6.85
CA ARG A 10 17.54 8.45 6.16
C ARG A 10 16.29 8.06 5.37
N TYR A 11 15.52 9.08 5.01
CA TYR A 11 14.31 9.04 4.20
C TYR A 11 13.45 7.84 4.61
N ARG A 12 12.89 7.97 5.81
CA ARG A 12 12.21 6.94 6.60
C ARG A 12 10.83 6.58 6.04
N GLN A 13 10.65 6.48 4.72
CA GLN A 13 9.38 6.17 4.07
C GLN A 13 9.55 4.98 3.13
N TYR A 14 8.42 4.47 2.64
CA TYR A 14 8.36 3.36 1.71
C TYR A 14 8.59 3.90 0.30
N ASN A 15 9.29 3.14 -0.54
CA ASN A 15 9.17 3.26 -2.00
C ASN A 15 7.78 2.78 -2.40
N SER A 16 7.22 3.29 -3.49
CA SER A 16 5.90 2.94 -3.99
C SER A 16 5.73 1.44 -4.28
N GLU A 17 6.81 0.69 -4.43
CA GLU A 17 6.81 -0.76 -4.58
C GLU A 17 6.41 -1.40 -3.25
N ILE A 18 7.10 -1.04 -2.16
CA ILE A 18 6.84 -1.53 -0.81
C ILE A 18 5.35 -1.37 -0.45
N LEU A 19 4.73 -0.29 -0.90
CA LEU A 19 3.33 -0.05 -0.65
C LEU A 19 2.45 -1.14 -1.28
N GLU A 20 2.71 -1.51 -2.54
CA GLU A 20 1.90 -2.51 -3.24
C GLU A 20 2.05 -3.88 -2.57
N GLU A 21 3.20 -4.15 -1.97
CA GLU A 21 3.49 -5.31 -1.15
C GLU A 21 2.56 -5.36 0.05
N ALA A 22 2.60 -4.32 0.88
CA ALA A 22 1.82 -4.20 2.11
C ALA A 22 0.32 -4.16 1.85
N ILE A 23 -0.08 -3.95 0.59
CA ILE A 23 -1.45 -4.06 0.15
C ILE A 23 -1.72 -5.53 -0.18
N SER A 24 -0.86 -6.16 -0.99
CA SER A 24 -0.97 -7.56 -1.38
C SER A 24 -1.16 -8.47 -0.16
N VAL A 25 -0.33 -8.34 0.89
CA VAL A 25 -0.47 -9.12 2.11
C VAL A 25 -1.90 -9.05 2.64
N VAL A 26 -2.40 -7.85 2.92
CA VAL A 26 -3.72 -7.58 3.46
C VAL A 26 -4.81 -8.15 2.56
N MET A 27 -4.74 -7.93 1.25
CA MET A 27 -5.72 -8.44 0.29
C MET A 27 -5.80 -9.96 0.38
N SER A 28 -4.66 -10.64 0.28
CA SER A 28 -4.51 -12.09 0.37
C SER A 28 -4.70 -12.63 1.80
N GLY A 29 -5.00 -11.77 2.79
CA GLY A 29 -5.34 -12.18 4.14
C GLY A 29 -4.12 -12.57 4.95
N LYS A 30 -2.92 -12.14 4.55
CA LYS A 30 -1.69 -12.47 5.25
C LYS A 30 -1.63 -11.79 6.62
N MET A 31 -2.38 -10.70 6.76
CA MET A 31 -2.50 -9.87 7.94
C MET A 31 -3.62 -8.86 7.70
N SER A 32 -3.85 -7.99 8.67
CA SER A 32 -4.81 -6.89 8.58
C SER A 32 -4.08 -5.58 8.25
N VAL A 33 -4.82 -4.50 7.96
CA VAL A 33 -4.28 -3.16 7.70
C VAL A 33 -3.32 -2.78 8.82
N SER A 34 -3.78 -2.80 10.08
CA SER A 34 -2.97 -2.29 11.19
C SER A 34 -1.67 -3.07 11.36
N LYS A 35 -1.69 -4.37 11.06
CA LYS A 35 -0.50 -5.20 11.10
C LYS A 35 0.46 -4.75 10.02
N ALA A 36 0.15 -4.98 8.73
CA ALA A 36 1.02 -4.59 7.62
C ALA A 36 1.49 -3.13 7.67
N GLN A 37 0.66 -2.19 8.12
CA GLN A 37 1.07 -0.83 8.42
C GLN A 37 2.37 -0.85 9.23
N SER A 38 2.31 -1.50 10.39
CA SER A 38 3.38 -1.55 11.35
C SER A 38 4.58 -2.34 10.77
N ILE A 39 4.32 -3.42 10.03
CA ILE A 39 5.36 -4.26 9.43
C ILE A 39 6.13 -3.48 8.36
N TYR A 40 5.43 -3.04 7.33
CA TYR A 40 5.99 -2.44 6.11
C TYR A 40 6.34 -0.97 6.33
N GLY A 41 5.84 -0.35 7.39
CA GLY A 41 6.18 1.02 7.77
C GLY A 41 5.29 2.02 7.03
N ILE A 42 4.09 1.60 6.63
CA ILE A 42 3.11 2.41 5.92
C ILE A 42 2.21 3.07 6.98
N PRO A 43 1.74 4.32 6.81
CA PRO A 43 0.67 4.87 7.65
C PRO A 43 -0.58 4.02 7.54
N HIS A 44 -1.33 3.84 8.64
CA HIS A 44 -2.57 3.08 8.66
C HIS A 44 -3.57 3.71 7.68
N SER A 45 -3.81 5.00 7.87
CA SER A 45 -4.76 5.80 7.11
C SER A 45 -4.44 5.73 5.61
N THR A 46 -3.15 5.79 5.26
CA THR A 46 -2.72 5.64 3.88
C THR A 46 -2.95 4.21 3.40
N LEU A 47 -2.42 3.21 4.09
CA LEU A 47 -2.55 1.81 3.71
C LEU A 47 -4.01 1.47 3.45
N GLU A 48 -4.90 1.86 4.36
CA GLU A 48 -6.31 1.56 4.30
C GLU A 48 -6.85 2.00 2.93
N TYR A 49 -6.82 3.29 2.64
CA TYR A 49 -7.18 3.89 1.35
C TYR A 49 -6.53 3.13 0.20
N LYS A 50 -5.21 2.97 0.23
CA LYS A 50 -4.43 2.44 -0.87
C LYS A 50 -4.84 0.99 -1.19
N VAL A 51 -5.27 0.20 -0.21
CA VAL A 51 -5.88 -1.11 -0.38
C VAL A 51 -7.24 -0.95 -1.09
N LYS A 52 -8.16 -0.13 -0.56
CA LYS A 52 -9.51 0.11 -1.10
C LYS A 52 -9.46 0.48 -2.57
N GLU A 53 -8.52 1.35 -2.85
CA GLU A 53 -8.15 1.76 -4.16
C GLU A 53 -7.82 0.56 -5.03
N ARG A 54 -6.78 -0.20 -4.66
CA ARG A 54 -6.33 -1.30 -5.51
C ARG A 54 -7.36 -2.43 -5.62
N LEU A 55 -8.30 -2.55 -4.67
CA LEU A 55 -9.44 -3.47 -4.76
C LEU A 55 -10.31 -3.18 -5.98
N GLY A 56 -10.12 -2.04 -6.66
CA GLY A 56 -10.60 -1.73 -8.00
C GLY A 56 -11.51 -0.52 -8.08
N THR A 57 -11.63 0.29 -7.03
CA THR A 57 -12.34 1.57 -7.12
C THR A 57 -11.68 2.48 -8.15
N LEU A 58 -10.34 2.41 -8.24
CA LEU A 58 -9.47 3.11 -9.19
C LEU A 58 -10.04 3.04 -10.61
N LYS A 59 -9.86 1.90 -11.29
CA LYS A 59 -10.55 1.54 -12.51
C LYS A 59 -10.56 0.01 -12.60
N ASN A 60 -11.34 -0.53 -13.54
CA ASN A 60 -11.42 -1.94 -13.94
C ASN A 60 -11.47 -2.91 -12.73
N PRO A 61 -12.51 -2.84 -11.88
CA PRO A 61 -12.67 -3.72 -10.73
C PRO A 61 -13.05 -5.14 -11.16
N PRO A 62 -12.53 -6.20 -10.50
CA PRO A 62 -12.93 -7.57 -10.79
C PRO A 62 -14.37 -7.85 -10.30
N LYS A 63 -15.05 -8.76 -11.00
CA LYS A 63 -16.49 -8.95 -10.93
C LYS A 63 -16.87 -9.80 -9.71
N LYS A 64 -16.93 -9.20 -8.52
CA LYS A 64 -17.29 -9.91 -7.29
C LYS A 64 -18.02 -8.97 -6.33
N LYS A 65 -19.34 -9.13 -6.17
CA LYS A 65 -20.06 -8.45 -5.10
C LYS A 65 -19.80 -9.18 -3.79
N MET A 66 -19.84 -8.47 -2.67
CA MET A 66 -19.58 -9.02 -1.34
C MET A 66 -20.17 -8.08 -0.29
N LYS A 67 -21.49 -8.17 -0.03
CA LYS A 67 -22.21 -7.32 0.91
C LYS A 67 -23.41 -8.12 1.41
N LEU A 68 -23.86 -7.86 2.64
CA LEU A 68 -25.04 -8.46 3.22
C LEU A 68 -25.72 -7.51 4.19
N MET A 69 -26.89 -7.91 4.65
CA MET A 69 -27.53 -7.51 5.90
C MET A 69 -28.30 -8.73 6.44
N ARG A 70 -28.57 -8.75 7.74
CA ARG A 70 -29.64 -9.51 8.36
C ARG A 70 -29.91 -8.79 9.68
N GLY A 1 3.50 10.78 -14.13
CA GLY A 1 4.47 11.19 -13.11
C GLY A 1 4.04 10.72 -11.74
N SER A 2 4.93 10.03 -11.03
CA SER A 2 4.69 9.58 -9.67
C SER A 2 4.56 10.81 -8.74
N SER A 3 3.82 10.67 -7.65
CA SER A 3 3.72 11.66 -6.59
C SER A 3 3.31 10.96 -5.29
N GLY A 4 3.46 11.66 -4.16
CA GLY A 4 3.13 11.16 -2.84
C GLY A 4 3.39 12.24 -1.79
N SER A 5 4.66 12.58 -1.56
CA SER A 5 5.10 13.68 -0.69
C SER A 5 4.38 13.67 0.68
N SER A 6 4.63 12.61 1.46
CA SER A 6 4.14 12.47 2.82
C SER A 6 5.27 11.80 3.60
N GLY A 7 6.09 12.60 4.28
CA GLY A 7 7.16 12.10 5.13
C GLY A 7 7.62 13.21 6.07
N ARG A 8 8.15 12.83 7.22
CA ARG A 8 8.59 13.70 8.30
C ARG A 8 10.11 13.66 8.40
N GLY A 9 10.74 12.52 8.08
CA GLY A 9 12.19 12.40 8.04
C GLY A 9 12.78 13.11 6.83
N ARG A 10 14.11 13.19 6.78
CA ARG A 10 14.81 13.51 5.55
C ARG A 10 14.51 12.41 4.54
N TYR A 11 14.79 11.16 4.91
CA TYR A 11 14.69 9.97 4.10
C TYR A 11 14.26 8.79 4.98
N ARG A 12 12.99 8.74 5.38
CA ARG A 12 12.40 7.62 6.12
C ARG A 12 10.91 7.53 5.83
N GLN A 13 10.48 6.66 4.92
CA GLN A 13 9.08 6.29 4.69
C GLN A 13 9.05 4.88 4.05
N TYR A 14 8.23 4.66 3.01
CA TYR A 14 8.14 3.41 2.26
C TYR A 14 8.40 3.75 0.79
N ASN A 15 9.02 2.82 0.07
CA ASN A 15 9.25 2.92 -1.37
C ASN A 15 7.91 2.68 -2.08
N SER A 16 7.71 3.18 -3.31
CA SER A 16 6.41 3.06 -3.99
C SER A 16 5.97 1.60 -4.16
N GLU A 17 6.92 0.67 -4.20
CA GLU A 17 6.67 -0.75 -4.38
C GLU A 17 6.35 -1.40 -3.04
N ILE A 18 7.03 -1.01 -1.96
CA ILE A 18 6.77 -1.49 -0.60
C ILE A 18 5.29 -1.33 -0.25
N LEU A 19 4.68 -0.24 -0.72
CA LEU A 19 3.26 0.00 -0.53
C LEU A 19 2.44 -1.11 -1.15
N GLU A 20 2.71 -1.44 -2.40
CA GLU A 20 2.00 -2.47 -3.15
C GLU A 20 2.19 -3.82 -2.46
N GLU A 21 3.39 -4.10 -1.97
CA GLU A 21 3.70 -5.28 -1.19
C GLU A 21 2.78 -5.39 0.02
N ALA A 22 2.74 -4.34 0.84
CA ALA A 22 1.94 -4.24 2.06
C ALA A 22 0.45 -4.23 1.79
N ILE A 23 0.04 -4.03 0.54
CA ILE A 23 -1.34 -4.16 0.14
C ILE A 23 -1.58 -5.62 -0.23
N SER A 24 -0.72 -6.21 -1.05
CA SER A 24 -0.79 -7.59 -1.50
C SER A 24 -0.98 -8.54 -0.30
N VAL A 25 -0.18 -8.39 0.76
CA VAL A 25 -0.32 -9.16 2.00
C VAL A 25 -1.76 -9.07 2.52
N VAL A 26 -2.24 -7.87 2.81
CA VAL A 26 -3.57 -7.60 3.34
C VAL A 26 -4.66 -8.18 2.42
N MET A 27 -4.56 -7.98 1.10
CA MET A 27 -5.54 -8.47 0.13
C MET A 27 -5.63 -9.98 0.17
N SER A 28 -4.50 -10.67 0.06
CA SER A 28 -4.40 -12.11 0.22
C SER A 28 -4.79 -12.58 1.62
N GLY A 29 -5.06 -11.69 2.57
CA GLY A 29 -5.44 -12.05 3.92
C GLY A 29 -4.26 -12.59 4.70
N LYS A 30 -3.03 -12.14 4.40
CA LYS A 30 -1.88 -12.51 5.24
C LYS A 30 -2.01 -11.83 6.60
N MET A 31 -2.55 -10.60 6.62
CA MET A 31 -2.65 -9.80 7.82
C MET A 31 -3.73 -8.74 7.67
N SER A 32 -4.00 -7.99 8.75
CA SER A 32 -4.89 -6.84 8.76
C SER A 32 -4.15 -5.60 8.23
N VAL A 33 -4.88 -4.51 7.97
CA VAL A 33 -4.27 -3.21 7.67
C VAL A 33 -3.34 -2.84 8.82
N SER A 34 -3.81 -2.82 10.08
CA SER A 34 -2.98 -2.39 11.21
C SER A 34 -1.69 -3.18 11.33
N LYS A 35 -1.72 -4.50 11.11
CA LYS A 35 -0.53 -5.34 11.12
C LYS A 35 0.44 -4.84 10.05
N ALA A 36 0.14 -5.02 8.76
CA ALA A 36 1.02 -4.61 7.67
C ALA A 36 1.49 -3.16 7.74
N GLN A 37 0.66 -2.20 8.16
CA GLN A 37 1.08 -0.82 8.43
C GLN A 37 2.38 -0.83 9.23
N SER A 38 2.37 -1.51 10.37
CA SER A 38 3.48 -1.53 11.29
C SER A 38 4.67 -2.31 10.68
N ILE A 39 4.39 -3.40 9.97
CA ILE A 39 5.41 -4.27 9.36
C ILE A 39 6.17 -3.51 8.26
N TYR A 40 5.44 -2.92 7.31
CA TYR A 40 5.97 -2.37 6.06
C TYR A 40 6.35 -0.89 6.22
N GLY A 41 5.88 -0.22 7.27
CA GLY A 41 6.21 1.17 7.56
C GLY A 41 5.26 2.12 6.82
N ILE A 42 4.07 1.65 6.48
CA ILE A 42 3.05 2.40 5.77
C ILE A 42 2.19 3.08 6.82
N PRO A 43 1.78 4.34 6.67
CA PRO A 43 0.73 4.91 7.50
C PRO A 43 -0.54 4.10 7.33
N HIS A 44 -1.29 3.87 8.41
CA HIS A 44 -2.57 3.19 8.29
C HIS A 44 -3.51 4.02 7.41
N SER A 45 -3.52 5.34 7.61
CA SER A 45 -4.31 6.31 6.88
C SER A 45 -4.14 6.14 5.38
N THR A 46 -2.90 5.90 4.93
CA THR A 46 -2.61 5.59 3.56
C THR A 46 -3.03 4.15 3.24
N LEU A 47 -2.58 3.16 4.01
CA LEU A 47 -2.76 1.76 3.71
C LEU A 47 -4.24 1.40 3.54
N GLU A 48 -5.13 1.90 4.40
CA GLU A 48 -6.58 1.74 4.28
C GLU A 48 -7.00 2.17 2.87
N TYR A 49 -6.85 3.46 2.55
CA TYR A 49 -7.19 4.04 1.26
C TYR A 49 -6.63 3.20 0.13
N LYS A 50 -5.35 2.89 0.19
CA LYS A 50 -4.63 2.24 -0.89
C LYS A 50 -5.12 0.81 -1.10
N VAL A 51 -5.33 0.02 -0.05
CA VAL A 51 -5.98 -1.29 -0.17
C VAL A 51 -7.34 -1.09 -0.85
N LYS A 52 -8.14 -0.17 -0.31
CA LYS A 52 -9.54 0.06 -0.68
C LYS A 52 -9.69 0.52 -2.12
N GLU A 53 -8.68 1.24 -2.61
CA GLU A 53 -8.49 1.64 -3.98
C GLU A 53 -8.16 0.43 -4.84
N ARG A 54 -7.07 -0.26 -4.49
CA ARG A 54 -6.52 -1.36 -5.27
C ARG A 54 -7.48 -2.55 -5.31
N LEU A 55 -8.45 -2.64 -4.40
CA LEU A 55 -9.61 -3.54 -4.45
C LEU A 55 -10.51 -3.28 -5.66
N GLY A 56 -10.28 -2.21 -6.43
CA GLY A 56 -10.80 -2.05 -7.78
C GLY A 56 -11.73 -0.85 -7.94
N THR A 57 -11.78 0.08 -6.99
CA THR A 57 -12.53 1.32 -7.17
C THR A 57 -11.90 2.23 -8.22
N LEU A 58 -10.64 1.96 -8.55
CA LEU A 58 -9.76 2.64 -9.50
C LEU A 58 -10.28 2.49 -10.94
N LYS A 59 -11.40 3.13 -11.23
CA LYS A 59 -12.12 2.99 -12.49
C LYS A 59 -11.51 3.90 -13.57
N ASN A 60 -10.19 3.82 -13.75
CA ASN A 60 -9.43 4.55 -14.77
C ASN A 60 -8.73 3.52 -15.66
N PRO A 61 -9.47 2.84 -16.55
CA PRO A 61 -8.89 1.80 -17.39
C PRO A 61 -7.94 2.36 -18.46
N PRO A 62 -7.23 1.48 -19.19
CA PRO A 62 -6.58 1.85 -20.45
C PRO A 62 -7.62 2.15 -21.52
N LYS A 63 -7.17 2.80 -22.62
CA LYS A 63 -8.00 3.34 -23.71
C LYS A 63 -9.26 4.05 -23.20
N LYS A 64 -9.13 4.76 -22.08
CA LYS A 64 -10.15 5.57 -21.46
C LYS A 64 -10.05 6.98 -22.04
N LYS A 65 -11.10 7.43 -22.74
CA LYS A 65 -11.17 8.83 -23.17
C LYS A 65 -11.12 9.76 -21.96
N MET A 66 -10.59 10.95 -22.19
CA MET A 66 -10.09 12.00 -21.28
C MET A 66 -8.61 12.17 -21.59
N LYS A 67 -7.83 11.07 -21.48
CA LYS A 67 -6.37 11.02 -21.57
C LYS A 67 -5.78 12.30 -20.96
N LEU A 68 -6.07 12.52 -19.69
CA LEU A 68 -5.51 13.59 -18.88
C LEU A 68 -5.67 13.16 -17.44
N MET A 69 -4.62 13.34 -16.64
CA MET A 69 -4.56 12.90 -15.25
C MET A 69 -3.63 13.88 -14.54
N ARG A 70 -4.05 14.40 -13.38
CA ARG A 70 -3.25 15.27 -12.53
C ARG A 70 -3.81 15.07 -11.15
N GLY A 1 5.38 10.01 23.38
CA GLY A 1 5.66 10.55 22.05
C GLY A 1 6.42 9.52 21.24
N SER A 2 7.66 9.82 20.86
CA SER A 2 8.55 8.90 20.16
C SER A 2 7.99 8.51 18.77
N SER A 3 8.71 7.63 18.07
CA SER A 3 8.74 7.55 16.62
C SER A 3 9.05 8.92 15.98
N GLY A 4 9.13 9.00 14.65
CA GLY A 4 9.27 10.26 13.94
C GLY A 4 9.31 10.01 12.44
N SER A 5 8.77 10.98 11.68
CA SER A 5 8.58 10.88 10.23
C SER A 5 8.48 12.29 9.64
N SER A 6 9.57 13.07 9.68
CA SER A 6 9.64 14.40 9.09
C SER A 6 10.94 14.57 8.31
N GLY A 7 11.14 15.75 7.71
CA GLY A 7 12.35 16.08 6.98
C GLY A 7 12.52 15.18 5.76
N ARG A 8 13.78 14.88 5.45
CA ARG A 8 14.18 13.92 4.44
C ARG A 8 15.07 12.89 5.10
N GLY A 9 15.35 11.78 4.43
CA GLY A 9 16.25 10.77 4.95
C GLY A 9 16.40 9.60 3.99
N ARG A 10 17.54 8.94 4.08
CA ARG A 10 17.75 7.57 3.62
C ARG A 10 16.99 6.65 4.57
N TYR A 11 16.53 5.49 4.09
CA TYR A 11 16.02 4.40 4.92
C TYR A 11 14.97 4.85 5.96
N ARG A 12 14.08 5.76 5.56
CA ARG A 12 13.05 6.33 6.43
C ARG A 12 11.67 5.94 5.92
N GLN A 13 11.36 6.24 4.66
CA GLN A 13 10.02 6.12 4.08
C GLN A 13 9.91 4.86 3.23
N TYR A 14 8.68 4.45 2.92
CA TYR A 14 8.41 3.34 2.02
C TYR A 14 8.61 3.79 0.57
N ASN A 15 8.97 2.86 -0.33
CA ASN A 15 8.97 3.14 -1.77
C ASN A 15 7.59 2.81 -2.33
N SER A 16 7.22 3.38 -3.48
CA SER A 16 6.01 2.97 -4.19
C SER A 16 5.98 1.46 -4.45
N GLU A 17 7.15 0.82 -4.51
CA GLU A 17 7.36 -0.62 -4.58
C GLU A 17 6.75 -1.32 -3.37
N ILE A 18 7.28 -0.99 -2.18
CA ILE A 18 6.94 -1.52 -0.85
C ILE A 18 5.45 -1.43 -0.61
N LEU A 19 4.84 -0.33 -1.04
CA LEU A 19 3.43 -0.11 -0.78
C LEU A 19 2.60 -1.21 -1.47
N GLU A 20 2.98 -1.64 -2.69
CA GLU A 20 2.26 -2.71 -3.39
C GLU A 20 2.31 -4.01 -2.60
N GLU A 21 3.41 -4.24 -1.87
CA GLU A 21 3.69 -5.41 -1.07
C GLU A 21 2.76 -5.45 0.13
N ALA A 22 2.78 -4.38 0.93
CA ALA A 22 1.95 -4.21 2.11
C ALA A 22 0.46 -4.17 1.77
N ILE A 23 0.14 -3.96 0.50
CA ILE A 23 -1.23 -4.12 0.00
C ILE A 23 -1.46 -5.60 -0.29
N SER A 24 -0.58 -6.22 -1.07
CA SER A 24 -0.62 -7.65 -1.39
C SER A 24 -0.84 -8.52 -0.16
N VAL A 25 -0.10 -8.34 0.95
CA VAL A 25 -0.34 -9.10 2.18
C VAL A 25 -1.81 -9.01 2.59
N VAL A 26 -2.32 -7.81 2.84
CA VAL A 26 -3.68 -7.55 3.28
C VAL A 26 -4.71 -8.09 2.28
N MET A 27 -4.50 -7.90 0.98
CA MET A 27 -5.36 -8.44 -0.07
C MET A 27 -5.42 -9.97 0.00
N SER A 28 -4.26 -10.62 0.02
CA SER A 28 -4.08 -12.04 0.29
C SER A 28 -4.41 -12.44 1.74
N GLY A 29 -5.02 -11.56 2.54
CA GLY A 29 -5.54 -11.90 3.86
C GLY A 29 -4.45 -12.21 4.88
N LYS A 30 -3.18 -11.91 4.57
CA LYS A 30 -2.04 -12.30 5.39
C LYS A 30 -2.11 -11.63 6.74
N MET A 31 -2.72 -10.46 6.80
CA MET A 31 -2.88 -9.68 8.01
C MET A 31 -3.91 -8.57 7.80
N SER A 32 -4.21 -7.85 8.88
CA SER A 32 -5.06 -6.68 8.86
C SER A 32 -4.23 -5.44 8.52
N VAL A 33 -4.89 -4.31 8.28
CA VAL A 33 -4.27 -3.05 7.91
C VAL A 33 -3.28 -2.60 8.98
N SER A 34 -3.69 -2.52 10.26
CA SER A 34 -2.78 -2.06 11.31
C SER A 34 -1.56 -2.96 11.45
N LYS A 35 -1.74 -4.25 11.20
CA LYS A 35 -0.67 -5.22 11.22
C LYS A 35 0.33 -4.89 10.13
N ALA A 36 -0.01 -5.07 8.85
CA ALA A 36 0.86 -4.72 7.71
C ALA A 36 1.42 -3.31 7.78
N GLN A 37 0.64 -2.29 8.15
CA GLN A 37 1.13 -0.96 8.41
C GLN A 37 2.42 -1.05 9.23
N SER A 38 2.34 -1.71 10.38
CA SER A 38 3.46 -1.76 11.31
C SER A 38 4.55 -2.74 10.84
N ILE A 39 4.30 -3.58 9.82
CA ILE A 39 5.29 -4.50 9.25
C ILE A 39 6.09 -3.78 8.16
N TYR A 40 5.44 -2.95 7.35
CA TYR A 40 5.98 -2.36 6.13
C TYR A 40 6.36 -0.90 6.29
N GLY A 41 5.90 -0.24 7.36
CA GLY A 41 6.29 1.13 7.71
C GLY A 41 5.31 2.16 7.14
N ILE A 42 4.13 1.74 6.71
CA ILE A 42 3.17 2.56 5.99
C ILE A 42 2.29 3.22 7.07
N PRO A 43 1.68 4.39 6.84
CA PRO A 43 0.57 4.85 7.68
C PRO A 43 -0.62 3.89 7.56
N HIS A 44 -1.40 3.72 8.63
CA HIS A 44 -2.61 2.91 8.57
C HIS A 44 -3.60 3.56 7.62
N SER A 45 -3.86 4.85 7.79
CA SER A 45 -4.88 5.59 7.05
C SER A 45 -4.59 5.53 5.55
N THR A 46 -3.33 5.72 5.16
CA THR A 46 -2.88 5.64 3.78
C THR A 46 -3.00 4.20 3.28
N LEU A 47 -2.48 3.20 4.01
CA LEU A 47 -2.56 1.79 3.65
C LEU A 47 -4.01 1.42 3.38
N GLU A 48 -4.92 1.76 4.31
CA GLU A 48 -6.34 1.49 4.21
C GLU A 48 -6.80 2.00 2.84
N TYR A 49 -6.70 3.31 2.60
CA TYR A 49 -7.11 3.95 1.35
C TYR A 49 -6.56 3.20 0.14
N LYS A 50 -5.25 2.96 0.11
CA LYS A 50 -4.51 2.43 -1.02
C LYS A 50 -4.93 0.99 -1.32
N VAL A 51 -5.20 0.16 -0.31
CA VAL A 51 -5.84 -1.14 -0.47
C VAL A 51 -7.24 -0.92 -1.06
N LYS A 52 -8.05 -0.08 -0.41
CA LYS A 52 -9.48 0.13 -0.65
C LYS A 52 -9.80 0.79 -1.97
N GLU A 53 -8.77 1.28 -2.64
CA GLU A 53 -8.63 1.73 -4.01
C GLU A 53 -8.34 0.51 -4.90
N ARG A 54 -7.22 -0.17 -4.64
CA ARG A 54 -6.77 -1.25 -5.52
C ARG A 54 -7.74 -2.44 -5.54
N LEU A 55 -8.61 -2.58 -4.54
CA LEU A 55 -9.60 -3.64 -4.40
C LEU A 55 -10.64 -3.68 -5.54
N GLY A 56 -10.62 -2.75 -6.50
CA GLY A 56 -11.47 -2.79 -7.70
C GLY A 56 -12.36 -1.56 -7.84
N THR A 57 -12.31 -0.65 -6.87
CA THR A 57 -13.07 0.59 -6.81
C THR A 57 -12.49 1.65 -7.75
N LEU A 58 -11.18 1.58 -8.02
CA LEU A 58 -10.48 2.42 -8.98
C LEU A 58 -11.12 2.31 -10.35
N LYS A 59 -11.34 1.09 -10.84
CA LYS A 59 -11.74 0.81 -12.23
C LYS A 59 -10.83 1.56 -13.21
N ASN A 60 -11.31 1.78 -14.45
CA ASN A 60 -10.68 2.49 -15.57
C ASN A 60 -9.16 2.70 -15.40
N PRO A 61 -8.35 1.64 -15.43
CA PRO A 61 -6.93 1.71 -15.07
C PRO A 61 -6.18 2.54 -16.11
N PRO A 62 -5.62 3.72 -15.76
CA PRO A 62 -4.91 4.57 -16.72
C PRO A 62 -3.61 3.91 -17.20
N LYS A 63 -3.05 4.37 -18.31
CA LYS A 63 -1.79 3.86 -18.88
C LYS A 63 -0.76 4.96 -18.93
N LYS A 64 0.01 5.08 -17.84
CA LYS A 64 1.07 6.06 -17.72
C LYS A 64 1.98 5.63 -16.58
N LYS A 65 2.91 4.71 -16.85
CA LYS A 65 3.91 4.34 -15.84
C LYS A 65 4.70 5.58 -15.42
N MET A 66 5.21 5.55 -14.19
CA MET A 66 6.16 6.51 -13.63
C MET A 66 7.57 5.92 -13.67
N LYS A 67 8.58 6.71 -13.31
CA LYS A 67 9.84 6.20 -12.79
C LYS A 67 10.06 6.80 -11.41
N LEU A 68 10.10 8.13 -11.27
CA LEU A 68 10.14 8.84 -9.98
C LEU A 68 9.73 10.30 -10.21
N MET A 69 8.75 10.81 -9.46
CA MET A 69 8.44 12.24 -9.42
C MET A 69 9.65 12.98 -8.83
N ARG A 70 9.96 14.19 -9.30
CA ARG A 70 10.99 15.02 -8.68
C ARG A 70 10.53 15.50 -7.31
N GLY A 1 24.28 14.28 -2.23
CA GLY A 1 25.48 15.06 -1.85
C GLY A 1 26.68 14.13 -1.71
N SER A 2 27.83 14.72 -1.34
CA SER A 2 29.10 14.03 -1.20
C SER A 2 28.98 12.78 -0.32
N SER A 3 28.31 12.88 0.83
CA SER A 3 28.11 11.78 1.78
C SER A 3 26.84 12.06 2.60
N GLY A 4 26.40 11.10 3.42
CA GLY A 4 25.23 11.23 4.27
C GLY A 4 25.06 9.98 5.14
N SER A 5 23.81 9.57 5.39
CA SER A 5 23.43 8.50 6.32
C SER A 5 23.99 8.71 7.73
N SER A 6 23.27 9.49 8.54
CA SER A 6 23.54 9.65 9.97
C SER A 6 23.26 8.38 10.79
N GLY A 7 22.51 7.41 10.25
CA GLY A 7 22.07 6.24 11.01
C GLY A 7 21.62 5.12 10.10
N ARG A 8 20.90 4.14 10.65
CA ARG A 8 20.48 2.89 10.00
C ARG A 8 19.53 3.16 8.83
N GLY A 9 19.43 2.23 7.88
CA GLY A 9 18.22 2.02 7.09
C GLY A 9 18.33 2.37 5.61
N ARG A 10 19.29 3.20 5.19
CA ARG A 10 19.52 3.76 3.84
C ARG A 10 18.38 4.66 3.34
N TYR A 11 17.15 4.43 3.76
CA TYR A 11 15.96 5.14 3.30
C TYR A 11 15.40 5.99 4.45
N ARG A 12 14.40 6.81 4.13
CA ARG A 12 13.26 7.06 5.00
C ARG A 12 12.01 6.83 4.16
N GLN A 13 10.87 6.73 4.85
CA GLN A 13 9.61 6.22 4.32
C GLN A 13 9.76 4.82 3.70
N TYR A 14 8.63 4.24 3.32
CA TYR A 14 8.57 3.13 2.38
C TYR A 14 8.90 3.68 0.98
N ASN A 15 8.94 2.78 -0.01
CA ASN A 15 9.07 3.05 -1.44
C ASN A 15 7.83 2.44 -2.12
N SER A 16 7.47 2.88 -3.33
CA SER A 16 6.27 2.44 -4.04
C SER A 16 6.11 0.92 -4.08
N GLU A 17 7.23 0.22 -4.17
CA GLU A 17 7.35 -1.23 -4.13
C GLU A 17 6.72 -1.74 -2.84
N ILE A 18 7.33 -1.35 -1.71
CA ILE A 18 6.94 -1.70 -0.37
C ILE A 18 5.46 -1.39 -0.13
N LEU A 19 4.95 -0.30 -0.71
CA LEU A 19 3.54 0.03 -0.58
C LEU A 19 2.68 -1.03 -1.26
N GLU A 20 2.93 -1.34 -2.53
CA GLU A 20 2.21 -2.39 -3.24
C GLU A 20 2.34 -3.73 -2.52
N GLU A 21 3.52 -4.06 -2.03
CA GLU A 21 3.79 -5.23 -1.21
C GLU A 21 2.81 -5.31 -0.03
N ALA A 22 2.81 -4.27 0.82
CA ALA A 22 2.04 -4.20 2.07
C ALA A 22 0.53 -4.14 1.82
N ILE A 23 0.13 -3.82 0.61
CA ILE A 23 -1.27 -3.87 0.22
C ILE A 23 -1.57 -5.32 -0.14
N SER A 24 -0.74 -5.91 -1.00
CA SER A 24 -0.87 -7.26 -1.51
C SER A 24 -1.00 -8.29 -0.37
N VAL A 25 -0.22 -8.19 0.71
CA VAL A 25 -0.34 -9.05 1.89
C VAL A 25 -1.78 -9.01 2.44
N VAL A 26 -2.27 -7.83 2.79
CA VAL A 26 -3.61 -7.56 3.31
C VAL A 26 -4.68 -8.09 2.35
N MET A 27 -4.54 -7.89 1.05
CA MET A 27 -5.52 -8.35 0.07
C MET A 27 -5.60 -9.87 0.03
N SER A 28 -4.45 -10.53 -0.04
CA SER A 28 -4.36 -11.98 0.09
C SER A 28 -4.66 -12.47 1.52
N GLY A 29 -5.01 -11.58 2.46
CA GLY A 29 -5.44 -11.94 3.80
C GLY A 29 -4.28 -12.38 4.69
N LYS A 30 -3.02 -12.08 4.33
CA LYS A 30 -1.85 -12.51 5.11
C LYS A 30 -1.85 -11.84 6.48
N MET A 31 -2.44 -10.65 6.57
CA MET A 31 -2.62 -9.88 7.77
C MET A 31 -3.80 -8.93 7.56
N SER A 32 -3.91 -7.91 8.40
CA SER A 32 -4.88 -6.82 8.31
C SER A 32 -4.13 -5.49 8.23
N VAL A 33 -4.85 -4.39 8.01
CA VAL A 33 -4.31 -3.05 7.74
C VAL A 33 -3.32 -2.66 8.84
N SER A 34 -3.73 -2.69 10.11
CA SER A 34 -2.91 -2.18 11.20
C SER A 34 -1.61 -2.99 11.34
N LYS A 35 -1.70 -4.30 11.08
CA LYS A 35 -0.55 -5.18 11.09
C LYS A 35 0.41 -4.74 9.98
N ALA A 36 0.08 -4.97 8.71
CA ALA A 36 0.97 -4.63 7.61
C ALA A 36 1.47 -3.19 7.64
N GLN A 37 0.65 -2.22 8.03
CA GLN A 37 1.08 -0.84 8.28
C GLN A 37 2.38 -0.88 9.08
N SER A 38 2.32 -1.46 10.28
CA SER A 38 3.44 -1.47 11.19
C SER A 38 4.59 -2.27 10.61
N ILE A 39 4.30 -3.40 9.95
CA ILE A 39 5.29 -4.31 9.39
C ILE A 39 6.11 -3.62 8.30
N TYR A 40 5.44 -2.92 7.39
CA TYR A 40 6.01 -2.41 6.15
C TYR A 40 6.43 -0.95 6.29
N GLY A 41 5.96 -0.24 7.31
CA GLY A 41 6.32 1.15 7.61
C GLY A 41 5.32 2.15 7.03
N ILE A 42 4.15 1.69 6.61
CA ILE A 42 3.18 2.47 5.86
C ILE A 42 2.25 3.15 6.87
N PRO A 43 1.85 4.42 6.71
CA PRO A 43 0.82 5.00 7.56
C PRO A 43 -0.51 4.27 7.39
N HIS A 44 -1.23 4.05 8.50
CA HIS A 44 -2.45 3.24 8.51
C HIS A 44 -3.48 3.83 7.57
N SER A 45 -3.84 5.11 7.72
CA SER A 45 -4.91 5.72 6.94
C SER A 45 -4.59 5.66 5.44
N THR A 46 -3.32 5.86 5.06
CA THR A 46 -2.86 5.72 3.68
C THR A 46 -3.03 4.28 3.22
N LEU A 47 -2.48 3.29 3.94
CA LEU A 47 -2.61 1.88 3.61
C LEU A 47 -4.07 1.51 3.42
N GLU A 48 -4.93 1.88 4.37
CA GLU A 48 -6.34 1.61 4.40
C GLU A 48 -6.97 2.06 3.06
N TYR A 49 -6.83 3.35 2.74
CA TYR A 49 -7.25 3.92 1.45
C TYR A 49 -6.71 3.10 0.27
N LYS A 50 -5.41 2.84 0.26
CA LYS A 50 -4.72 2.28 -0.90
C LYS A 50 -5.13 0.84 -1.17
N VAL A 51 -5.41 0.06 -0.11
CA VAL A 51 -6.10 -1.22 -0.17
C VAL A 51 -7.48 -1.00 -0.81
N LYS A 52 -8.30 -0.12 -0.22
CA LYS A 52 -9.69 0.11 -0.62
C LYS A 52 -9.82 0.58 -2.05
N GLU A 53 -8.79 1.23 -2.57
CA GLU A 53 -8.60 1.58 -3.95
C GLU A 53 -8.46 0.29 -4.78
N ARG A 54 -7.30 -0.40 -4.68
CA ARG A 54 -6.98 -1.49 -5.60
C ARG A 54 -7.94 -2.66 -5.45
N LEU A 55 -8.70 -2.72 -4.37
CA LEU A 55 -9.78 -3.67 -4.12
C LEU A 55 -10.74 -3.78 -5.30
N GLY A 56 -10.88 -2.72 -6.10
CA GLY A 56 -11.73 -2.70 -7.28
C GLY A 56 -12.83 -1.65 -7.18
N THR A 57 -12.72 -0.73 -6.21
CA THR A 57 -13.61 0.42 -6.11
C THR A 57 -13.37 1.37 -7.29
N LEU A 58 -12.13 1.38 -7.77
CA LEU A 58 -11.63 2.10 -8.92
C LEU A 58 -12.50 1.74 -10.12
N LYS A 59 -12.75 2.70 -11.01
CA LYS A 59 -13.56 2.54 -12.23
C LYS A 59 -12.82 1.67 -13.25
N ASN A 60 -12.56 0.40 -12.91
CA ASN A 60 -11.72 -0.52 -13.65
C ASN A 60 -12.54 -1.77 -14.02
N PRO A 61 -13.64 -1.64 -14.78
CA PRO A 61 -14.48 -2.77 -15.16
C PRO A 61 -13.76 -3.70 -16.14
N PRO A 62 -14.32 -4.90 -16.38
CA PRO A 62 -13.78 -5.84 -17.35
C PRO A 62 -13.93 -5.33 -18.80
N LYS A 63 -13.43 -6.12 -19.75
CA LYS A 63 -13.54 -5.86 -21.20
C LYS A 63 -12.84 -4.55 -21.57
N LYS A 64 -11.69 -4.29 -20.94
CA LYS A 64 -10.83 -3.14 -21.18
C LYS A 64 -9.44 -3.54 -20.72
N LYS A 65 -8.39 -2.87 -21.23
CA LYS A 65 -6.97 -3.03 -20.83
C LYS A 65 -6.45 -4.46 -20.94
N MET A 66 -5.15 -4.66 -20.71
CA MET A 66 -4.60 -5.97 -20.43
C MET A 66 -4.60 -6.16 -18.91
N LYS A 67 -5.50 -7.00 -18.39
CA LYS A 67 -5.26 -7.65 -17.10
C LYS A 67 -4.15 -8.68 -17.32
N LEU A 68 -3.54 -9.20 -16.24
CA LEU A 68 -2.42 -10.13 -16.24
C LEU A 68 -1.14 -9.45 -16.71
N MET A 69 -0.02 -10.15 -16.61
CA MET A 69 1.23 -9.82 -17.29
C MET A 69 1.67 -10.97 -18.20
N ARG A 70 1.20 -12.18 -17.94
CA ARG A 70 1.35 -13.37 -18.76
C ARG A 70 -0.04 -13.95 -18.89
#